data_8D02
# 
_entry.id   8D02 
# 
_audit_conform.dict_name       mmcif_pdbx.dic 
_audit_conform.dict_version    5.389 
_audit_conform.dict_location   http://mmcif.pdb.org/dictionaries/ascii/mmcif_pdbx.dic 
# 
loop_
_database_2.database_id 
_database_2.database_code 
_database_2.pdbx_database_accession 
_database_2.pdbx_DOI 
PDB   8D02         pdb_00008d02 10.2210/pdb8d02/pdb 
WWPDB D_1000263664 ?            ?                   
# 
loop_
_pdbx_audit_revision_history.ordinal 
_pdbx_audit_revision_history.data_content_type 
_pdbx_audit_revision_history.major_revision 
_pdbx_audit_revision_history.minor_revision 
_pdbx_audit_revision_history.revision_date 
1 'Structure model' 1 0 2023-05-24 
2 'Structure model' 1 1 2023-07-12 
3 'Structure model' 1 2 2023-09-13 
4 'Structure model' 1 3 2024-04-03 
# 
_pdbx_audit_revision_details.ordinal             1 
_pdbx_audit_revision_details.revision_ordinal    1 
_pdbx_audit_revision_details.data_content_type   'Structure model' 
_pdbx_audit_revision_details.provider            repository 
_pdbx_audit_revision_details.type                'Initial release' 
_pdbx_audit_revision_details.description         ? 
_pdbx_audit_revision_details.details             ? 
# 
loop_
_pdbx_audit_revision_group.ordinal 
_pdbx_audit_revision_group.revision_ordinal 
_pdbx_audit_revision_group.data_content_type 
_pdbx_audit_revision_group.group 
1 2 'Structure model' 'Database references'    
2 2 'Structure model' 'Derived calculations'   
3 3 'Structure model' 'Data collection'        
4 3 'Structure model' 'Database references'    
5 4 'Structure model' 'Refinement description' 
# 
loop_
_pdbx_audit_revision_category.ordinal 
_pdbx_audit_revision_category.revision_ordinal 
_pdbx_audit_revision_category.data_content_type 
_pdbx_audit_revision_category.category 
1 2 'Structure model' citation                      
2 2 'Structure model' citation_author               
3 2 'Structure model' pdbx_struct_assembly          
4 3 'Structure model' chem_comp_atom                
5 3 'Structure model' chem_comp_bond                
6 3 'Structure model' citation                      
7 4 'Structure model' pdbx_initial_refinement_model 
# 
loop_
_pdbx_audit_revision_item.ordinal 
_pdbx_audit_revision_item.revision_ordinal 
_pdbx_audit_revision_item.data_content_type 
_pdbx_audit_revision_item.item 
1 2 'Structure model' '_citation.page_first'              
2 2 'Structure model' '_citation.page_last'               
3 2 'Structure model' '_citation.pdbx_database_id_DOI'    
4 2 'Structure model' '_citation.pdbx_database_id_PubMed' 
5 2 'Structure model' '_citation.title'                   
6 2 'Structure model' '_citation_author.identifier_ORCID' 
7 2 'Structure model' '_citation_author.name'             
8 2 'Structure model' '_pdbx_struct_assembly.details'     
9 3 'Structure model' '_citation.journal_volume'          
# 
_pdbx_database_status.status_code                     REL 
_pdbx_database_status.status_code_sf                  REL 
_pdbx_database_status.status_code_mr                  ? 
_pdbx_database_status.entry_id                        8D02 
_pdbx_database_status.recvd_initial_deposition_date   2022-05-25 
_pdbx_database_status.SG_entry                        N 
_pdbx_database_status.deposit_site                    RCSB 
_pdbx_database_status.process_site                    RCSB 
_pdbx_database_status.status_code_cs                  ? 
_pdbx_database_status.status_code_nmr_data            ? 
_pdbx_database_status.methods_development_category    ? 
_pdbx_database_status.pdb_format_compatible           Y 
# 
_pdbx_contact_author.id                 2 
_pdbx_contact_author.email              chuckt@uab.edu 
_pdbx_contact_author.name_first         Charles 
_pdbx_contact_author.name_last          Turnbough 
_pdbx_contact_author.name_mi            L. 
_pdbx_contact_author.role               'principal investigator/group leader' 
_pdbx_contact_author.identifier_ORCID   0000-0003-2471-502X 
# 
loop_
_audit_author.name 
_audit_author.pdbx_ordinal 
_audit_author.identifier_ORCID 
'Chattopadhyay, D.' 1 0000-0001-5262-9140 
'Turnbough, C.L.'   2 ?                   
# 
_citation.abstract                  ? 
_citation.abstract_id_CAS           ? 
_citation.book_id_ISBN              ? 
_citation.book_publisher            ? 
_citation.book_publisher_city       ? 
_citation.book_title                ? 
_citation.coordinate_linkage        ? 
_citation.country                   US 
_citation.database_id_Medline       ? 
_citation.details                   ? 
_citation.id                        primary 
_citation.journal_abbrev            Mbio 
_citation.journal_id_ASTM           ? 
_citation.journal_id_CSD            ? 
_citation.journal_id_ISSN           2150-7511 
_citation.journal_full              ? 
_citation.journal_issue             ? 
_citation.journal_volume            14 
_citation.language                  ? 
_citation.page_first                e0117223 
_citation.page_last                 e0117223 
_citation.title                     
;Crystal structure and induced stability of trimeric BxpB: implications for the assembly of BxpB-BclA complexes in the exosporium of Bacillus anthracis.
;
_citation.year                      2023 
_citation.database_id_CSD           ? 
_citation.pdbx_database_id_DOI      10.1128/mbio.01172-23 
_citation.pdbx_database_id_PubMed   37382447 
_citation.pdbx_database_id_patent   ? 
_citation.unpublished_flag          ? 
# 
loop_
_citation_author.citation_id 
_citation_author.name 
_citation_author.ordinal 
_citation_author.identifier_ORCID 
primary 'Chattopadhyay, D.'   1 ?                   
primary 'Walker, D.R.'        2 ?                   
primary 'Rich-New, S.T.'      3 ?                   
primary 'Kearney, J.F.'       4 ?                   
primary 'Turnbough Jr., C.L.' 5 0000-0003-2471-502X 
# 
loop_
_entity.id 
_entity.type 
_entity.src_method 
_entity.pdbx_description 
_entity.formula_weight 
_entity.pdbx_number_of_molecules 
_entity.pdbx_ec 
_entity.pdbx_mutation 
_entity.pdbx_fragment 
_entity.details 
1 polymer     man BxpB          17338.791 1  ? ? ? ? 
2 non-polymer syn 'CALCIUM ION' 40.078    1  ? ? ? ? 
3 water       nat water         18.015    80 ? ? ? ? 
# 
_entity_name_com.entity_id   1 
_entity_name_com.name        'Exosporium protein' 
# 
_entity_poly.entity_id                      1 
_entity_poly.type                           'polypeptide(L)' 
_entity_poly.nstd_linkage                   no 
_entity_poly.nstd_monomer                   no 
_entity_poly.pdbx_seq_one_letter_code       
;MFSSDCEFTKIDCEAKPASTLPAFGFAFNASAPQFASLFTPLLLPSVSPNPNITVPVINDTVSVGDGIRILRAGIYQISY
TLTISLDNSPVAPEAGRFFLSLGTPANIIPGSGTAVRSNVIGTGEVDVSSGVILINLNPGDLIRIVPVELIGTVDIRAAA
LTVAQIS
;
_entity_poly.pdbx_seq_one_letter_code_can   
;MFSSDCEFTKIDCEAKPASTLPAFGFAFNASAPQFASLFTPLLLPSVSPNPNITVPVINDTVSVGDGIRILRAGIYQISY
TLTISLDNSPVAPEAGRFFLSLGTPANIIPGSGTAVRSNVIGTGEVDVSSGVILINLNPGDLIRIVPVELIGTVDIRAAA
LTVAQIS
;
_entity_poly.pdbx_strand_id                 A 
_entity_poly.pdbx_target_identifier         ? 
# 
loop_
_pdbx_entity_nonpoly.entity_id 
_pdbx_entity_nonpoly.name 
_pdbx_entity_nonpoly.comp_id 
2 'CALCIUM ION' CA  
3 water         HOH 
# 
loop_
_entity_poly_seq.entity_id 
_entity_poly_seq.num 
_entity_poly_seq.mon_id 
_entity_poly_seq.hetero 
1 1   MET n 
1 2   PHE n 
1 3   SER n 
1 4   SER n 
1 5   ASP n 
1 6   CYS n 
1 7   GLU n 
1 8   PHE n 
1 9   THR n 
1 10  LYS n 
1 11  ILE n 
1 12  ASP n 
1 13  CYS n 
1 14  GLU n 
1 15  ALA n 
1 16  LYS n 
1 17  PRO n 
1 18  ALA n 
1 19  SER n 
1 20  THR n 
1 21  LEU n 
1 22  PRO n 
1 23  ALA n 
1 24  PHE n 
1 25  GLY n 
1 26  PHE n 
1 27  ALA n 
1 28  PHE n 
1 29  ASN n 
1 30  ALA n 
1 31  SER n 
1 32  ALA n 
1 33  PRO n 
1 34  GLN n 
1 35  PHE n 
1 36  ALA n 
1 37  SER n 
1 38  LEU n 
1 39  PHE n 
1 40  THR n 
1 41  PRO n 
1 42  LEU n 
1 43  LEU n 
1 44  LEU n 
1 45  PRO n 
1 46  SER n 
1 47  VAL n 
1 48  SER n 
1 49  PRO n 
1 50  ASN n 
1 51  PRO n 
1 52  ASN n 
1 53  ILE n 
1 54  THR n 
1 55  VAL n 
1 56  PRO n 
1 57  VAL n 
1 58  ILE n 
1 59  ASN n 
1 60  ASP n 
1 61  THR n 
1 62  VAL n 
1 63  SER n 
1 64  VAL n 
1 65  GLY n 
1 66  ASP n 
1 67  GLY n 
1 68  ILE n 
1 69  ARG n 
1 70  ILE n 
1 71  LEU n 
1 72  ARG n 
1 73  ALA n 
1 74  GLY n 
1 75  ILE n 
1 76  TYR n 
1 77  GLN n 
1 78  ILE n 
1 79  SER n 
1 80  TYR n 
1 81  THR n 
1 82  LEU n 
1 83  THR n 
1 84  ILE n 
1 85  SER n 
1 86  LEU n 
1 87  ASP n 
1 88  ASN n 
1 89  SER n 
1 90  PRO n 
1 91  VAL n 
1 92  ALA n 
1 93  PRO n 
1 94  GLU n 
1 95  ALA n 
1 96  GLY n 
1 97  ARG n 
1 98  PHE n 
1 99  PHE n 
1 100 LEU n 
1 101 SER n 
1 102 LEU n 
1 103 GLY n 
1 104 THR n 
1 105 PRO n 
1 106 ALA n 
1 107 ASN n 
1 108 ILE n 
1 109 ILE n 
1 110 PRO n 
1 111 GLY n 
1 112 SER n 
1 113 GLY n 
1 114 THR n 
1 115 ALA n 
1 116 VAL n 
1 117 ARG n 
1 118 SER n 
1 119 ASN n 
1 120 VAL n 
1 121 ILE n 
1 122 GLY n 
1 123 THR n 
1 124 GLY n 
1 125 GLU n 
1 126 VAL n 
1 127 ASP n 
1 128 VAL n 
1 129 SER n 
1 130 SER n 
1 131 GLY n 
1 132 VAL n 
1 133 ILE n 
1 134 LEU n 
1 135 ILE n 
1 136 ASN n 
1 137 LEU n 
1 138 ASN n 
1 139 PRO n 
1 140 GLY n 
1 141 ASP n 
1 142 LEU n 
1 143 ILE n 
1 144 ARG n 
1 145 ILE n 
1 146 VAL n 
1 147 PRO n 
1 148 VAL n 
1 149 GLU n 
1 150 LEU n 
1 151 ILE n 
1 152 GLY n 
1 153 THR n 
1 154 VAL n 
1 155 ASP n 
1 156 ILE n 
1 157 ARG n 
1 158 ALA n 
1 159 ALA n 
1 160 ALA n 
1 161 LEU n 
1 162 THR n 
1 163 VAL n 
1 164 ALA n 
1 165 GLN n 
1 166 ILE n 
1 167 SER n 
# 
_entity_src_gen.entity_id                          1 
_entity_src_gen.pdbx_src_id                        1 
_entity_src_gen.pdbx_alt_source_flag               sample 
_entity_src_gen.pdbx_seq_type                      'Biological sequence' 
_entity_src_gen.pdbx_beg_seq_num                   1 
_entity_src_gen.pdbx_end_seq_num                   167 
_entity_src_gen.gene_src_common_name               ? 
_entity_src_gen.gene_src_genus                     ? 
_entity_src_gen.pdbx_gene_src_gene                 'bxpB, GBAA_1237' 
_entity_src_gen.gene_src_species                   ? 
_entity_src_gen.gene_src_strain                    ? 
_entity_src_gen.gene_src_tissue                    ? 
_entity_src_gen.gene_src_tissue_fraction           ? 
_entity_src_gen.gene_src_details                   ? 
_entity_src_gen.pdbx_gene_src_fragment             ? 
_entity_src_gen.pdbx_gene_src_scientific_name      'Bacillus anthracis' 
_entity_src_gen.pdbx_gene_src_ncbi_taxonomy_id     1392 
_entity_src_gen.pdbx_gene_src_variant              ? 
_entity_src_gen.pdbx_gene_src_cell_line            ? 
_entity_src_gen.pdbx_gene_src_atcc                 ? 
_entity_src_gen.pdbx_gene_src_organ                ? 
_entity_src_gen.pdbx_gene_src_organelle            ? 
_entity_src_gen.pdbx_gene_src_cell                 ? 
_entity_src_gen.pdbx_gene_src_cellular_location    ? 
_entity_src_gen.host_org_common_name               ? 
_entity_src_gen.pdbx_host_org_scientific_name      'Escherichia coli' 
_entity_src_gen.pdbx_host_org_ncbi_taxonomy_id     562 
_entity_src_gen.host_org_genus                     ? 
_entity_src_gen.pdbx_host_org_gene                 ? 
_entity_src_gen.pdbx_host_org_organ                ? 
_entity_src_gen.host_org_species                   ? 
_entity_src_gen.pdbx_host_org_tissue               ? 
_entity_src_gen.pdbx_host_org_tissue_fraction      ? 
_entity_src_gen.pdbx_host_org_strain               ? 
_entity_src_gen.pdbx_host_org_variant              ? 
_entity_src_gen.pdbx_host_org_cell_line            ? 
_entity_src_gen.pdbx_host_org_atcc                 ? 
_entity_src_gen.pdbx_host_org_culture_collection   ? 
_entity_src_gen.pdbx_host_org_cell                 ? 
_entity_src_gen.pdbx_host_org_organelle            ? 
_entity_src_gen.pdbx_host_org_cellular_location    ? 
_entity_src_gen.pdbx_host_org_vector_type          ? 
_entity_src_gen.pdbx_host_org_vector               ? 
_entity_src_gen.host_org_details                   ? 
_entity_src_gen.expression_system_id               ? 
_entity_src_gen.plasmid_name                       ? 
_entity_src_gen.plasmid_details                    ? 
_entity_src_gen.pdbx_description                   ? 
# 
loop_
_chem_comp.id 
_chem_comp.type 
_chem_comp.mon_nstd_flag 
_chem_comp.name 
_chem_comp.pdbx_synonyms 
_chem_comp.formula 
_chem_comp.formula_weight 
ALA 'L-peptide linking' y ALANINE         ? 'C3 H7 N O2'     89.093  
ARG 'L-peptide linking' y ARGININE        ? 'C6 H15 N4 O2 1' 175.209 
ASN 'L-peptide linking' y ASPARAGINE      ? 'C4 H8 N2 O3'    132.118 
ASP 'L-peptide linking' y 'ASPARTIC ACID' ? 'C4 H7 N O4'     133.103 
CA  non-polymer         . 'CALCIUM ION'   ? 'Ca 2'           40.078  
CYS 'L-peptide linking' y CYSTEINE        ? 'C3 H7 N O2 S'   121.158 
GLN 'L-peptide linking' y GLUTAMINE       ? 'C5 H10 N2 O3'   146.144 
GLU 'L-peptide linking' y 'GLUTAMIC ACID' ? 'C5 H9 N O4'     147.129 
GLY 'peptide linking'   y GLYCINE         ? 'C2 H5 N O2'     75.067  
HOH non-polymer         . WATER           ? 'H2 O'           18.015  
ILE 'L-peptide linking' y ISOLEUCINE      ? 'C6 H13 N O2'    131.173 
LEU 'L-peptide linking' y LEUCINE         ? 'C6 H13 N O2'    131.173 
LYS 'L-peptide linking' y LYSINE          ? 'C6 H15 N2 O2 1' 147.195 
MET 'L-peptide linking' y METHIONINE      ? 'C5 H11 N O2 S'  149.211 
PHE 'L-peptide linking' y PHENYLALANINE   ? 'C9 H11 N O2'    165.189 
PRO 'L-peptide linking' y PROLINE         ? 'C5 H9 N O2'     115.130 
SER 'L-peptide linking' y SERINE          ? 'C3 H7 N O3'     105.093 
THR 'L-peptide linking' y THREONINE       ? 'C4 H9 N O3'     119.119 
TYR 'L-peptide linking' y TYROSINE        ? 'C9 H11 N O3'    181.189 
VAL 'L-peptide linking' y VALINE          ? 'C5 H11 N O2'    117.146 
# 
loop_
_pdbx_poly_seq_scheme.asym_id 
_pdbx_poly_seq_scheme.entity_id 
_pdbx_poly_seq_scheme.seq_id 
_pdbx_poly_seq_scheme.mon_id 
_pdbx_poly_seq_scheme.ndb_seq_num 
_pdbx_poly_seq_scheme.pdb_seq_num 
_pdbx_poly_seq_scheme.auth_seq_num 
_pdbx_poly_seq_scheme.pdb_mon_id 
_pdbx_poly_seq_scheme.auth_mon_id 
_pdbx_poly_seq_scheme.pdb_strand_id 
_pdbx_poly_seq_scheme.pdb_ins_code 
_pdbx_poly_seq_scheme.hetero 
A 1 1   MET 1   1   ?   ?   ?   A . n 
A 1 2   PHE 2   2   ?   ?   ?   A . n 
A 1 3   SER 3   3   ?   ?   ?   A . n 
A 1 4   SER 4   4   ?   ?   ?   A . n 
A 1 5   ASP 5   5   ?   ?   ?   A . n 
A 1 6   CYS 6   6   ?   ?   ?   A . n 
A 1 7   GLU 7   7   ?   ?   ?   A . n 
A 1 8   PHE 8   8   ?   ?   ?   A . n 
A 1 9   THR 9   9   ?   ?   ?   A . n 
A 1 10  LYS 10  10  ?   ?   ?   A . n 
A 1 11  ILE 11  11  ?   ?   ?   A . n 
A 1 12  ASP 12  12  ?   ?   ?   A . n 
A 1 13  CYS 13  13  ?   ?   ?   A . n 
A 1 14  GLU 14  14  ?   ?   ?   A . n 
A 1 15  ALA 15  15  ?   ?   ?   A . n 
A 1 16  LYS 16  16  ?   ?   ?   A . n 
A 1 17  PRO 17  17  ?   ?   ?   A . n 
A 1 18  ALA 18  18  ?   ?   ?   A . n 
A 1 19  SER 19  19  ?   ?   ?   A . n 
A 1 20  THR 20  20  20  THR ALA A . n 
A 1 21  LEU 21  21  21  LEU LEU A . n 
A 1 22  PRO 22  22  22  PRO PRO A . n 
A 1 23  ALA 23  23  23  ALA ALA A . n 
A 1 24  PHE 24  24  24  PHE PHE A . n 
A 1 25  GLY 25  25  25  GLY GLY A . n 
A 1 26  PHE 26  26  26  PHE PHE A . n 
A 1 27  ALA 27  27  27  ALA ALA A . n 
A 1 28  PHE 28  28  28  PHE PHE A . n 
A 1 29  ASN 29  29  29  ASN ASN A . n 
A 1 30  ALA 30  30  30  ALA ALA A . n 
A 1 31  SER 31  31  31  SER SER A . n 
A 1 32  ALA 32  32  32  ALA ALA A . n 
A 1 33  PRO 33  33  33  PRO PRO A . n 
A 1 34  GLN 34  34  34  GLN GLN A . n 
A 1 35  PHE 35  35  35  PHE PHE A . n 
A 1 36  ALA 36  36  36  ALA ALA A . n 
A 1 37  SER 37  37  37  SER SER A . n 
A 1 38  LEU 38  38  38  LEU LEU A . n 
A 1 39  PHE 39  39  39  PHE PHE A . n 
A 1 40  THR 40  40  40  THR THR A . n 
A 1 41  PRO 41  41  41  PRO PRO A . n 
A 1 42  LEU 42  42  42  LEU LEU A . n 
A 1 43  LEU 43  43  43  LEU LEU A . n 
A 1 44  LEU 44  44  44  LEU LEU A . n 
A 1 45  PRO 45  45  45  PRO PRO A . n 
A 1 46  SER 46  46  46  SER SER A . n 
A 1 47  VAL 47  47  47  VAL VAL A . n 
A 1 48  SER 48  48  48  SER SER A . n 
A 1 49  PRO 49  49  49  PRO PRO A . n 
A 1 50  ASN 50  50  50  ASN ASN A . n 
A 1 51  PRO 51  51  51  PRO PRO A . n 
A 1 52  ASN 52  52  52  ASN ASN A . n 
A 1 53  ILE 53  53  53  ILE ILE A . n 
A 1 54  THR 54  54  54  THR THR A . n 
A 1 55  VAL 55  55  55  VAL VAL A . n 
A 1 56  PRO 56  56  56  PRO PRO A . n 
A 1 57  VAL 57  57  57  VAL VAL A . n 
A 1 58  ILE 58  58  58  ILE ILE A . n 
A 1 59  ASN 59  59  59  ASN ASN A . n 
A 1 60  ASP 60  60  60  ASP ASP A . n 
A 1 61  THR 61  61  61  THR THR A . n 
A 1 62  VAL 62  62  62  VAL VAL A . n 
A 1 63  SER 63  63  63  SER SER A . n 
A 1 64  VAL 64  64  64  VAL VAL A . n 
A 1 65  GLY 65  65  65  GLY GLY A . n 
A 1 66  ASP 66  66  66  ASP ASP A . n 
A 1 67  GLY 67  67  67  GLY GLY A . n 
A 1 68  ILE 68  68  68  ILE ILE A . n 
A 1 69  ARG 69  69  69  ARG ARG A . n 
A 1 70  ILE 70  70  70  ILE ILE A . n 
A 1 71  LEU 71  71  71  LEU LEU A . n 
A 1 72  ARG 72  72  72  ARG ARG A . n 
A 1 73  ALA 73  73  73  ALA ALA A . n 
A 1 74  GLY 74  74  74  GLY GLY A . n 
A 1 75  ILE 75  75  75  ILE ILE A . n 
A 1 76  TYR 76  76  76  TYR TYR A . n 
A 1 77  GLN 77  77  77  GLN GLN A . n 
A 1 78  ILE 78  78  78  ILE ILE A . n 
A 1 79  SER 79  79  79  SER SER A . n 
A 1 80  TYR 80  80  80  TYR TYR A . n 
A 1 81  THR 81  81  81  THR THR A . n 
A 1 82  LEU 82  82  82  LEU LEU A . n 
A 1 83  THR 83  83  83  THR THR A . n 
A 1 84  ILE 84  84  84  ILE ILE A . n 
A 1 85  SER 85  85  85  SER SER A . n 
A 1 86  LEU 86  86  86  LEU LEU A . n 
A 1 87  ASP 87  87  87  ASP ASP A . n 
A 1 88  ASN 88  88  88  ASN ASN A . n 
A 1 89  SER 89  89  89  SER SER A . n 
A 1 90  PRO 90  90  90  PRO PRO A . n 
A 1 91  VAL 91  91  91  VAL VAL A . n 
A 1 92  ALA 92  92  92  ALA ALA A . n 
A 1 93  PRO 93  93  93  PRO PRO A . n 
A 1 94  GLU 94  94  94  GLU GLU A . n 
A 1 95  ALA 95  95  95  ALA ALA A . n 
A 1 96  GLY 96  96  96  GLY GLY A . n 
A 1 97  ARG 97  97  97  ARG ARG A . n 
A 1 98  PHE 98  98  98  PHE PHE A . n 
A 1 99  PHE 99  99  99  PHE PHE A . n 
A 1 100 LEU 100 100 100 LEU LEU A . n 
A 1 101 SER 101 101 101 SER SER A . n 
A 1 102 LEU 102 102 102 LEU LEU A . n 
A 1 103 GLY 103 103 103 GLY GLY A . n 
A 1 104 THR 104 104 104 THR THR A . n 
A 1 105 PRO 105 105 105 PRO PRO A . n 
A 1 106 ALA 106 106 106 ALA ALA A . n 
A 1 107 ASN 107 107 107 ASN ASN A . n 
A 1 108 ILE 108 108 108 ILE ILE A . n 
A 1 109 ILE 109 109 109 ILE ILE A . n 
A 1 110 PRO 110 110 110 PRO PRO A . n 
A 1 111 GLY 111 111 111 GLY GLY A . n 
A 1 112 SER 112 112 112 SER SER A . n 
A 1 113 GLY 113 113 113 GLY GLY A . n 
A 1 114 THR 114 114 114 THR THR A . n 
A 1 115 ALA 115 115 115 ALA ALA A . n 
A 1 116 VAL 116 116 116 VAL VAL A . n 
A 1 117 ARG 117 117 117 ARG ARG A . n 
A 1 118 SER 118 118 118 SER SER A . n 
A 1 119 ASN 119 119 119 ASN ASN A . n 
A 1 120 VAL 120 120 120 VAL VAL A . n 
A 1 121 ILE 121 121 121 ILE ILE A . n 
A 1 122 GLY 122 122 122 GLY GLY A . n 
A 1 123 THR 123 123 123 THR THR A . n 
A 1 124 GLY 124 124 124 GLY GLY A . n 
A 1 125 GLU 125 125 125 GLU GLU A . n 
A 1 126 VAL 126 126 126 VAL VAL A . n 
A 1 127 ASP 127 127 127 ASP ASP A . n 
A 1 128 VAL 128 128 128 VAL VAL A . n 
A 1 129 SER 129 129 129 SER SER A . n 
A 1 130 SER 130 130 130 SER SER A . n 
A 1 131 GLY 131 131 131 GLY GLY A . n 
A 1 132 VAL 132 132 132 VAL VAL A . n 
A 1 133 ILE 133 133 133 ILE ILE A . n 
A 1 134 LEU 134 134 134 LEU LEU A . n 
A 1 135 ILE 135 135 135 ILE ILE A . n 
A 1 136 ASN 136 136 136 ASN ASN A . n 
A 1 137 LEU 137 137 137 LEU LEU A . n 
A 1 138 ASN 138 138 138 ASN ASN A . n 
A 1 139 PRO 139 139 139 PRO PRO A . n 
A 1 140 GLY 140 140 140 GLY GLY A . n 
A 1 141 ASP 141 141 141 ASP ASP A . n 
A 1 142 LEU 142 142 142 LEU LEU A . n 
A 1 143 ILE 143 143 143 ILE ILE A . n 
A 1 144 ARG 144 144 144 ARG ARG A . n 
A 1 145 ILE 145 145 145 ILE ILE A . n 
A 1 146 VAL 146 146 146 VAL VAL A . n 
A 1 147 PRO 147 147 147 PRO PRO A . n 
A 1 148 VAL 148 148 148 VAL VAL A . n 
A 1 149 GLU 149 149 149 GLU GLU A . n 
A 1 150 LEU 150 150 150 LEU LEU A . n 
A 1 151 ILE 151 151 151 ILE ILE A . n 
A 1 152 GLY 152 152 152 GLY GLY A . n 
A 1 153 THR 153 153 153 THR THR A . n 
A 1 154 VAL 154 154 154 VAL VAL A . n 
A 1 155 ASP 155 155 155 ASP ASP A . n 
A 1 156 ILE 156 156 156 ILE ILE A . n 
A 1 157 ARG 157 157 157 ARG ARG A . n 
A 1 158 ALA 158 158 158 ALA ALA A . n 
A 1 159 ALA 159 159 159 ALA ALA A . n 
A 1 160 ALA 160 160 160 ALA ALA A . n 
A 1 161 LEU 161 161 161 LEU LEU A . n 
A 1 162 THR 162 162 162 THR THR A . n 
A 1 163 VAL 163 163 163 VAL VAL A . n 
A 1 164 ALA 164 164 164 ALA ALA A . n 
A 1 165 GLN 165 165 165 GLN GLN A . n 
A 1 166 ILE 166 166 166 ILE ILE A . n 
A 1 167 SER 167 167 167 SER SER A . n 
# 
loop_
_pdbx_nonpoly_scheme.asym_id 
_pdbx_nonpoly_scheme.entity_id 
_pdbx_nonpoly_scheme.mon_id 
_pdbx_nonpoly_scheme.ndb_seq_num 
_pdbx_nonpoly_scheme.pdb_seq_num 
_pdbx_nonpoly_scheme.auth_seq_num 
_pdbx_nonpoly_scheme.pdb_mon_id 
_pdbx_nonpoly_scheme.auth_mon_id 
_pdbx_nonpoly_scheme.pdb_strand_id 
_pdbx_nonpoly_scheme.pdb_ins_code 
B 2 CA  1  201 201 CA  CA  A . 
C 3 HOH 1  301 32  HOH HOH A . 
C 3 HOH 2  302 27  HOH HOH A . 
C 3 HOH 3  303 31  HOH HOH A . 
C 3 HOH 4  304 59  HOH HOH A . 
C 3 HOH 5  305 18  HOH HOH A . 
C 3 HOH 6  306 21  HOH HOH A . 
C 3 HOH 7  307 24  HOH HOH A . 
C 3 HOH 8  308 6   HOH HOH A . 
C 3 HOH 9  309 15  HOH HOH A . 
C 3 HOH 10 310 44  HOH HOH A . 
C 3 HOH 11 311 43  HOH HOH A . 
C 3 HOH 12 312 77  HOH HOH A . 
C 3 HOH 13 313 82  HOH HOH A . 
C 3 HOH 14 314 28  HOH HOH A . 
C 3 HOH 15 315 69  HOH HOH A . 
C 3 HOH 16 316 36  HOH HOH A . 
C 3 HOH 17 317 22  HOH HOH A . 
C 3 HOH 18 318 9   HOH HOH A . 
C 3 HOH 19 319 14  HOH HOH A . 
C 3 HOH 20 320 55  HOH HOH A . 
C 3 HOH 21 321 61  HOH HOH A . 
C 3 HOH 22 322 71  HOH HOH A . 
C 3 HOH 23 323 37  HOH HOH A . 
C 3 HOH 24 324 73  HOH HOH A . 
C 3 HOH 25 325 66  HOH HOH A . 
C 3 HOH 26 326 13  HOH HOH A . 
C 3 HOH 27 327 20  HOH HOH A . 
C 3 HOH 28 328 47  HOH HOH A . 
C 3 HOH 29 329 51  HOH HOH A . 
C 3 HOH 30 330 12  HOH HOH A . 
C 3 HOH 31 331 4   HOH HOH A . 
C 3 HOH 32 332 53  HOH HOH A . 
C 3 HOH 33 333 41  HOH HOH A . 
C 3 HOH 34 334 79  HOH HOH A . 
C 3 HOH 35 335 5   HOH HOH A . 
C 3 HOH 36 336 48  HOH HOH A . 
C 3 HOH 37 337 16  HOH HOH A . 
C 3 HOH 38 338 23  HOH HOH A . 
C 3 HOH 39 339 17  HOH HOH A . 
C 3 HOH 40 340 57  HOH HOH A . 
C 3 HOH 41 341 50  HOH HOH A . 
C 3 HOH 42 342 40  HOH HOH A . 
C 3 HOH 43 343 42  HOH HOH A . 
C 3 HOH 44 344 11  HOH HOH A . 
C 3 HOH 45 345 46  HOH HOH A . 
C 3 HOH 46 346 81  HOH HOH A . 
C 3 HOH 47 347 30  HOH HOH A . 
C 3 HOH 48 348 63  HOH HOH A . 
C 3 HOH 49 349 67  HOH HOH A . 
C 3 HOH 50 350 26  HOH HOH A . 
C 3 HOH 51 351 39  HOH HOH A . 
C 3 HOH 52 352 8   HOH HOH A . 
C 3 HOH 53 353 3   HOH HOH A . 
C 3 HOH 54 354 29  HOH HOH A . 
C 3 HOH 55 355 62  HOH HOH A . 
C 3 HOH 56 356 38  HOH HOH A . 
C 3 HOH 57 357 33  HOH HOH A . 
C 3 HOH 58 358 35  HOH HOH A . 
C 3 HOH 59 359 7   HOH HOH A . 
C 3 HOH 60 360 34  HOH HOH A . 
C 3 HOH 61 361 56  HOH HOH A . 
C 3 HOH 62 362 45  HOH HOH A . 
C 3 HOH 63 363 25  HOH HOH A . 
C 3 HOH 64 364 19  HOH HOH A . 
C 3 HOH 65 365 64  HOH HOH A . 
C 3 HOH 66 366 10  HOH HOH A . 
C 3 HOH 67 367 2   HOH HOH A . 
C 3 HOH 68 368 70  HOH HOH A . 
C 3 HOH 69 369 74  HOH HOH A . 
C 3 HOH 70 370 58  HOH HOH A . 
C 3 HOH 71 371 68  HOH HOH A . 
C 3 HOH 72 372 75  HOH HOH A . 
C 3 HOH 73 373 65  HOH HOH A . 
C 3 HOH 74 374 52  HOH HOH A . 
C 3 HOH 75 375 49  HOH HOH A . 
C 3 HOH 76 376 54  HOH HOH A . 
C 3 HOH 77 377 78  HOH HOH A . 
C 3 HOH 78 378 80  HOH HOH A . 
C 3 HOH 79 379 60  HOH HOH A . 
C 3 HOH 80 380 76  HOH HOH A . 
# 
loop_
_pdbx_unobs_or_zero_occ_atoms.id 
_pdbx_unobs_or_zero_occ_atoms.PDB_model_num 
_pdbx_unobs_or_zero_occ_atoms.polymer_flag 
_pdbx_unobs_or_zero_occ_atoms.occupancy_flag 
_pdbx_unobs_or_zero_occ_atoms.auth_asym_id 
_pdbx_unobs_or_zero_occ_atoms.auth_comp_id 
_pdbx_unobs_or_zero_occ_atoms.auth_seq_id 
_pdbx_unobs_or_zero_occ_atoms.PDB_ins_code 
_pdbx_unobs_or_zero_occ_atoms.auth_atom_id 
_pdbx_unobs_or_zero_occ_atoms.label_alt_id 
_pdbx_unobs_or_zero_occ_atoms.label_asym_id 
_pdbx_unobs_or_zero_occ_atoms.label_comp_id 
_pdbx_unobs_or_zero_occ_atoms.label_seq_id 
_pdbx_unobs_or_zero_occ_atoms.label_atom_id 
1 1 Y 1 A THR 20 ? OG1 ? A THR 20 OG1 
2 1 Y 1 A THR 20 ? CG2 ? A THR 20 CG2 
# 
loop_
_software.citation_id 
_software.classification 
_software.compiler_name 
_software.compiler_version 
_software.contact_author 
_software.contact_author_email 
_software.date 
_software.description 
_software.dependencies 
_software.hardware 
_software.language 
_software.location 
_software.mods 
_software.name 
_software.os 
_software.os_version 
_software.type 
_software.version 
_software.pdbx_ordinal 
? refinement       ? ? ? ? ? ? ? ? ? ? ? PHENIX  ? ? ? 1.19.2_4158 1 
? 'data reduction' ? ? ? ? ? ? ? ? ? ? ? XDS     ? ? ? .           2 
? 'data scaling'   ? ? ? ? ? ? ? ? ? ? ? Aimless ? ? ? 1.12.12     3 
? phasing          ? ? ? ? ? ? ? ? ? ? ? PHASER  ? ? ? 2.8.3       4 
# 
_cell.angle_alpha                  90.000 
_cell.angle_alpha_esd              ? 
_cell.angle_beta                   90.000 
_cell.angle_beta_esd               ? 
_cell.angle_gamma                  90.000 
_cell.angle_gamma_esd              ? 
_cell.entry_id                     8D02 
_cell.details                      ? 
_cell.formula_units_Z              ? 
_cell.length_a                     99.902 
_cell.length_a_esd                 ? 
_cell.length_b                     99.902 
_cell.length_b_esd                 ? 
_cell.length_c                     99.902 
_cell.length_c_esd                 ? 
_cell.volume                       ? 
_cell.volume_esd                   ? 
_cell.Z_PDB                        24 
_cell.reciprocal_angle_alpha       ? 
_cell.reciprocal_angle_beta        ? 
_cell.reciprocal_angle_gamma       ? 
_cell.reciprocal_angle_alpha_esd   ? 
_cell.reciprocal_angle_beta_esd    ? 
_cell.reciprocal_angle_gamma_esd   ? 
_cell.reciprocal_length_a          ? 
_cell.reciprocal_length_b          ? 
_cell.reciprocal_length_c          ? 
_cell.reciprocal_length_a_esd      ? 
_cell.reciprocal_length_b_esd      ? 
_cell.reciprocal_length_c_esd      ? 
_cell.pdbx_unique_axis             ? 
_cell.pdbx_esd_method              ? 
# 
_symmetry.entry_id                         8D02 
_symmetry.cell_setting                     ? 
_symmetry.Int_Tables_number                197 
_symmetry.space_group_name_Hall            ? 
_symmetry.space_group_name_H-M             'I 2 3' 
_symmetry.pdbx_full_space_group_name_H-M   ? 
# 
_exptl.absorpt_coefficient_mu     ? 
_exptl.absorpt_correction_T_max   ? 
_exptl.absorpt_correction_T_min   ? 
_exptl.absorpt_correction_type    ? 
_exptl.absorpt_process_details    ? 
_exptl.entry_id                   8D02 
_exptl.crystals_number            1 
_exptl.details                    ? 
_exptl.method                     'X-RAY DIFFRACTION' 
_exptl.method_details             ? 
# 
_exptl_crystal.colour                       ? 
_exptl_crystal.density_diffrn               ? 
_exptl_crystal.density_Matthews             2.40 
_exptl_crystal.density_method               ? 
_exptl_crystal.density_percent_sol          48.67 
_exptl_crystal.description                  ? 
_exptl_crystal.F_000                        ? 
_exptl_crystal.id                           1 
_exptl_crystal.preparation                  ? 
_exptl_crystal.size_max                     ? 
_exptl_crystal.size_mid                     ? 
_exptl_crystal.size_min                     ? 
_exptl_crystal.size_rad                     ? 
_exptl_crystal.colour_lustre                ? 
_exptl_crystal.colour_modifier              ? 
_exptl_crystal.colour_primary               ? 
_exptl_crystal.density_meas                 ? 
_exptl_crystal.density_meas_esd             ? 
_exptl_crystal.density_meas_gt              ? 
_exptl_crystal.density_meas_lt              ? 
_exptl_crystal.density_meas_temp            ? 
_exptl_crystal.density_meas_temp_esd        ? 
_exptl_crystal.density_meas_temp_gt         ? 
_exptl_crystal.density_meas_temp_lt         ? 
_exptl_crystal.pdbx_crystal_image_url       ? 
_exptl_crystal.pdbx_crystal_image_format    ? 
_exptl_crystal.pdbx_mosaicity               ? 
_exptl_crystal.pdbx_mosaicity_esd           ? 
_exptl_crystal.pdbx_mosaic_method           ? 
_exptl_crystal.pdbx_mosaic_block_size       ? 
_exptl_crystal.pdbx_mosaic_block_size_esd   ? 
# 
_exptl_crystal_grow.apparatus       ? 
_exptl_crystal_grow.atmosphere      ? 
_exptl_crystal_grow.crystal_id      1 
_exptl_crystal_grow.details         ? 
_exptl_crystal_grow.method          'VAPOR DIFFUSION, SITTING DROP' 
_exptl_crystal_grow.method_ref      ? 
_exptl_crystal_grow.pH              7.0 
_exptl_crystal_grow.pressure        ? 
_exptl_crystal_grow.pressure_esd    ? 
_exptl_crystal_grow.seeding         ? 
_exptl_crystal_grow.seeding_ref     ? 
_exptl_crystal_grow.temp            295 
_exptl_crystal_grow.temp_details    ? 
_exptl_crystal_grow.temp_esd        ? 
_exptl_crystal_grow.time            ? 
_exptl_crystal_grow.pdbx_details    'Jeffamine M-600, 30%' 
_exptl_crystal_grow.pdbx_pH_range   ? 
# 
_diffrn.ambient_environment              ? 
_diffrn.ambient_temp                     100 
_diffrn.ambient_temp_details             ? 
_diffrn.ambient_temp_esd                 ? 
_diffrn.crystal_id                       1 
_diffrn.crystal_support                  ? 
_diffrn.crystal_treatment                ? 
_diffrn.details                          ? 
_diffrn.id                               1 
_diffrn.ambient_pressure                 ? 
_diffrn.ambient_pressure_esd             ? 
_diffrn.ambient_pressure_gt              ? 
_diffrn.ambient_pressure_lt              ? 
_diffrn.ambient_temp_gt                  ? 
_diffrn.ambient_temp_lt                  ? 
_diffrn.pdbx_serial_crystal_experiment   N 
# 
_diffrn_detector.details                      ? 
_diffrn_detector.detector                     PIXEL 
_diffrn_detector.diffrn_id                    1 
_diffrn_detector.type                         'DECTRIS EIGER X 16M' 
_diffrn_detector.area_resol_mean              ? 
_diffrn_detector.dtime                        ? 
_diffrn_detector.pdbx_frames_total            ? 
_diffrn_detector.pdbx_collection_time_total   ? 
_diffrn_detector.pdbx_collection_date         2022-03-22 
_diffrn_detector.pdbx_frequency               ? 
# 
_diffrn_radiation.collimation                      ? 
_diffrn_radiation.diffrn_id                        1 
_diffrn_radiation.filter_edge                      ? 
_diffrn_radiation.inhomogeneity                    ? 
_diffrn_radiation.monochromator                    ? 
_diffrn_radiation.polarisn_norm                    ? 
_diffrn_radiation.polarisn_ratio                   ? 
_diffrn_radiation.probe                            ? 
_diffrn_radiation.type                             ? 
_diffrn_radiation.xray_symbol                      ? 
_diffrn_radiation.wavelength_id                    1 
_diffrn_radiation.pdbx_monochromatic_or_laue_m_l   M 
_diffrn_radiation.pdbx_wavelength_list             ? 
_diffrn_radiation.pdbx_wavelength                  ? 
_diffrn_radiation.pdbx_diffrn_protocol             'SINGLE WAVELENGTH' 
_diffrn_radiation.pdbx_analyzer                    ? 
_diffrn_radiation.pdbx_scattering_type             x-ray 
# 
_diffrn_radiation_wavelength.id           1 
_diffrn_radiation_wavelength.wavelength   1.0 
_diffrn_radiation_wavelength.wt           1.0 
# 
_diffrn_source.current                     ? 
_diffrn_source.details                     ? 
_diffrn_source.diffrn_id                   1 
_diffrn_source.power                       ? 
_diffrn_source.size                        ? 
_diffrn_source.source                      SYNCHROTRON 
_diffrn_source.target                      ? 
_diffrn_source.type                        'APS BEAMLINE 22-ID' 
_diffrn_source.voltage                     ? 
_diffrn_source.take-off_angle              ? 
_diffrn_source.pdbx_wavelength_list        1.0 
_diffrn_source.pdbx_wavelength             ? 
_diffrn_source.pdbx_synchrotron_beamline   22-ID 
_diffrn_source.pdbx_synchrotron_site       APS 
# 
_reflns.B_iso_Wilson_estimate                          17.050 
_reflns.entry_id                                       8D02 
_reflns.data_reduction_details                         ? 
_reflns.data_reduction_method                          ? 
_reflns.d_resolution_high                              1.400 
_reflns.d_resolution_low                               70.640 
_reflns.details                                        ? 
_reflns.limit_h_max                                    ? 
_reflns.limit_h_min                                    ? 
_reflns.limit_k_max                                    ? 
_reflns.limit_k_min                                    ? 
_reflns.limit_l_max                                    ? 
_reflns.limit_l_min                                    ? 
_reflns.number_all                                     ? 
_reflns.number_obs                                     32721 
_reflns.observed_criterion                             ? 
_reflns.observed_criterion_F_max                       ? 
_reflns.observed_criterion_F_min                       ? 
_reflns.observed_criterion_I_max                       ? 
_reflns.observed_criterion_I_min                       ? 
_reflns.observed_criterion_sigma_F                     ? 
_reflns.observed_criterion_sigma_I                     ? 
_reflns.percent_possible_obs                           100.000 
_reflns.R_free_details                                 ? 
_reflns.Rmerge_F_all                                   ? 
_reflns.Rmerge_F_obs                                   ? 
_reflns.Friedel_coverage                               ? 
_reflns.number_gt                                      ? 
_reflns.threshold_expression                           ? 
_reflns.pdbx_redundancy                                30.800 
_reflns.pdbx_Rmerge_I_obs                              0.077 
_reflns.pdbx_Rmerge_I_all                              ? 
_reflns.pdbx_Rsym_value                                ? 
_reflns.pdbx_netI_over_av_sigmaI                       ? 
_reflns.pdbx_netI_over_sigmaI                          26.000 
_reflns.pdbx_res_netI_over_av_sigmaI_2                 ? 
_reflns.pdbx_res_netI_over_sigmaI_2                    ? 
_reflns.pdbx_chi_squared                               ? 
_reflns.pdbx_scaling_rejects                           60 
_reflns.pdbx_d_res_high_opt                            ? 
_reflns.pdbx_d_res_low_opt                             ? 
_reflns.pdbx_d_res_opt_method                          ? 
_reflns.phase_calculation_details                      ? 
_reflns.pdbx_Rrim_I_all                                0.078 
_reflns.pdbx_Rpim_I_all                                0.014 
_reflns.pdbx_d_opt                                     ? 
_reflns.pdbx_number_measured_all                       1008145 
_reflns.pdbx_diffrn_id                                 1 
_reflns.pdbx_ordinal                                   1 
_reflns.pdbx_CC_half                                   1.000 
_reflns.pdbx_CC_star                                   ? 
_reflns.pdbx_R_split                                   ? 
_reflns.pdbx_aniso_diffraction_limit_axis_1_ortho[1]   ? 
_reflns.pdbx_aniso_diffraction_limit_axis_1_ortho[2]   ? 
_reflns.pdbx_aniso_diffraction_limit_axis_1_ortho[3]   ? 
_reflns.pdbx_aniso_diffraction_limit_axis_2_ortho[1]   ? 
_reflns.pdbx_aniso_diffraction_limit_axis_2_ortho[2]   ? 
_reflns.pdbx_aniso_diffraction_limit_axis_2_ortho[3]   ? 
_reflns.pdbx_aniso_diffraction_limit_axis_3_ortho[1]   ? 
_reflns.pdbx_aniso_diffraction_limit_axis_3_ortho[2]   ? 
_reflns.pdbx_aniso_diffraction_limit_axis_3_ortho[3]   ? 
_reflns.pdbx_aniso_diffraction_limit_1                 ? 
_reflns.pdbx_aniso_diffraction_limit_2                 ? 
_reflns.pdbx_aniso_diffraction_limit_3                 ? 
_reflns.pdbx_aniso_B_tensor_eigenvector_1_ortho[1]     ? 
_reflns.pdbx_aniso_B_tensor_eigenvector_1_ortho[2]     ? 
_reflns.pdbx_aniso_B_tensor_eigenvector_1_ortho[3]     ? 
_reflns.pdbx_aniso_B_tensor_eigenvector_2_ortho[1]     ? 
_reflns.pdbx_aniso_B_tensor_eigenvector_2_ortho[2]     ? 
_reflns.pdbx_aniso_B_tensor_eigenvector_2_ortho[3]     ? 
_reflns.pdbx_aniso_B_tensor_eigenvector_3_ortho[1]     ? 
_reflns.pdbx_aniso_B_tensor_eigenvector_3_ortho[2]     ? 
_reflns.pdbx_aniso_B_tensor_eigenvector_3_ortho[3]     ? 
_reflns.pdbx_aniso_B_tensor_eigenvalue_1               ? 
_reflns.pdbx_aniso_B_tensor_eigenvalue_2               ? 
_reflns.pdbx_aniso_B_tensor_eigenvalue_3               ? 
_reflns.pdbx_orthogonalization_convention              ? 
_reflns.pdbx_percent_possible_ellipsoidal              ? 
_reflns.pdbx_percent_possible_spherical                ? 
_reflns.pdbx_percent_possible_ellipsoidal_anomalous    ? 
_reflns.pdbx_percent_possible_spherical_anomalous      ? 
_reflns.pdbx_redundancy_anomalous                      ? 
_reflns.pdbx_CC_half_anomalous                         ? 
_reflns.pdbx_absDiff_over_sigma_anomalous              ? 
_reflns.pdbx_percent_possible_anomalous                ? 
_reflns.pdbx_observed_signal_threshold                 ? 
_reflns.pdbx_signal_type                               ? 
_reflns.pdbx_signal_details                            ? 
_reflns.pdbx_signal_software_id                        ? 
_reflns.pdbx_CC_split_method                           ? 
# 
loop_
_reflns_shell.d_res_high 
_reflns_shell.d_res_low 
_reflns_shell.meanI_over_sigI_all 
_reflns_shell.meanI_over_sigI_obs 
_reflns_shell.number_measured_all 
_reflns_shell.number_measured_obs 
_reflns_shell.number_possible 
_reflns_shell.number_unique_all 
_reflns_shell.number_unique_obs 
_reflns_shell.percent_possible_all 
_reflns_shell.percent_possible_obs 
_reflns_shell.Rmerge_F_all 
_reflns_shell.Rmerge_F_obs 
_reflns_shell.Rmerge_I_all 
_reflns_shell.Rmerge_I_obs 
_reflns_shell.meanI_over_sigI_gt 
_reflns_shell.meanI_over_uI_all 
_reflns_shell.meanI_over_uI_gt 
_reflns_shell.number_measured_gt 
_reflns_shell.number_unique_gt 
_reflns_shell.percent_possible_gt 
_reflns_shell.Rmerge_F_gt 
_reflns_shell.Rmerge_I_gt 
_reflns_shell.pdbx_redundancy 
_reflns_shell.pdbx_Rsym_value 
_reflns_shell.pdbx_chi_squared 
_reflns_shell.pdbx_netI_over_sigmaI_all 
_reflns_shell.pdbx_netI_over_sigmaI_obs 
_reflns_shell.pdbx_Rrim_I_all 
_reflns_shell.pdbx_Rpim_I_all 
_reflns_shell.pdbx_rejects 
_reflns_shell.pdbx_ordinal 
_reflns_shell.pdbx_diffrn_id 
_reflns_shell.pdbx_CC_half 
_reflns_shell.pdbx_CC_star 
_reflns_shell.pdbx_R_split 
_reflns_shell.pdbx_percent_possible_ellipsoidal 
_reflns_shell.pdbx_percent_possible_spherical 
_reflns_shell.pdbx_percent_possible_ellipsoidal_anomalous 
_reflns_shell.pdbx_percent_possible_spherical_anomalous 
_reflns_shell.pdbx_redundancy_anomalous 
_reflns_shell.pdbx_CC_half_anomalous 
_reflns_shell.pdbx_absDiff_over_sigma_anomalous 
_reflns_shell.pdbx_percent_possible_anomalous 
1.400 1.420  ? ? 26118 ? ? ? 1581 100.000 ? ? ? ? 0.957 ? ? ? ? ? ? ? ? 16.500 ? ? ? 3.000  0.987 0.239 ? 1 1 0.854 ? ? ? ? ? ? ? 
? ? ? 
7.670 70.640 ? ? 6525  ? ? ? 227  100.000 ? ? ? ? 0.047 ? ? ? ? ? ? ? ? 28.700 ? ? ? 67.400 0.048 0.009 ? 2 1 0.999 ? ? ? ? ? ? ? 
? ? ? 
# 
_refine.aniso_B[1][1]                            ? 
_refine.aniso_B[1][2]                            ? 
_refine.aniso_B[1][3]                            ? 
_refine.aniso_B[2][2]                            ? 
_refine.aniso_B[2][3]                            ? 
_refine.aniso_B[3][3]                            ? 
_refine.B_iso_max                                46.680 
_refine.B_iso_mean                               18.3294 
_refine.B_iso_min                                12.450 
_refine.correlation_coeff_Fo_to_Fc               ? 
_refine.correlation_coeff_Fo_to_Fc_free          ? 
_refine.details                                  ? 
_refine.diff_density_max                         ? 
_refine.diff_density_max_esd                     ? 
_refine.diff_density_min                         ? 
_refine.diff_density_min_esd                     ? 
_refine.diff_density_rms                         ? 
_refine.diff_density_rms_esd                     ? 
_refine.entry_id                                 8D02 
_refine.pdbx_refine_id                           'X-RAY DIFFRACTION' 
_refine.ls_abs_structure_details                 ? 
_refine.ls_abs_structure_Flack                   ? 
_refine.ls_abs_structure_Flack_esd               ? 
_refine.ls_abs_structure_Rogers                  ? 
_refine.ls_abs_structure_Rogers_esd              ? 
_refine.ls_d_res_high                            1.4000 
_refine.ls_d_res_low                             49.9500 
_refine.ls_extinction_coef                       ? 
_refine.ls_extinction_coef_esd                   ? 
_refine.ls_extinction_expression                 ? 
_refine.ls_extinction_method                     ? 
_refine.ls_goodness_of_fit_all                   ? 
_refine.ls_goodness_of_fit_all_esd               ? 
_refine.ls_goodness_of_fit_obs                   ? 
_refine.ls_goodness_of_fit_obs_esd               ? 
_refine.ls_hydrogen_treatment                    ? 
_refine.ls_matrix_type                           ? 
_refine.ls_number_constraints                    ? 
_refine.ls_number_parameters                     ? 
_refine.ls_number_reflns_all                     ? 
_refine.ls_number_reflns_obs                     32719 
_refine.ls_number_reflns_R_free                  1582 
_refine.ls_number_reflns_R_work                  31137 
_refine.ls_number_restraints                     ? 
_refine.ls_percent_reflns_obs                    99.9900 
_refine.ls_percent_reflns_R_free                 4.8400 
_refine.ls_R_factor_all                          ? 
_refine.ls_R_factor_obs                          0.1754 
_refine.ls_R_factor_R_free                       0.1860 
_refine.ls_R_factor_R_free_error                 ? 
_refine.ls_R_factor_R_free_error_details         ? 
_refine.ls_R_factor_R_work                       0.1749 
_refine.ls_R_Fsqd_factor_obs                     ? 
_refine.ls_R_I_factor_obs                        ? 
_refine.ls_redundancy_reflns_all                 ? 
_refine.ls_redundancy_reflns_obs                 ? 
_refine.ls_restrained_S_all                      ? 
_refine.ls_restrained_S_obs                      ? 
_refine.ls_shift_over_esd_max                    ? 
_refine.ls_shift_over_esd_mean                   ? 
_refine.ls_structure_factor_coef                 ? 
_refine.ls_weighting_details                     ? 
_refine.ls_weighting_scheme                      ? 
_refine.ls_wR_factor_all                         ? 
_refine.ls_wR_factor_obs                         ? 
_refine.ls_wR_factor_R_free                      ? 
_refine.ls_wR_factor_R_work                      ? 
_refine.occupancy_max                            ? 
_refine.occupancy_min                            ? 
_refine.solvent_model_details                    'FLAT BULK SOLVENT MODEL' 
_refine.solvent_model_param_bsol                 ? 
_refine.solvent_model_param_ksol                 ? 
_refine.pdbx_R_complete                          ? 
_refine.ls_R_factor_gt                           ? 
_refine.ls_goodness_of_fit_gt                    ? 
_refine.ls_goodness_of_fit_ref                   ? 
_refine.ls_shift_over_su_max                     ? 
_refine.ls_shift_over_su_max_lt                  ? 
_refine.ls_shift_over_su_mean                    ? 
_refine.ls_shift_over_su_mean_lt                 ? 
_refine.pdbx_ls_sigma_I                          ? 
_refine.pdbx_ls_sigma_F                          1.340 
_refine.pdbx_ls_sigma_Fsqd                       ? 
_refine.pdbx_data_cutoff_high_absF               ? 
_refine.pdbx_data_cutoff_high_rms_absF           ? 
_refine.pdbx_data_cutoff_low_absF                ? 
_refine.pdbx_isotropic_thermal_model             ? 
_refine.pdbx_ls_cross_valid_method               THROUGHOUT 
_refine.pdbx_method_to_determine_struct          'MOLECULAR REPLACEMENT' 
_refine.pdbx_starting_model                      'Ab initio/homology Model' 
_refine.pdbx_stereochemistry_target_values       ML 
_refine.pdbx_R_Free_selection_details            ? 
_refine.pdbx_stereochem_target_val_spec_case     ? 
_refine.pdbx_overall_ESU_R                       ? 
_refine.pdbx_overall_ESU_R_Free                  ? 
_refine.pdbx_solvent_vdw_probe_radii             1.1100 
_refine.pdbx_solvent_ion_probe_radii             ? 
_refine.pdbx_solvent_shrinkage_radii             0.9000 
_refine.pdbx_real_space_R                        ? 
_refine.pdbx_density_correlation                 ? 
_refine.pdbx_pd_number_of_powder_patterns        ? 
_refine.pdbx_pd_number_of_points                 ? 
_refine.pdbx_pd_meas_number_of_points            ? 
_refine.pdbx_pd_proc_ls_prof_R_factor            ? 
_refine.pdbx_pd_proc_ls_prof_wR_factor           ? 
_refine.pdbx_pd_Marquardt_correlation_coeff      ? 
_refine.pdbx_pd_Fsqrd_R_factor                   ? 
_refine.pdbx_pd_ls_matrix_band_width             ? 
_refine.pdbx_overall_phase_error                 21.5000 
_refine.pdbx_overall_SU_R_free_Cruickshank_DPI   ? 
_refine.pdbx_overall_SU_R_free_Blow_DPI          ? 
_refine.pdbx_overall_SU_R_Blow_DPI               ? 
_refine.pdbx_TLS_residual_ADP_flag               ? 
_refine.pdbx_diffrn_id                           1 
_refine.overall_SU_B                             ? 
_refine.overall_SU_ML                            0.1200 
_refine.overall_SU_R_Cruickshank_DPI             ? 
_refine.overall_SU_R_free                        ? 
_refine.overall_FOM_free_R_set                   ? 
_refine.overall_FOM_work_R_set                   ? 
_refine.pdbx_average_fsc_overall                 ? 
_refine.pdbx_average_fsc_work                    ? 
_refine.pdbx_average_fsc_free                    ? 
# 
_refine_hist.pdbx_refine_id                   'X-RAY DIFFRACTION' 
_refine_hist.cycle_id                         final 
_refine_hist.details                          ? 
_refine_hist.d_res_high                       1.4000 
_refine_hist.d_res_low                        49.9500 
_refine_hist.number_atoms_solvent             80 
_refine_hist.number_atoms_total               1155 
_refine_hist.number_reflns_all                ? 
_refine_hist.number_reflns_obs                ? 
_refine_hist.number_reflns_R_free             ? 
_refine_hist.number_reflns_R_work             ? 
_refine_hist.R_factor_all                     ? 
_refine_hist.R_factor_obs                     ? 
_refine_hist.R_factor_R_free                  ? 
_refine_hist.R_factor_R_work                  ? 
_refine_hist.pdbx_number_residues_total       148 
_refine_hist.pdbx_B_iso_mean_ligand           15.93 
_refine_hist.pdbx_B_iso_mean_solvent          24.65 
_refine_hist.pdbx_number_atoms_protein        1074 
_refine_hist.pdbx_number_atoms_nucleic_acid   0 
_refine_hist.pdbx_number_atoms_ligand         1 
_refine_hist.pdbx_number_atoms_lipid          ? 
_refine_hist.pdbx_number_atoms_carb           ? 
_refine_hist.pdbx_pseudo_atom_details         ? 
# 
loop_
_refine_ls_shell.pdbx_refine_id 
_refine_ls_shell.d_res_high 
_refine_ls_shell.d_res_low 
_refine_ls_shell.number_reflns_all 
_refine_ls_shell.number_reflns_obs 
_refine_ls_shell.number_reflns_R_free 
_refine_ls_shell.number_reflns_R_work 
_refine_ls_shell.percent_reflns_obs 
_refine_ls_shell.percent_reflns_R_free 
_refine_ls_shell.R_factor_all 
_refine_ls_shell.R_factor_obs 
_refine_ls_shell.R_factor_R_free 
_refine_ls_shell.R_factor_R_free_error 
_refine_ls_shell.R_factor_R_work 
_refine_ls_shell.redundancy_reflns_all 
_refine_ls_shell.redundancy_reflns_obs 
_refine_ls_shell.wR_factor_all 
_refine_ls_shell.wR_factor_obs 
_refine_ls_shell.wR_factor_R_free 
_refine_ls_shell.wR_factor_R_work 
_refine_ls_shell.pdbx_R_complete 
_refine_ls_shell.pdbx_total_number_of_bins_used 
_refine_ls_shell.pdbx_phase_error 
_refine_ls_shell.pdbx_fsc_work 
_refine_ls_shell.pdbx_fsc_free 
'X-RAY DIFFRACTION' 1.4000 1.4400  2913 . 114 2799 100.0000 . . . 0.2387 0.0000 0.2167 . . . . . . . 11 . . . 
'X-RAY DIFFRACTION' 1.4500 1.5000  2943 . 137 2806 100.0000 . . . 0.2351 0.0000 0.1759 . . . . . . . 11 . . . 
'X-RAY DIFFRACTION' 1.5000 1.5600  2951 . 182 2769 100.0000 . . . 0.1996 0.0000 0.1673 . . . . . . . 11 . . . 
'X-RAY DIFFRACTION' 1.5600 1.6300  2972 . 155 2817 100.0000 . . . 0.1812 0.0000 0.1609 . . . . . . . 11 . . . 
'X-RAY DIFFRACTION' 1.6300 1.7100  2947 . 117 2830 100.0000 . . . 0.1863 0.0000 0.1683 . . . . . . . 11 . . . 
'X-RAY DIFFRACTION' 1.7100 1.8200  2966 . 141 2825 100.0000 . . . 0.1978 0.0000 0.1743 . . . . . . . 11 . . . 
'X-RAY DIFFRACTION' 1.8200 1.9600  2974 . 142 2832 100.0000 . . . 0.1843 0.0000 0.1769 . . . . . . . 11 . . . 
'X-RAY DIFFRACTION' 1.9600 2.1600  2980 . 152 2828 100.0000 . . . 0.2009 0.0000 0.1766 . . . . . . . 11 . . . 
'X-RAY DIFFRACTION' 2.1600 2.4700  2971 . 144 2827 100.0000 . . . 0.1963 0.0000 0.1783 . . . . . . . 11 . . . 
'X-RAY DIFFRACTION' 2.4700 3.1100  3010 . 132 2878 100.0000 . . . 0.2025 0.0000 0.1923 . . . . . . . 11 . . . 
'X-RAY DIFFRACTION' 3.1200 49.9500 3092 . 166 2926 100.0000 . . . 0.1653 0.0000 0.1643 . . . . . . . 11 . . . 
# 
_struct.entry_id                     8D02 
_struct.title                        'Crystal Structure of Bacillus anthracis BxpB' 
_struct.pdbx_model_details           ? 
_struct.pdbx_formula_weight          ? 
_struct.pdbx_formula_weight_method   ? 
_struct.pdbx_model_type_details      ? 
_struct.pdbx_CASP_flag               N 
# 
_struct_keywords.entry_id        8D02 
_struct_keywords.text            'STRUCTURAL PROTEIN' 
_struct_keywords.pdbx_keywords   'STRUCTURAL PROTEIN' 
# 
loop_
_struct_asym.id 
_struct_asym.pdbx_blank_PDB_chainid_flag 
_struct_asym.pdbx_modified 
_struct_asym.entity_id 
_struct_asym.details 
A N N 1 ? 
B N N 2 ? 
C N N 3 ? 
# 
_struct_ref.id                         1 
_struct_ref.db_name                    UNP 
_struct_ref.db_code                    Q81TN4_BACAN 
_struct_ref.pdbx_db_accession          Q81TN4 
_struct_ref.pdbx_db_isoform            ? 
_struct_ref.entity_id                  1 
_struct_ref.pdbx_seq_one_letter_code   
;MFSSDCEFTKIDCEAKPASTLPAFGFAFNASAPQFASLFTPLLLPSVSPNPNITVPVINDTVSVGDGIRILRAGIYQISY
TLTISLDNSPVAPEAGRFFLSLGTPANIIPGSGTAVRSNVIGTGEVDVSSGVILINLNPGDLIRIVPVELIGTVDIRAAA
LTVAQIS
;
_struct_ref.pdbx_align_begin           1 
# 
_struct_ref_seq.align_id                      1 
_struct_ref_seq.ref_id                        1 
_struct_ref_seq.pdbx_PDB_id_code              8D02 
_struct_ref_seq.pdbx_strand_id                A 
_struct_ref_seq.seq_align_beg                 1 
_struct_ref_seq.pdbx_seq_align_beg_ins_code   ? 
_struct_ref_seq.seq_align_end                 167 
_struct_ref_seq.pdbx_seq_align_end_ins_code   ? 
_struct_ref_seq.pdbx_db_accession             Q81TN4 
_struct_ref_seq.db_align_beg                  1 
_struct_ref_seq.pdbx_db_align_beg_ins_code    ? 
_struct_ref_seq.db_align_end                  167 
_struct_ref_seq.pdbx_db_align_end_ins_code    ? 
_struct_ref_seq.pdbx_auth_seq_align_beg       1 
_struct_ref_seq.pdbx_auth_seq_align_end       167 
# 
_pdbx_struct_assembly.id                   1 
_pdbx_struct_assembly.details              author_and_software_defined_assembly 
_pdbx_struct_assembly.method_details       PISA 
_pdbx_struct_assembly.oligomeric_details   trimeric 
_pdbx_struct_assembly.oligomeric_count     3 
# 
loop_
_pdbx_struct_assembly_prop.biol_id 
_pdbx_struct_assembly_prop.type 
_pdbx_struct_assembly_prop.value 
_pdbx_struct_assembly_prop.details 
1 'ABSA (A^2)' 7940  ? 
1 MORE         -79   ? 
1 'SSA (A^2)'  13850 ? 
# 
_pdbx_struct_assembly_gen.assembly_id       1 
_pdbx_struct_assembly_gen.oper_expression   1,2,3 
_pdbx_struct_assembly_gen.asym_id_list      A,B,C 
# 
_pdbx_struct_assembly_auth_evidence.id                     1 
_pdbx_struct_assembly_auth_evidence.assembly_id            1 
_pdbx_struct_assembly_auth_evidence.experimental_support   homology 
_pdbx_struct_assembly_auth_evidence.details                PISA 
# 
loop_
_pdbx_struct_oper_list.id 
_pdbx_struct_oper_list.type 
_pdbx_struct_oper_list.name 
_pdbx_struct_oper_list.symmetry_operation 
_pdbx_struct_oper_list.matrix[1][1] 
_pdbx_struct_oper_list.matrix[1][2] 
_pdbx_struct_oper_list.matrix[1][3] 
_pdbx_struct_oper_list.vector[1] 
_pdbx_struct_oper_list.matrix[2][1] 
_pdbx_struct_oper_list.matrix[2][2] 
_pdbx_struct_oper_list.matrix[2][3] 
_pdbx_struct_oper_list.vector[2] 
_pdbx_struct_oper_list.matrix[3][1] 
_pdbx_struct_oper_list.matrix[3][2] 
_pdbx_struct_oper_list.matrix[3][3] 
_pdbx_struct_oper_list.vector[3] 
1 'identity operation'         1_555 x,y,z 1.0000000000  0.0000000000  0.0000000000 0.0000000000  0.0000000000  1.0000000000  0.0000000000  0.0000000000   0.0000000000 0.0000000000  1.0000000000 0.0000000000   
2 'crystal symmetry operation' 5_555 z,x,y -0.0960612894 -0.9198454190 0.3803375262 -3.7166566267 0.4759354958  -0.3780408917 -0.7940846857 -19.4009321761 0.8742182979 0.1047353303  0.4741021811 -4.4714338188  
3 'crystal symmetry operation' 9_555 y,z,x -0.0960612894 0.4759354958  0.8742182979 12.7855747098 -0.9198454190 -0.3780408917 0.1047353303  -10.2847781730 0.3803375262 -0.7940846857 0.4741021811 -11.8724826153 
# 
loop_
_struct_conn.id 
_struct_conn.conn_type_id 
_struct_conn.pdbx_leaving_atom_flag 
_struct_conn.pdbx_PDB_id 
_struct_conn.ptnr1_label_asym_id 
_struct_conn.ptnr1_label_comp_id 
_struct_conn.ptnr1_label_seq_id 
_struct_conn.ptnr1_label_atom_id 
_struct_conn.pdbx_ptnr1_label_alt_id 
_struct_conn.pdbx_ptnr1_PDB_ins_code 
_struct_conn.pdbx_ptnr1_standard_comp_id 
_struct_conn.ptnr1_symmetry 
_struct_conn.ptnr2_label_asym_id 
_struct_conn.ptnr2_label_comp_id 
_struct_conn.ptnr2_label_seq_id 
_struct_conn.ptnr2_label_atom_id 
_struct_conn.pdbx_ptnr2_label_alt_id 
_struct_conn.pdbx_ptnr2_PDB_ins_code 
_struct_conn.ptnr1_auth_asym_id 
_struct_conn.ptnr1_auth_comp_id 
_struct_conn.ptnr1_auth_seq_id 
_struct_conn.ptnr2_auth_asym_id 
_struct_conn.ptnr2_auth_comp_id 
_struct_conn.ptnr2_auth_seq_id 
_struct_conn.ptnr2_symmetry 
_struct_conn.pdbx_ptnr3_label_atom_id 
_struct_conn.pdbx_ptnr3_label_seq_id 
_struct_conn.pdbx_ptnr3_label_comp_id 
_struct_conn.pdbx_ptnr3_label_asym_id 
_struct_conn.pdbx_ptnr3_label_alt_id 
_struct_conn.pdbx_ptnr3_PDB_ins_code 
_struct_conn.details 
_struct_conn.pdbx_dist_value 
_struct_conn.pdbx_value_order 
_struct_conn.pdbx_role 
metalc1 metalc ? ? A ASP 87  OD1 ? ? ? 1_555 B CA  . CA ? ? A ASP 87  A CA  201 1_555 ? ? ? ? ? ? ? 2.417 ? ? 
metalc2 metalc ? ? A SER 89  O   ? ? ? 1_555 B CA  . CA ? ? A SER 89  A CA  201 1_555 ? ? ? ? ? ? ? 2.463 ? ? 
metalc3 metalc ? ? A GLU 94  OE1 ? ? ? 1_555 B CA  . CA ? ? A GLU 94  A CA  201 1_555 ? ? ? ? ? ? ? 2.494 ? ? 
metalc4 metalc ? ? A GLU 94  OE2 ? ? ? 1_555 B CA  . CA ? ? A GLU 94  A CA  201 1_555 ? ? ? ? ? ? ? 2.466 ? ? 
metalc5 metalc ? ? A THR 153 O   ? ? ? 1_555 B CA  . CA ? ? A THR 153 A CA  201 1_555 ? ? ? ? ? ? ? 2.431 ? ? 
metalc6 metalc ? ? A THR 153 OG1 ? ? ? 1_555 B CA  . CA ? ? A THR 153 A CA  201 1_555 ? ? ? ? ? ? ? 2.430 ? ? 
metalc7 metalc ? ? B CA  .   CA  ? ? ? 1_555 C HOH . O  ? ? A CA  201 A HOH 319 1_555 ? ? ? ? ? ? ? 2.466 ? ? 
metalc8 metalc ? ? B CA  .   CA  ? ? ? 1_555 C HOH . O  ? ? A CA  201 A HOH 353 1_555 ? ? ? ? ? ? ? 2.500 ? ? 
# 
_struct_conn_type.id          metalc 
_struct_conn_type.criteria    ? 
_struct_conn_type.reference   ? 
# 
loop_
_pdbx_struct_conn_angle.id 
_pdbx_struct_conn_angle.ptnr1_label_atom_id 
_pdbx_struct_conn_angle.ptnr1_label_alt_id 
_pdbx_struct_conn_angle.ptnr1_label_asym_id 
_pdbx_struct_conn_angle.ptnr1_label_comp_id 
_pdbx_struct_conn_angle.ptnr1_label_seq_id 
_pdbx_struct_conn_angle.ptnr1_auth_atom_id 
_pdbx_struct_conn_angle.ptnr1_auth_asym_id 
_pdbx_struct_conn_angle.ptnr1_auth_comp_id 
_pdbx_struct_conn_angle.ptnr1_auth_seq_id 
_pdbx_struct_conn_angle.ptnr1_PDB_ins_code 
_pdbx_struct_conn_angle.ptnr1_symmetry 
_pdbx_struct_conn_angle.ptnr2_label_atom_id 
_pdbx_struct_conn_angle.ptnr2_label_alt_id 
_pdbx_struct_conn_angle.ptnr2_label_asym_id 
_pdbx_struct_conn_angle.ptnr2_label_comp_id 
_pdbx_struct_conn_angle.ptnr2_label_seq_id 
_pdbx_struct_conn_angle.ptnr2_auth_atom_id 
_pdbx_struct_conn_angle.ptnr2_auth_asym_id 
_pdbx_struct_conn_angle.ptnr2_auth_comp_id 
_pdbx_struct_conn_angle.ptnr2_auth_seq_id 
_pdbx_struct_conn_angle.ptnr2_PDB_ins_code 
_pdbx_struct_conn_angle.ptnr2_symmetry 
_pdbx_struct_conn_angle.ptnr3_label_atom_id 
_pdbx_struct_conn_angle.ptnr3_label_alt_id 
_pdbx_struct_conn_angle.ptnr3_label_asym_id 
_pdbx_struct_conn_angle.ptnr3_label_comp_id 
_pdbx_struct_conn_angle.ptnr3_label_seq_id 
_pdbx_struct_conn_angle.ptnr3_auth_atom_id 
_pdbx_struct_conn_angle.ptnr3_auth_asym_id 
_pdbx_struct_conn_angle.ptnr3_auth_comp_id 
_pdbx_struct_conn_angle.ptnr3_auth_seq_id 
_pdbx_struct_conn_angle.ptnr3_PDB_ins_code 
_pdbx_struct_conn_angle.ptnr3_symmetry 
_pdbx_struct_conn_angle.value 
_pdbx_struct_conn_angle.value_esd 
1  OD1 ? A ASP 87  ? A ASP 87  ? 1_555 CA ? B CA . ? A CA 201 ? 1_555 O   ? A SER 89  ? A SER 89  ? 1_555 75.8  ? 
2  OD1 ? A ASP 87  ? A ASP 87  ? 1_555 CA ? B CA . ? A CA 201 ? 1_555 OE1 ? A GLU 94  ? A GLU 94  ? 1_555 77.1  ? 
3  O   ? A SER 89  ? A SER 89  ? 1_555 CA ? B CA . ? A CA 201 ? 1_555 OE1 ? A GLU 94  ? A GLU 94  ? 1_555 100.8 ? 
4  OD1 ? A ASP 87  ? A ASP 87  ? 1_555 CA ? B CA . ? A CA 201 ? 1_555 OE2 ? A GLU 94  ? A GLU 94  ? 1_555 112.7 ? 
5  O   ? A SER 89  ? A SER 89  ? 1_555 CA ? B CA . ? A CA 201 ? 1_555 OE2 ? A GLU 94  ? A GLU 94  ? 1_555 74.0  ? 
6  OE1 ? A GLU 94  ? A GLU 94  ? 1_555 CA ? B CA . ? A CA 201 ? 1_555 OE2 ? A GLU 94  ? A GLU 94  ? 1_555 52.4  ? 
7  OD1 ? A ASP 87  ? A ASP 87  ? 1_555 CA ? B CA . ? A CA 201 ? 1_555 O   ? A THR 153 ? A THR 153 ? 1_555 145.2 ? 
8  O   ? A SER 89  ? A SER 89  ? 1_555 CA ? B CA . ? A CA 201 ? 1_555 O   ? A THR 153 ? A THR 153 ? 1_555 138.8 ? 
9  OE1 ? A GLU 94  ? A GLU 94  ? 1_555 CA ? B CA . ? A CA 201 ? 1_555 O   ? A THR 153 ? A THR 153 ? 1_555 89.1  ? 
10 OE2 ? A GLU 94  ? A GLU 94  ? 1_555 CA ? B CA . ? A CA 201 ? 1_555 O   ? A THR 153 ? A THR 153 ? 1_555 81.4  ? 
11 OD1 ? A ASP 87  ? A ASP 87  ? 1_555 CA ? B CA . ? A CA 201 ? 1_555 OG1 ? A THR 153 ? A THR 153 ? 1_555 140.5 ? 
12 O   ? A SER 89  ? A SER 89  ? 1_555 CA ? B CA . ? A CA 201 ? 1_555 OG1 ? A THR 153 ? A THR 153 ? 1_555 73.0  ? 
13 OE1 ? A GLU 94  ? A GLU 94  ? 1_555 CA ? B CA . ? A CA 201 ? 1_555 OG1 ? A THR 153 ? A THR 153 ? 1_555 132.1 ? 
14 OE2 ? A GLU 94  ? A GLU 94  ? 1_555 CA ? B CA . ? A CA 201 ? 1_555 OG1 ? A THR 153 ? A THR 153 ? 1_555 81.1  ? 
15 O   ? A THR 153 ? A THR 153 ? 1_555 CA ? B CA . ? A CA 201 ? 1_555 OG1 ? A THR 153 ? A THR 153 ? 1_555 71.0  ? 
16 OD1 ? A ASP 87  ? A ASP 87  ? 1_555 CA ? B CA . ? A CA 201 ? 1_555 O   ? C HOH .   ? A HOH 319 ? 1_555 75.9  ? 
17 O   ? A SER 89  ? A SER 89  ? 1_555 CA ? B CA . ? A CA 201 ? 1_555 O   ? C HOH .   ? A HOH 319 ? 1_555 85.5  ? 
18 OE1 ? A GLU 94  ? A GLU 94  ? 1_555 CA ? B CA . ? A CA 201 ? 1_555 O   ? C HOH .   ? A HOH 319 ? 1_555 149.7 ? 
19 OE2 ? A GLU 94  ? A GLU 94  ? 1_555 CA ? B CA . ? A CA 201 ? 1_555 O   ? C HOH .   ? A HOH 319 ? 1_555 154.3 ? 
20 O   ? A THR 153 ? A THR 153 ? 1_555 CA ? B CA . ? A CA 201 ? 1_555 O   ? C HOH .   ? A HOH 319 ? 1_555 105.7 ? 
21 OG1 ? A THR 153 ? A THR 153 ? 1_555 CA ? B CA . ? A CA 201 ? 1_555 O   ? C HOH .   ? A HOH 319 ? 1_555 78.1  ? 
22 OD1 ? A ASP 87  ? A ASP 87  ? 1_555 CA ? B CA . ? A CA 201 ? 1_555 O   ? C HOH .   ? A HOH 353 ? 1_555 73.1  ? 
23 O   ? A SER 89  ? A SER 89  ? 1_555 CA ? B CA . ? A CA 201 ? 1_555 O   ? C HOH .   ? A HOH 353 ? 1_555 146.2 ? 
24 OE1 ? A GLU 94  ? A GLU 94  ? 1_555 CA ? B CA . ? A CA 201 ? 1_555 O   ? C HOH .   ? A HOH 353 ? 1_555 84.9  ? 
25 OE2 ? A GLU 94  ? A GLU 94  ? 1_555 CA ? B CA . ? A CA 201 ? 1_555 O   ? C HOH .   ? A HOH 353 ? 1_555 130.8 ? 
26 O   ? A THR 153 ? A THR 153 ? 1_555 CA ? B CA . ? A CA 201 ? 1_555 O   ? C HOH .   ? A HOH 353 ? 1_555 73.9  ? 
27 OG1 ? A THR 153 ? A THR 153 ? 1_555 CA ? B CA . ? A CA 201 ? 1_555 O   ? C HOH .   ? A HOH 353 ? 1_555 126.8 ? 
28 O   ? C HOH .   ? A HOH 319 ? 1_555 CA ? B CA . ? A CA 201 ? 1_555 O   ? C HOH .   ? A HOH 353 ? 1_555 74.4  ? 
# 
loop_
_struct_mon_prot_cis.pdbx_id 
_struct_mon_prot_cis.label_comp_id 
_struct_mon_prot_cis.label_seq_id 
_struct_mon_prot_cis.label_asym_id 
_struct_mon_prot_cis.label_alt_id 
_struct_mon_prot_cis.pdbx_PDB_ins_code 
_struct_mon_prot_cis.auth_comp_id 
_struct_mon_prot_cis.auth_seq_id 
_struct_mon_prot_cis.auth_asym_id 
_struct_mon_prot_cis.pdbx_label_comp_id_2 
_struct_mon_prot_cis.pdbx_label_seq_id_2 
_struct_mon_prot_cis.pdbx_label_asym_id_2 
_struct_mon_prot_cis.pdbx_PDB_ins_code_2 
_struct_mon_prot_cis.pdbx_auth_comp_id_2 
_struct_mon_prot_cis.pdbx_auth_seq_id_2 
_struct_mon_prot_cis.pdbx_auth_asym_id_2 
_struct_mon_prot_cis.pdbx_PDB_model_num 
_struct_mon_prot_cis.pdbx_omega_angle 
1 SER 89 A . ? SER 89 A PRO 90 A ? PRO 90 A 1 7.04  
2 ALA 92 A . ? ALA 92 A PRO 93 A ? PRO 93 A 1 -5.37 
# 
loop_
_struct_sheet.id 
_struct_sheet.type 
_struct_sheet.number_strands 
_struct_sheet.details 
AA1 ? 4 ? 
AA2 ? 4 ? 
AA3 ? 5 ? 
# 
loop_
_struct_sheet_order.sheet_id 
_struct_sheet_order.range_id_1 
_struct_sheet_order.range_id_2 
_struct_sheet_order.offset 
_struct_sheet_order.sense 
AA1 1 2 ? anti-parallel 
AA1 2 3 ? anti-parallel 
AA1 3 4 ? anti-parallel 
AA2 1 2 ? anti-parallel 
AA2 2 3 ? anti-parallel 
AA2 3 4 ? anti-parallel 
AA3 1 2 ? anti-parallel 
AA3 2 3 ? anti-parallel 
AA3 3 4 ? anti-parallel 
AA3 4 5 ? anti-parallel 
# 
loop_
_struct_sheet_range.sheet_id 
_struct_sheet_range.id 
_struct_sheet_range.beg_label_comp_id 
_struct_sheet_range.beg_label_asym_id 
_struct_sheet_range.beg_label_seq_id 
_struct_sheet_range.pdbx_beg_PDB_ins_code 
_struct_sheet_range.end_label_comp_id 
_struct_sheet_range.end_label_asym_id 
_struct_sheet_range.end_label_seq_id 
_struct_sheet_range.pdbx_end_PDB_ins_code 
_struct_sheet_range.beg_auth_comp_id 
_struct_sheet_range.beg_auth_asym_id 
_struct_sheet_range.beg_auth_seq_id 
_struct_sheet_range.end_auth_comp_id 
_struct_sheet_range.end_auth_asym_id 
_struct_sheet_range.end_auth_seq_id 
AA1 1 GLN A 34  ? PHE A 35  ? GLN A 34  PHE A 35  
AA1 2 ASP A 155 ? ILE A 166 ? ASP A 155 ILE A 166 
AA1 3 PHE A 24  ? ASN A 29  ? PHE A 24  ASN A 29  
AA1 4 ILE A 58  ? ASN A 59  ? ILE A 58  ASN A 59  
AA2 1 GLN A 34  ? PHE A 35  ? GLN A 34  PHE A 35  
AA2 2 ASP A 155 ? ILE A 166 ? ASP A 155 ILE A 166 
AA2 3 GLY A 74  ? LEU A 86  ? GLY A 74  LEU A 86  
AA2 4 GLU A 125 ? LEU A 137 ? GLU A 125 LEU A 137 
AA3 1 THR A 61  ? SER A 63  ? THR A 61  SER A 63  
AA3 2 ILE A 68  ? ILE A 70  ? ILE A 68  ILE A 70  
AA3 3 LEU A 142 ? ILE A 151 ? LEU A 142 ILE A 151 
AA3 4 ALA A 95  ? LEU A 102 ? ALA A 95  LEU A 102 
AA3 5 THR A 114 ? ARG A 117 ? THR A 114 ARG A 117 
# 
loop_
_pdbx_struct_sheet_hbond.sheet_id 
_pdbx_struct_sheet_hbond.range_id_1 
_pdbx_struct_sheet_hbond.range_id_2 
_pdbx_struct_sheet_hbond.range_1_label_atom_id 
_pdbx_struct_sheet_hbond.range_1_label_comp_id 
_pdbx_struct_sheet_hbond.range_1_label_asym_id 
_pdbx_struct_sheet_hbond.range_1_label_seq_id 
_pdbx_struct_sheet_hbond.range_1_PDB_ins_code 
_pdbx_struct_sheet_hbond.range_1_auth_atom_id 
_pdbx_struct_sheet_hbond.range_1_auth_comp_id 
_pdbx_struct_sheet_hbond.range_1_auth_asym_id 
_pdbx_struct_sheet_hbond.range_1_auth_seq_id 
_pdbx_struct_sheet_hbond.range_2_label_atom_id 
_pdbx_struct_sheet_hbond.range_2_label_comp_id 
_pdbx_struct_sheet_hbond.range_2_label_asym_id 
_pdbx_struct_sheet_hbond.range_2_label_seq_id 
_pdbx_struct_sheet_hbond.range_2_PDB_ins_code 
_pdbx_struct_sheet_hbond.range_2_auth_atom_id 
_pdbx_struct_sheet_hbond.range_2_auth_comp_id 
_pdbx_struct_sheet_hbond.range_2_auth_asym_id 
_pdbx_struct_sheet_hbond.range_2_auth_seq_id 
AA1 1 2 N GLN A 34  ? N GLN A 34  O ILE A 156 ? O ILE A 156 
AA1 2 3 O ALA A 159 ? O ALA A 159 N ASN A 29  ? N ASN A 29  
AA1 3 4 N PHE A 24  ? N PHE A 24  O ASN A 59  ? O ASN A 59  
AA2 1 2 N GLN A 34  ? N GLN A 34  O ILE A 156 ? O ILE A 156 
AA2 2 3 O ASP A 155 ? O ASP A 155 N SER A 85  ? N SER A 85  
AA2 3 4 N ILE A 84  ? N ILE A 84  O ASP A 127 ? O ASP A 127 
AA3 1 2 N VAL A 62  ? N VAL A 62  O ARG A 69  ? O ARG A 69  
AA3 2 3 N ILE A 68  ? N ILE A 68  O ILE A 143 ? O ILE A 143 
AA3 3 4 O VAL A 146 ? O VAL A 146 N PHE A 99  ? N PHE A 99  
AA3 4 5 N PHE A 98  ? N PHE A 98  O THR A 114 ? O THR A 114 
# 
loop_
_pdbx_struct_special_symmetry.id 
_pdbx_struct_special_symmetry.PDB_model_num 
_pdbx_struct_special_symmetry.auth_asym_id 
_pdbx_struct_special_symmetry.auth_comp_id 
_pdbx_struct_special_symmetry.auth_seq_id 
_pdbx_struct_special_symmetry.PDB_ins_code 
_pdbx_struct_special_symmetry.label_asym_id 
_pdbx_struct_special_symmetry.label_comp_id 
_pdbx_struct_special_symmetry.label_seq_id 
1 1 A HOH 301 ? C HOH . 
2 1 A HOH 341 ? C HOH . 
3 1 A HOH 346 ? C HOH . 
# 
loop_
_space_group_symop.id 
_space_group_symop.operation_xyz 
1  x,y,z               
2  z,x,y               
3  y,z,x               
4  -y,-z,x             
5  z,-x,-y             
6  -y,z,-x             
7  -z,-x,y             
8  -z,x,-y             
9  y,-z,-x             
10 x,-y,-z             
11 -x,y,-z             
12 -x,-y,z             
13 x+1/2,y+1/2,z+1/2   
14 z+1/2,x+1/2,y+1/2   
15 y+1/2,z+1/2,x+1/2   
16 -y+1/2,-z+1/2,x+1/2 
17 z+1/2,-x+1/2,-y+1/2 
18 -y+1/2,z+1/2,-x+1/2 
19 -z+1/2,-x+1/2,y+1/2 
20 -z+1/2,x+1/2,-y+1/2 
21 y+1/2,-z+1/2,-x+1/2 
22 x+1/2,-y+1/2,-z+1/2 
23 -x+1/2,y+1/2,-z+1/2 
24 -x+1/2,-y+1/2,z+1/2 
# 
_pdbx_entry_details.entry_id                 8D02 
_pdbx_entry_details.has_ligand_of_interest   N 
_pdbx_entry_details.compound_details         ? 
_pdbx_entry_details.source_details           ? 
_pdbx_entry_details.nonpolymer_details       ? 
_pdbx_entry_details.sequence_details         ? 
# 
loop_
_pdbx_unobs_or_zero_occ_residues.id 
_pdbx_unobs_or_zero_occ_residues.PDB_model_num 
_pdbx_unobs_or_zero_occ_residues.polymer_flag 
_pdbx_unobs_or_zero_occ_residues.occupancy_flag 
_pdbx_unobs_or_zero_occ_residues.auth_asym_id 
_pdbx_unobs_or_zero_occ_residues.auth_comp_id 
_pdbx_unobs_or_zero_occ_residues.auth_seq_id 
_pdbx_unobs_or_zero_occ_residues.PDB_ins_code 
_pdbx_unobs_or_zero_occ_residues.label_asym_id 
_pdbx_unobs_or_zero_occ_residues.label_comp_id 
_pdbx_unobs_or_zero_occ_residues.label_seq_id 
1  1 Y 1 A MET 1  ? A MET 1  
2  1 Y 1 A PHE 2  ? A PHE 2  
3  1 Y 1 A SER 3  ? A SER 3  
4  1 Y 1 A SER 4  ? A SER 4  
5  1 Y 1 A ASP 5  ? A ASP 5  
6  1 Y 1 A CYS 6  ? A CYS 6  
7  1 Y 1 A GLU 7  ? A GLU 7  
8  1 Y 1 A PHE 8  ? A PHE 8  
9  1 Y 1 A THR 9  ? A THR 9  
10 1 Y 1 A LYS 10 ? A LYS 10 
11 1 Y 1 A ILE 11 ? A ILE 11 
12 1 Y 1 A ASP 12 ? A ASP 12 
13 1 Y 1 A CYS 13 ? A CYS 13 
14 1 Y 1 A GLU 14 ? A GLU 14 
15 1 Y 1 A ALA 15 ? A ALA 15 
16 1 Y 1 A LYS 16 ? A LYS 16 
17 1 Y 1 A PRO 17 ? A PRO 17 
18 1 Y 1 A ALA 18 ? A ALA 18 
19 1 Y 1 A SER 19 ? A SER 19 
# 
loop_
_chem_comp_atom.comp_id 
_chem_comp_atom.atom_id 
_chem_comp_atom.type_symbol 
_chem_comp_atom.pdbx_aromatic_flag 
_chem_comp_atom.pdbx_stereo_config 
_chem_comp_atom.pdbx_ordinal 
ALA N    N  N N 1   
ALA CA   C  N S 2   
ALA C    C  N N 3   
ALA O    O  N N 4   
ALA CB   C  N N 5   
ALA OXT  O  N N 6   
ALA H    H  N N 7   
ALA H2   H  N N 8   
ALA HA   H  N N 9   
ALA HB1  H  N N 10  
ALA HB2  H  N N 11  
ALA HB3  H  N N 12  
ALA HXT  H  N N 13  
ARG N    N  N N 14  
ARG CA   C  N S 15  
ARG C    C  N N 16  
ARG O    O  N N 17  
ARG CB   C  N N 18  
ARG CG   C  N N 19  
ARG CD   C  N N 20  
ARG NE   N  N N 21  
ARG CZ   C  N N 22  
ARG NH1  N  N N 23  
ARG NH2  N  N N 24  
ARG OXT  O  N N 25  
ARG H    H  N N 26  
ARG H2   H  N N 27  
ARG HA   H  N N 28  
ARG HB2  H  N N 29  
ARG HB3  H  N N 30  
ARG HG2  H  N N 31  
ARG HG3  H  N N 32  
ARG HD2  H  N N 33  
ARG HD3  H  N N 34  
ARG HE   H  N N 35  
ARG HH11 H  N N 36  
ARG HH12 H  N N 37  
ARG HH21 H  N N 38  
ARG HH22 H  N N 39  
ARG HXT  H  N N 40  
ASN N    N  N N 41  
ASN CA   C  N S 42  
ASN C    C  N N 43  
ASN O    O  N N 44  
ASN CB   C  N N 45  
ASN CG   C  N N 46  
ASN OD1  O  N N 47  
ASN ND2  N  N N 48  
ASN OXT  O  N N 49  
ASN H    H  N N 50  
ASN H2   H  N N 51  
ASN HA   H  N N 52  
ASN HB2  H  N N 53  
ASN HB3  H  N N 54  
ASN HD21 H  N N 55  
ASN HD22 H  N N 56  
ASN HXT  H  N N 57  
ASP N    N  N N 58  
ASP CA   C  N S 59  
ASP C    C  N N 60  
ASP O    O  N N 61  
ASP CB   C  N N 62  
ASP CG   C  N N 63  
ASP OD1  O  N N 64  
ASP OD2  O  N N 65  
ASP OXT  O  N N 66  
ASP H    H  N N 67  
ASP H2   H  N N 68  
ASP HA   H  N N 69  
ASP HB2  H  N N 70  
ASP HB3  H  N N 71  
ASP HD2  H  N N 72  
ASP HXT  H  N N 73  
CA  CA   CA N N 74  
CYS N    N  N N 75  
CYS CA   C  N R 76  
CYS C    C  N N 77  
CYS O    O  N N 78  
CYS CB   C  N N 79  
CYS SG   S  N N 80  
CYS OXT  O  N N 81  
CYS H    H  N N 82  
CYS H2   H  N N 83  
CYS HA   H  N N 84  
CYS HB2  H  N N 85  
CYS HB3  H  N N 86  
CYS HG   H  N N 87  
CYS HXT  H  N N 88  
GLN N    N  N N 89  
GLN CA   C  N S 90  
GLN C    C  N N 91  
GLN O    O  N N 92  
GLN CB   C  N N 93  
GLN CG   C  N N 94  
GLN CD   C  N N 95  
GLN OE1  O  N N 96  
GLN NE2  N  N N 97  
GLN OXT  O  N N 98  
GLN H    H  N N 99  
GLN H2   H  N N 100 
GLN HA   H  N N 101 
GLN HB2  H  N N 102 
GLN HB3  H  N N 103 
GLN HG2  H  N N 104 
GLN HG3  H  N N 105 
GLN HE21 H  N N 106 
GLN HE22 H  N N 107 
GLN HXT  H  N N 108 
GLU N    N  N N 109 
GLU CA   C  N S 110 
GLU C    C  N N 111 
GLU O    O  N N 112 
GLU CB   C  N N 113 
GLU CG   C  N N 114 
GLU CD   C  N N 115 
GLU OE1  O  N N 116 
GLU OE2  O  N N 117 
GLU OXT  O  N N 118 
GLU H    H  N N 119 
GLU H2   H  N N 120 
GLU HA   H  N N 121 
GLU HB2  H  N N 122 
GLU HB3  H  N N 123 
GLU HG2  H  N N 124 
GLU HG3  H  N N 125 
GLU HE2  H  N N 126 
GLU HXT  H  N N 127 
GLY N    N  N N 128 
GLY CA   C  N N 129 
GLY C    C  N N 130 
GLY O    O  N N 131 
GLY OXT  O  N N 132 
GLY H    H  N N 133 
GLY H2   H  N N 134 
GLY HA2  H  N N 135 
GLY HA3  H  N N 136 
GLY HXT  H  N N 137 
HOH O    O  N N 138 
HOH H1   H  N N 139 
HOH H2   H  N N 140 
ILE N    N  N N 141 
ILE CA   C  N S 142 
ILE C    C  N N 143 
ILE O    O  N N 144 
ILE CB   C  N S 145 
ILE CG1  C  N N 146 
ILE CG2  C  N N 147 
ILE CD1  C  N N 148 
ILE OXT  O  N N 149 
ILE H    H  N N 150 
ILE H2   H  N N 151 
ILE HA   H  N N 152 
ILE HB   H  N N 153 
ILE HG12 H  N N 154 
ILE HG13 H  N N 155 
ILE HG21 H  N N 156 
ILE HG22 H  N N 157 
ILE HG23 H  N N 158 
ILE HD11 H  N N 159 
ILE HD12 H  N N 160 
ILE HD13 H  N N 161 
ILE HXT  H  N N 162 
LEU N    N  N N 163 
LEU CA   C  N S 164 
LEU C    C  N N 165 
LEU O    O  N N 166 
LEU CB   C  N N 167 
LEU CG   C  N N 168 
LEU CD1  C  N N 169 
LEU CD2  C  N N 170 
LEU OXT  O  N N 171 
LEU H    H  N N 172 
LEU H2   H  N N 173 
LEU HA   H  N N 174 
LEU HB2  H  N N 175 
LEU HB3  H  N N 176 
LEU HG   H  N N 177 
LEU HD11 H  N N 178 
LEU HD12 H  N N 179 
LEU HD13 H  N N 180 
LEU HD21 H  N N 181 
LEU HD22 H  N N 182 
LEU HD23 H  N N 183 
LEU HXT  H  N N 184 
LYS N    N  N N 185 
LYS CA   C  N S 186 
LYS C    C  N N 187 
LYS O    O  N N 188 
LYS CB   C  N N 189 
LYS CG   C  N N 190 
LYS CD   C  N N 191 
LYS CE   C  N N 192 
LYS NZ   N  N N 193 
LYS OXT  O  N N 194 
LYS H    H  N N 195 
LYS H2   H  N N 196 
LYS HA   H  N N 197 
LYS HB2  H  N N 198 
LYS HB3  H  N N 199 
LYS HG2  H  N N 200 
LYS HG3  H  N N 201 
LYS HD2  H  N N 202 
LYS HD3  H  N N 203 
LYS HE2  H  N N 204 
LYS HE3  H  N N 205 
LYS HZ1  H  N N 206 
LYS HZ2  H  N N 207 
LYS HZ3  H  N N 208 
LYS HXT  H  N N 209 
MET N    N  N N 210 
MET CA   C  N S 211 
MET C    C  N N 212 
MET O    O  N N 213 
MET CB   C  N N 214 
MET CG   C  N N 215 
MET SD   S  N N 216 
MET CE   C  N N 217 
MET OXT  O  N N 218 
MET H    H  N N 219 
MET H2   H  N N 220 
MET HA   H  N N 221 
MET HB2  H  N N 222 
MET HB3  H  N N 223 
MET HG2  H  N N 224 
MET HG3  H  N N 225 
MET HE1  H  N N 226 
MET HE2  H  N N 227 
MET HE3  H  N N 228 
MET HXT  H  N N 229 
PHE N    N  N N 230 
PHE CA   C  N S 231 
PHE C    C  N N 232 
PHE O    O  N N 233 
PHE CB   C  N N 234 
PHE CG   C  Y N 235 
PHE CD1  C  Y N 236 
PHE CD2  C  Y N 237 
PHE CE1  C  Y N 238 
PHE CE2  C  Y N 239 
PHE CZ   C  Y N 240 
PHE OXT  O  N N 241 
PHE H    H  N N 242 
PHE H2   H  N N 243 
PHE HA   H  N N 244 
PHE HB2  H  N N 245 
PHE HB3  H  N N 246 
PHE HD1  H  N N 247 
PHE HD2  H  N N 248 
PHE HE1  H  N N 249 
PHE HE2  H  N N 250 
PHE HZ   H  N N 251 
PHE HXT  H  N N 252 
PRO N    N  N N 253 
PRO CA   C  N S 254 
PRO C    C  N N 255 
PRO O    O  N N 256 
PRO CB   C  N N 257 
PRO CG   C  N N 258 
PRO CD   C  N N 259 
PRO OXT  O  N N 260 
PRO H    H  N N 261 
PRO HA   H  N N 262 
PRO HB2  H  N N 263 
PRO HB3  H  N N 264 
PRO HG2  H  N N 265 
PRO HG3  H  N N 266 
PRO HD2  H  N N 267 
PRO HD3  H  N N 268 
PRO HXT  H  N N 269 
SER N    N  N N 270 
SER CA   C  N S 271 
SER C    C  N N 272 
SER O    O  N N 273 
SER CB   C  N N 274 
SER OG   O  N N 275 
SER OXT  O  N N 276 
SER H    H  N N 277 
SER H2   H  N N 278 
SER HA   H  N N 279 
SER HB2  H  N N 280 
SER HB3  H  N N 281 
SER HG   H  N N 282 
SER HXT  H  N N 283 
THR N    N  N N 284 
THR CA   C  N S 285 
THR C    C  N N 286 
THR O    O  N N 287 
THR CB   C  N R 288 
THR OG1  O  N N 289 
THR CG2  C  N N 290 
THR OXT  O  N N 291 
THR H    H  N N 292 
THR H2   H  N N 293 
THR HA   H  N N 294 
THR HB   H  N N 295 
THR HG1  H  N N 296 
THR HG21 H  N N 297 
THR HG22 H  N N 298 
THR HG23 H  N N 299 
THR HXT  H  N N 300 
TYR N    N  N N 301 
TYR CA   C  N S 302 
TYR C    C  N N 303 
TYR O    O  N N 304 
TYR CB   C  N N 305 
TYR CG   C  Y N 306 
TYR CD1  C  Y N 307 
TYR CD2  C  Y N 308 
TYR CE1  C  Y N 309 
TYR CE2  C  Y N 310 
TYR CZ   C  Y N 311 
TYR OH   O  N N 312 
TYR OXT  O  N N 313 
TYR H    H  N N 314 
TYR H2   H  N N 315 
TYR HA   H  N N 316 
TYR HB2  H  N N 317 
TYR HB3  H  N N 318 
TYR HD1  H  N N 319 
TYR HD2  H  N N 320 
TYR HE1  H  N N 321 
TYR HE2  H  N N 322 
TYR HH   H  N N 323 
TYR HXT  H  N N 324 
VAL N    N  N N 325 
VAL CA   C  N S 326 
VAL C    C  N N 327 
VAL O    O  N N 328 
VAL CB   C  N N 329 
VAL CG1  C  N N 330 
VAL CG2  C  N N 331 
VAL OXT  O  N N 332 
VAL H    H  N N 333 
VAL H2   H  N N 334 
VAL HA   H  N N 335 
VAL HB   H  N N 336 
VAL HG11 H  N N 337 
VAL HG12 H  N N 338 
VAL HG13 H  N N 339 
VAL HG21 H  N N 340 
VAL HG22 H  N N 341 
VAL HG23 H  N N 342 
VAL HXT  H  N N 343 
# 
loop_
_chem_comp_bond.comp_id 
_chem_comp_bond.atom_id_1 
_chem_comp_bond.atom_id_2 
_chem_comp_bond.value_order 
_chem_comp_bond.pdbx_aromatic_flag 
_chem_comp_bond.pdbx_stereo_config 
_chem_comp_bond.pdbx_ordinal 
ALA N   CA   sing N N 1   
ALA N   H    sing N N 2   
ALA N   H2   sing N N 3   
ALA CA  C    sing N N 4   
ALA CA  CB   sing N N 5   
ALA CA  HA   sing N N 6   
ALA C   O    doub N N 7   
ALA C   OXT  sing N N 8   
ALA CB  HB1  sing N N 9   
ALA CB  HB2  sing N N 10  
ALA CB  HB3  sing N N 11  
ALA OXT HXT  sing N N 12  
ARG N   CA   sing N N 13  
ARG N   H    sing N N 14  
ARG N   H2   sing N N 15  
ARG CA  C    sing N N 16  
ARG CA  CB   sing N N 17  
ARG CA  HA   sing N N 18  
ARG C   O    doub N N 19  
ARG C   OXT  sing N N 20  
ARG CB  CG   sing N N 21  
ARG CB  HB2  sing N N 22  
ARG CB  HB3  sing N N 23  
ARG CG  CD   sing N N 24  
ARG CG  HG2  sing N N 25  
ARG CG  HG3  sing N N 26  
ARG CD  NE   sing N N 27  
ARG CD  HD2  sing N N 28  
ARG CD  HD3  sing N N 29  
ARG NE  CZ   sing N N 30  
ARG NE  HE   sing N N 31  
ARG CZ  NH1  sing N N 32  
ARG CZ  NH2  doub N N 33  
ARG NH1 HH11 sing N N 34  
ARG NH1 HH12 sing N N 35  
ARG NH2 HH21 sing N N 36  
ARG NH2 HH22 sing N N 37  
ARG OXT HXT  sing N N 38  
ASN N   CA   sing N N 39  
ASN N   H    sing N N 40  
ASN N   H2   sing N N 41  
ASN CA  C    sing N N 42  
ASN CA  CB   sing N N 43  
ASN CA  HA   sing N N 44  
ASN C   O    doub N N 45  
ASN C   OXT  sing N N 46  
ASN CB  CG   sing N N 47  
ASN CB  HB2  sing N N 48  
ASN CB  HB3  sing N N 49  
ASN CG  OD1  doub N N 50  
ASN CG  ND2  sing N N 51  
ASN ND2 HD21 sing N N 52  
ASN ND2 HD22 sing N N 53  
ASN OXT HXT  sing N N 54  
ASP N   CA   sing N N 55  
ASP N   H    sing N N 56  
ASP N   H2   sing N N 57  
ASP CA  C    sing N N 58  
ASP CA  CB   sing N N 59  
ASP CA  HA   sing N N 60  
ASP C   O    doub N N 61  
ASP C   OXT  sing N N 62  
ASP CB  CG   sing N N 63  
ASP CB  HB2  sing N N 64  
ASP CB  HB3  sing N N 65  
ASP CG  OD1  doub N N 66  
ASP CG  OD2  sing N N 67  
ASP OD2 HD2  sing N N 68  
ASP OXT HXT  sing N N 69  
CYS N   CA   sing N N 70  
CYS N   H    sing N N 71  
CYS N   H2   sing N N 72  
CYS CA  C    sing N N 73  
CYS CA  CB   sing N N 74  
CYS CA  HA   sing N N 75  
CYS C   O    doub N N 76  
CYS C   OXT  sing N N 77  
CYS CB  SG   sing N N 78  
CYS CB  HB2  sing N N 79  
CYS CB  HB3  sing N N 80  
CYS SG  HG   sing N N 81  
CYS OXT HXT  sing N N 82  
GLN N   CA   sing N N 83  
GLN N   H    sing N N 84  
GLN N   H2   sing N N 85  
GLN CA  C    sing N N 86  
GLN CA  CB   sing N N 87  
GLN CA  HA   sing N N 88  
GLN C   O    doub N N 89  
GLN C   OXT  sing N N 90  
GLN CB  CG   sing N N 91  
GLN CB  HB2  sing N N 92  
GLN CB  HB3  sing N N 93  
GLN CG  CD   sing N N 94  
GLN CG  HG2  sing N N 95  
GLN CG  HG3  sing N N 96  
GLN CD  OE1  doub N N 97  
GLN CD  NE2  sing N N 98  
GLN NE2 HE21 sing N N 99  
GLN NE2 HE22 sing N N 100 
GLN OXT HXT  sing N N 101 
GLU N   CA   sing N N 102 
GLU N   H    sing N N 103 
GLU N   H2   sing N N 104 
GLU CA  C    sing N N 105 
GLU CA  CB   sing N N 106 
GLU CA  HA   sing N N 107 
GLU C   O    doub N N 108 
GLU C   OXT  sing N N 109 
GLU CB  CG   sing N N 110 
GLU CB  HB2  sing N N 111 
GLU CB  HB3  sing N N 112 
GLU CG  CD   sing N N 113 
GLU CG  HG2  sing N N 114 
GLU CG  HG3  sing N N 115 
GLU CD  OE1  doub N N 116 
GLU CD  OE2  sing N N 117 
GLU OE2 HE2  sing N N 118 
GLU OXT HXT  sing N N 119 
GLY N   CA   sing N N 120 
GLY N   H    sing N N 121 
GLY N   H2   sing N N 122 
GLY CA  C    sing N N 123 
GLY CA  HA2  sing N N 124 
GLY CA  HA3  sing N N 125 
GLY C   O    doub N N 126 
GLY C   OXT  sing N N 127 
GLY OXT HXT  sing N N 128 
HOH O   H1   sing N N 129 
HOH O   H2   sing N N 130 
ILE N   CA   sing N N 131 
ILE N   H    sing N N 132 
ILE N   H2   sing N N 133 
ILE CA  C    sing N N 134 
ILE CA  CB   sing N N 135 
ILE CA  HA   sing N N 136 
ILE C   O    doub N N 137 
ILE C   OXT  sing N N 138 
ILE CB  CG1  sing N N 139 
ILE CB  CG2  sing N N 140 
ILE CB  HB   sing N N 141 
ILE CG1 CD1  sing N N 142 
ILE CG1 HG12 sing N N 143 
ILE CG1 HG13 sing N N 144 
ILE CG2 HG21 sing N N 145 
ILE CG2 HG22 sing N N 146 
ILE CG2 HG23 sing N N 147 
ILE CD1 HD11 sing N N 148 
ILE CD1 HD12 sing N N 149 
ILE CD1 HD13 sing N N 150 
ILE OXT HXT  sing N N 151 
LEU N   CA   sing N N 152 
LEU N   H    sing N N 153 
LEU N   H2   sing N N 154 
LEU CA  C    sing N N 155 
LEU CA  CB   sing N N 156 
LEU CA  HA   sing N N 157 
LEU C   O    doub N N 158 
LEU C   OXT  sing N N 159 
LEU CB  CG   sing N N 160 
LEU CB  HB2  sing N N 161 
LEU CB  HB3  sing N N 162 
LEU CG  CD1  sing N N 163 
LEU CG  CD2  sing N N 164 
LEU CG  HG   sing N N 165 
LEU CD1 HD11 sing N N 166 
LEU CD1 HD12 sing N N 167 
LEU CD1 HD13 sing N N 168 
LEU CD2 HD21 sing N N 169 
LEU CD2 HD22 sing N N 170 
LEU CD2 HD23 sing N N 171 
LEU OXT HXT  sing N N 172 
LYS N   CA   sing N N 173 
LYS N   H    sing N N 174 
LYS N   H2   sing N N 175 
LYS CA  C    sing N N 176 
LYS CA  CB   sing N N 177 
LYS CA  HA   sing N N 178 
LYS C   O    doub N N 179 
LYS C   OXT  sing N N 180 
LYS CB  CG   sing N N 181 
LYS CB  HB2  sing N N 182 
LYS CB  HB3  sing N N 183 
LYS CG  CD   sing N N 184 
LYS CG  HG2  sing N N 185 
LYS CG  HG3  sing N N 186 
LYS CD  CE   sing N N 187 
LYS CD  HD2  sing N N 188 
LYS CD  HD3  sing N N 189 
LYS CE  NZ   sing N N 190 
LYS CE  HE2  sing N N 191 
LYS CE  HE3  sing N N 192 
LYS NZ  HZ1  sing N N 193 
LYS NZ  HZ2  sing N N 194 
LYS NZ  HZ3  sing N N 195 
LYS OXT HXT  sing N N 196 
MET N   CA   sing N N 197 
MET N   H    sing N N 198 
MET N   H2   sing N N 199 
MET CA  C    sing N N 200 
MET CA  CB   sing N N 201 
MET CA  HA   sing N N 202 
MET C   O    doub N N 203 
MET C   OXT  sing N N 204 
MET CB  CG   sing N N 205 
MET CB  HB2  sing N N 206 
MET CB  HB3  sing N N 207 
MET CG  SD   sing N N 208 
MET CG  HG2  sing N N 209 
MET CG  HG3  sing N N 210 
MET SD  CE   sing N N 211 
MET CE  HE1  sing N N 212 
MET CE  HE2  sing N N 213 
MET CE  HE3  sing N N 214 
MET OXT HXT  sing N N 215 
PHE N   CA   sing N N 216 
PHE N   H    sing N N 217 
PHE N   H2   sing N N 218 
PHE CA  C    sing N N 219 
PHE CA  CB   sing N N 220 
PHE CA  HA   sing N N 221 
PHE C   O    doub N N 222 
PHE C   OXT  sing N N 223 
PHE CB  CG   sing N N 224 
PHE CB  HB2  sing N N 225 
PHE CB  HB3  sing N N 226 
PHE CG  CD1  doub Y N 227 
PHE CG  CD2  sing Y N 228 
PHE CD1 CE1  sing Y N 229 
PHE CD1 HD1  sing N N 230 
PHE CD2 CE2  doub Y N 231 
PHE CD2 HD2  sing N N 232 
PHE CE1 CZ   doub Y N 233 
PHE CE1 HE1  sing N N 234 
PHE CE2 CZ   sing Y N 235 
PHE CE2 HE2  sing N N 236 
PHE CZ  HZ   sing N N 237 
PHE OXT HXT  sing N N 238 
PRO N   CA   sing N N 239 
PRO N   CD   sing N N 240 
PRO N   H    sing N N 241 
PRO CA  C    sing N N 242 
PRO CA  CB   sing N N 243 
PRO CA  HA   sing N N 244 
PRO C   O    doub N N 245 
PRO C   OXT  sing N N 246 
PRO CB  CG   sing N N 247 
PRO CB  HB2  sing N N 248 
PRO CB  HB3  sing N N 249 
PRO CG  CD   sing N N 250 
PRO CG  HG2  sing N N 251 
PRO CG  HG3  sing N N 252 
PRO CD  HD2  sing N N 253 
PRO CD  HD3  sing N N 254 
PRO OXT HXT  sing N N 255 
SER N   CA   sing N N 256 
SER N   H    sing N N 257 
SER N   H2   sing N N 258 
SER CA  C    sing N N 259 
SER CA  CB   sing N N 260 
SER CA  HA   sing N N 261 
SER C   O    doub N N 262 
SER C   OXT  sing N N 263 
SER CB  OG   sing N N 264 
SER CB  HB2  sing N N 265 
SER CB  HB3  sing N N 266 
SER OG  HG   sing N N 267 
SER OXT HXT  sing N N 268 
THR N   CA   sing N N 269 
THR N   H    sing N N 270 
THR N   H2   sing N N 271 
THR CA  C    sing N N 272 
THR CA  CB   sing N N 273 
THR CA  HA   sing N N 274 
THR C   O    doub N N 275 
THR C   OXT  sing N N 276 
THR CB  OG1  sing N N 277 
THR CB  CG2  sing N N 278 
THR CB  HB   sing N N 279 
THR OG1 HG1  sing N N 280 
THR CG2 HG21 sing N N 281 
THR CG2 HG22 sing N N 282 
THR CG2 HG23 sing N N 283 
THR OXT HXT  sing N N 284 
TYR N   CA   sing N N 285 
TYR N   H    sing N N 286 
TYR N   H2   sing N N 287 
TYR CA  C    sing N N 288 
TYR CA  CB   sing N N 289 
TYR CA  HA   sing N N 290 
TYR C   O    doub N N 291 
TYR C   OXT  sing N N 292 
TYR CB  CG   sing N N 293 
TYR CB  HB2  sing N N 294 
TYR CB  HB3  sing N N 295 
TYR CG  CD1  doub Y N 296 
TYR CG  CD2  sing Y N 297 
TYR CD1 CE1  sing Y N 298 
TYR CD1 HD1  sing N N 299 
TYR CD2 CE2  doub Y N 300 
TYR CD2 HD2  sing N N 301 
TYR CE1 CZ   doub Y N 302 
TYR CE1 HE1  sing N N 303 
TYR CE2 CZ   sing Y N 304 
TYR CE2 HE2  sing N N 305 
TYR CZ  OH   sing N N 306 
TYR OH  HH   sing N N 307 
TYR OXT HXT  sing N N 308 
VAL N   CA   sing N N 309 
VAL N   H    sing N N 310 
VAL N   H2   sing N N 311 
VAL CA  C    sing N N 312 
VAL CA  CB   sing N N 313 
VAL CA  HA   sing N N 314 
VAL C   O    doub N N 315 
VAL C   OXT  sing N N 316 
VAL CB  CG1  sing N N 317 
VAL CB  CG2  sing N N 318 
VAL CB  HB   sing N N 319 
VAL CG1 HG11 sing N N 320 
VAL CG1 HG12 sing N N 321 
VAL CG1 HG13 sing N N 322 
VAL CG2 HG21 sing N N 323 
VAL CG2 HG22 sing N N 324 
VAL CG2 HG23 sing N N 325 
VAL OXT HXT  sing N N 326 
# 
_pdbx_audit_support.funding_organization   
'National Institutes of Health/National Institute Of Allergy and Infectious Diseases (NIH/NIAID)' 
_pdbx_audit_support.country                'United States' 
_pdbx_audit_support.grant_number           'R03  AI146151' 
_pdbx_audit_support.ordinal                1 
# 
_pdbx_initial_refinement_model.accession_code   ? 
_pdbx_initial_refinement_model.id               1 
_pdbx_initial_refinement_model.entity_id_list   ? 
_pdbx_initial_refinement_model.type             'in silico model' 
_pdbx_initial_refinement_model.source_name      Other 
_pdbx_initial_refinement_model.details          'Ab initio/homology Model' 
# 
_space_group.name_H-M_alt     'I 2 3' 
_space_group.name_Hall        'I 2 2 3' 
_space_group.IT_number        197 
_space_group.crystal_system   cubic 
_space_group.id               1 
# 
_atom_sites.entry_id                    8D02 
_atom_sites.Cartn_transf_matrix[1][1]   ? 
_atom_sites.Cartn_transf_matrix[1][2]   ? 
_atom_sites.Cartn_transf_matrix[1][3]   ? 
_atom_sites.Cartn_transf_matrix[2][1]   ? 
_atom_sites.Cartn_transf_matrix[2][2]   ? 
_atom_sites.Cartn_transf_matrix[2][3]   ? 
_atom_sites.Cartn_transf_matrix[3][1]   ? 
_atom_sites.Cartn_transf_matrix[3][2]   ? 
_atom_sites.Cartn_transf_matrix[3][3]   ? 
_atom_sites.Cartn_transf_vector[1]      ? 
_atom_sites.Cartn_transf_vector[2]      ? 
_atom_sites.Cartn_transf_vector[3]      ? 
_atom_sites.fract_transf_matrix[1][1]   -0.00024110 
_atom_sites.fract_transf_matrix[1][2]   -0.00913034 
_atom_sites.fract_transf_matrix[1][3]   0.00409621 
_atom_sites.fract_transf_matrix[2][1]   0.00997960 
_atom_sites.fract_transf_matrix[2][2]   0.00008416 
_atom_sites.fract_transf_matrix[2][3]   0.00077498 
_atom_sites.fract_transf_matrix[3][1]   -0.00074131 
_atom_sites.fract_transf_matrix[3][2]   0.00410243 
_atom_sites.fract_transf_matrix[3][3]   0.00910058 
_atom_sites.fract_transf_vector[1]      0.180352 
_atom_sites.fract_transf_vector[2]      0.222540 
_atom_sites.fract_transf_vector[3]      0.340069 
_atom_sites.solution_primary            ? 
_atom_sites.solution_secondary          ? 
_atom_sites.solution_hydrogens          ? 
_atom_sites.special_details             ? 
# 
loop_
_atom_type.symbol 
_atom_type.scat_dispersion_real 
_atom_type.scat_dispersion_imag 
_atom_type.scat_Cromer_Mann_a1 
_atom_type.scat_Cromer_Mann_a2 
_atom_type.scat_Cromer_Mann_a3 
_atom_type.scat_Cromer_Mann_a4 
_atom_type.scat_Cromer_Mann_b1 
_atom_type.scat_Cromer_Mann_b2 
_atom_type.scat_Cromer_Mann_b3 
_atom_type.scat_Cromer_Mann_b4 
_atom_type.scat_Cromer_Mann_c 
_atom_type.scat_source 
_atom_type.scat_dispersion_source 
C  ? ? 3.54356  2.42580 ? ? 25.62398 1.50364  ? ? 0.0 
;2-Gaussian fit: Grosse-Kunstleve RW, Sauter NK, Adams PD: Newsletter of the IUCr Commission on Crystallographic Computing 2004, 3, 22-31.
;
? 
CA ? ? 16.26893 3.65395 ? ? 3.58509  77.28589 ? ? 0.0 
;2-Gaussian fit: Grosse-Kunstleve RW, Sauter NK, Adams PD: Newsletter of the IUCr Commission on Crystallographic Computing 2004, 3, 22-31.
;
? 
N  ? ? 4.01032  2.96436 ? ? 19.97189 1.75589  ? ? 0.0 
;2-Gaussian fit: Grosse-Kunstleve RW, Sauter NK, Adams PD: Newsletter of the IUCr Commission on Crystallographic Computing 2004, 3, 22-31.
;
? 
O  ? ? 4.49882  3.47563 ? ? 15.80542 1.70748  ? ? 0.0 
;2-Gaussian fit: Grosse-Kunstleve RW, Sauter NK, Adams PD: Newsletter of the IUCr Commission on Crystallographic Computing 2004, 3, 22-31.
;
? 
# 
loop_
_atom_site.group_PDB 
_atom_site.id 
_atom_site.type_symbol 
_atom_site.label_atom_id 
_atom_site.label_alt_id 
_atom_site.label_comp_id 
_atom_site.label_asym_id 
_atom_site.label_entity_id 
_atom_site.label_seq_id 
_atom_site.pdbx_PDB_ins_code 
_atom_site.Cartn_x 
_atom_site.Cartn_y 
_atom_site.Cartn_z 
_atom_site.occupancy 
_atom_site.B_iso_or_equiv 
_atom_site.pdbx_formal_charge 
_atom_site.auth_seq_id 
_atom_site.auth_comp_id 
_atom_site.auth_asym_id 
_atom_site.auth_atom_id 
_atom_site.pdbx_PDB_model_num 
ATOM   1    N  N   . THR A 1 20  ? -11.674 3.686   -25.656 1.00 42.53 ? 20  THR A N   1 
ATOM   2    C  CA  . THR A 1 20  ? -11.068 4.547   -24.639 1.00 36.81 ? 20  THR A CA  1 
ATOM   3    C  C   . THR A 1 20  ? -9.997  3.812   -23.804 1.00 33.26 ? 20  THR A C   1 
ATOM   4    O  O   . THR A 1 20  ? -10.191 2.668   -23.352 1.00 33.59 ? 20  THR A O   1 
ATOM   5    C  CB  . THR A 1 20  ? -12.135 5.138   -23.748 1.00 35.37 ? 20  THR A CB  1 
ATOM   6    N  N   . LEU A 1 21  ? -8.868  4.478   -23.604 1.00 27.19 ? 21  LEU A N   1 
ATOM   7    C  CA  . LEU A 1 21  ? -7.788  3.896   -22.815 1.00 24.04 ? 21  LEU A CA  1 
ATOM   8    C  C   . LEU A 1 21  ? -8.272  3.651   -21.383 1.00 20.75 ? 21  LEU A C   1 
ATOM   9    O  O   . LEU A 1 21  ? -8.982  4.492   -20.815 1.00 20.98 ? 21  LEU A O   1 
ATOM   10   C  CB  . LEU A 1 21  ? -6.620  4.876   -22.793 1.00 30.41 ? 21  LEU A CB  1 
ATOM   11   C  CG  . LEU A 1 21  ? -5.306  4.351   -22.225 1.00 28.39 ? 21  LEU A CG  1 
ATOM   12   C  CD1 . LEU A 1 21  ? -4.685  3.368   -23.211 1.00 31.26 ? 21  LEU A CD1 1 
ATOM   13   C  CD2 . LEU A 1 21  ? -4.363  5.498   -21.937 1.00 35.63 ? 21  LEU A CD2 1 
ATOM   14   N  N   . PRO A 1 22  ? -7.954  2.502   -20.780 1.00 16.07 ? 22  PRO A N   1 
ATOM   15   C  CA  . PRO A 1 22  ? -8.356  2.244   -19.392 1.00 15.53 ? 22  PRO A CA  1 
ATOM   16   C  C   . PRO A 1 22  ? -7.803  3.288   -18.424 1.00 15.62 ? 22  PRO A C   1 
ATOM   17   O  O   . PRO A 1 22  ? -6.680  3.798   -18.582 1.00 16.42 ? 22  PRO A O   1 
ATOM   18   C  CB  . PRO A 1 22  ? -7.749  0.852   -19.130 1.00 17.15 ? 22  PRO A CB  1 
ATOM   19   C  CG  . PRO A 1 22  ? -7.577  0.229   -20.406 1.00 18.30 ? 22  PRO A CG  1 
ATOM   20   C  CD  . PRO A 1 22  ? -7.214  1.357   -21.338 1.00 17.15 ? 22  PRO A CD  1 
ATOM   21   N  N   . ALA A 1 23  ? -8.580  3.574   -17.384 1.00 14.82 ? 23  ALA A N   1 
ATOM   22   C  CA  . ALA A 1 23  ? -8.103  4.420   -16.294 1.00 14.93 ? 23  ALA A CA  1 
ATOM   23   C  C   . ALA A 1 23  ? -7.000  3.685   -15.517 1.00 14.68 ? 23  ALA A C   1 
ATOM   24   O  O   . ALA A 1 23  ? -7.027  2.456   -15.384 1.00 15.23 ? 23  ALA A O   1 
ATOM   25   C  CB  . ALA A 1 23  ? -9.286  4.773   -15.364 1.00 15.23 ? 23  ALA A CB  1 
ATOM   26   N  N   . PHE A 1 24  ? -6.016  4.423   -15.010 1.00 14.13 ? 24  PHE A N   1 
ATOM   27   C  CA  . PHE A 1 24  ? -4.956  3.788   -14.203 1.00 14.07 ? 24  PHE A CA  1 
ATOM   28   C  C   . PHE A 1 24  ? -4.294  4.826   -13.325 1.00 15.18 ? 24  PHE A C   1 
ATOM   29   O  O   . PHE A 1 24  ? -4.404  6.036   -13.541 1.00 14.99 ? 24  PHE A O   1 
ATOM   30   C  CB  . PHE A 1 24  ? -3.930  3.024   -15.075 1.00 15.25 ? 24  PHE A CB  1 
ATOM   31   C  CG  . PHE A 1 24  ? -3.259  3.883   -16.127 1.00 13.52 ? 24  PHE A CG  1 
ATOM   32   C  CD1 . PHE A 1 24  ? -2.194  4.737   -15.830 1.00 15.59 ? 24  PHE A CD1 1 
ATOM   33   C  CD2 . PHE A 1 24  ? -3.722  3.828   -17.417 1.00 14.90 ? 24  PHE A CD2 1 
ATOM   34   C  CE1 . PHE A 1 24  ? -1.613  5.557   -16.834 1.00 15.20 ? 24  PHE A CE1 1 
ATOM   35   C  CE2 . PHE A 1 24  ? -3.132  4.599   -18.427 1.00 15.30 ? 24  PHE A CE2 1 
ATOM   36   C  CZ  . PHE A 1 24  ? -2.079  5.485   -18.103 1.00 15.67 ? 24  PHE A CZ  1 
ATOM   37   N  N   . GLY A 1 25  ? -3.522  4.325   -12.365 1.00 14.76 ? 25  GLY A N   1 
ATOM   38   C  CA  . GLY A 1 25  ? -2.654  5.202   -11.591 1.00 14.87 ? 25  GLY A CA  1 
ATOM   39   C  C   . GLY A 1 25  ? -1.662  4.393   -10.799 1.00 13.42 ? 25  GLY A C   1 
ATOM   40   O  O   . GLY A 1 25  ? -1.932  3.258   -10.396 1.00 14.80 ? 25  GLY A O   1 
ATOM   41   N  N   . PHE A 1 26  ? -0.519  5.011   -10.554 1.00 13.56 ? 26  PHE A N   1 
ATOM   42   C  CA  . PHE A 1 26  ? 0.583   4.376   -9.835  1.00 13.63 ? 26  PHE A CA  1 
ATOM   43   C  C   . PHE A 1 26  ? 1.092   5.387   -8.840  1.00 14.09 ? 26  PHE A C   1 
ATOM   44   O  O   . PHE A 1 26  ? 1.473   6.489   -9.236  1.00 16.68 ? 26  PHE A O   1 
ATOM   45   C  CB  . PHE A 1 26  ? 1.707   3.955   -10.782 1.00 14.92 ? 26  PHE A CB  1 
ATOM   46   C  CG  . PHE A 1 26  ? 2.845   3.231   -10.102 1.00 14.21 ? 26  PHE A CG  1 
ATOM   47   C  CD1 . PHE A 1 26  ? 2.615   2.272   -9.114  1.00 16.67 ? 26  PHE A CD1 1 
ATOM   48   C  CD2 . PHE A 1 26  ? 4.158   3.489   -10.491 1.00 16.47 ? 26  PHE A CD2 1 
ATOM   49   C  CE1 . PHE A 1 26  ? 3.678   1.623   -8.524  1.00 17.69 ? 26  PHE A CE1 1 
ATOM   50   C  CE2 . PHE A 1 26  ? 5.220   2.812   -9.896  1.00 15.95 ? 26  PHE A CE2 1 
ATOM   51   C  CZ  . PHE A 1 26  ? 4.984   1.917   -8.916  1.00 15.29 ? 26  PHE A CZ  1 
ATOM   52   N  N   . ALA A 1 27  ? 1.119   5.024   -7.564  1.00 13.54 ? 27  ALA A N   1 
ATOM   53   C  CA  . ALA A 1 27  ? 1.634   5.887   -6.510  1.00 13.10 ? 27  ALA A CA  1 
ATOM   54   C  C   . ALA A 1 27  ? 2.596   5.073   -5.656  1.00 15.09 ? 27  ALA A C   1 
ATOM   55   O  O   . ALA A 1 27  ? 2.311   3.916   -5.319  1.00 14.84 ? 27  ALA A O   1 
ATOM   56   C  CB  . ALA A 1 27  ? 0.511   6.491   -5.669  1.00 15.68 ? 27  ALA A CB  1 
ATOM   57   N  N   . PHE A 1 28  ? 3.733   5.651   -5.295  1.00 14.78 ? 28  PHE A N   1 
ATOM   58   C  CA  . PHE A 1 28  ? 4.737   4.902   -4.547  1.00 13.06 ? 28  PHE A CA  1 
ATOM   59   C  C   . PHE A 1 28  ? 5.523   5.803   -3.611  1.00 13.41 ? 28  PHE A C   1 
ATOM   60   O  O   . PHE A 1 28  ? 5.540   7.040   -3.731  1.00 14.16 ? 28  PHE A O   1 
ATOM   61   C  CB  . PHE A 1 28  ? 5.633   4.121   -5.504  1.00 14.70 ? 28  PHE A CB  1 
ATOM   62   C  CG  . PHE A 1 28  ? 6.450   4.987   -6.448  1.00 13.70 ? 28  PHE A CG  1 
ATOM   63   C  CD1 . PHE A 1 28  ? 5.933   5.373   -7.690  1.00 14.21 ? 28  PHE A CD1 1 
ATOM   64   C  CD2 . PHE A 1 28  ? 7.755   5.357   -6.127  1.00 14.54 ? 28  PHE A CD2 1 
ATOM   65   C  CE1 . PHE A 1 28  ? 6.711   6.134   -8.581  1.00 15.05 ? 28  PHE A CE1 1 
ATOM   66   C  CE2 . PHE A 1 28  ? 8.518   6.126   -7.037  1.00 15.13 ? 28  PHE A CE2 1 
ATOM   67   C  CZ  . PHE A 1 28  ? 7.969   6.511   -8.226  1.00 14.87 ? 28  PHE A CZ  1 
ATOM   68   N  N   . ASN A 1 29  ? 6.259   5.129   -2.736  1.00 13.43 ? 29  ASN A N   1 
ATOM   69   C  CA  . ASN A 1 29  ? 7.230   5.764   -1.844  1.00 14.70 ? 29  ASN A CA  1 
ATOM   70   C  C   . ASN A 1 29  ? 8.496   4.942   -1.966  1.00 14.08 ? 29  ASN A C   1 
ATOM   71   O  O   . ASN A 1 29  ? 8.550   3.795   -1.506  1.00 15.22 ? 29  ASN A O   1 
ATOM   72   C  CB  . ASN A 1 29  ? 6.718   5.759   -0.412  1.00 15.77 ? 29  ASN A CB  1 
ATOM   73   C  CG  . ASN A 1 29  ? 7.494   6.687   0.451   1.00 20.33 ? 29  ASN A CG  1 
ATOM   74   O  OD1 . ASN A 1 29  ? 8.672   6.976   0.186   1.00 19.69 ? 29  ASN A OD1 1 
ATOM   75   N  ND2 . ASN A 1 29  ? 6.828   7.224   1.455   1.00 20.80 ? 29  ASN A ND2 1 
ATOM   76   N  N   . ALA A 1 30  ? 9.473   5.499   -2.657  1.00 15.19 ? 30  ALA A N   1 
ATOM   77   C  CA  . ALA A 1 30  ? 10.739  4.805   -2.863  1.00 18.64 ? 30  ALA A CA  1 
ATOM   78   C  C   . ALA A 1 30  ? 11.847  5.273   -1.932  1.00 24.33 ? 30  ALA A C   1 
ATOM   79   O  O   . ALA A 1 30  ? 12.786  4.495   -1.707  1.00 33.60 ? 30  ALA A O   1 
ATOM   80   C  CB  . ALA A 1 30  ? 11.197  4.920   -4.336  1.00 17.82 ? 30  ALA A CB  1 
ATOM   81   N  N   . SER A 1 31  ? 11.768  6.482   -1.349  1.00 20.00 ? 31  SER A N   1 
ATOM   82   C  CA  A SER A 1 31  ? 12.962  7.055   -0.726  0.55 26.46 ? 31  SER A CA  1 
ATOM   83   C  CA  B SER A 1 31  ? 12.973  7.012   -0.706  0.45 26.44 ? 31  SER A CA  1 
ATOM   84   C  C   . SER A 1 31  ? 12.698  7.678   0.640   1.00 30.26 ? 31  SER A C   1 
ATOM   85   O  O   . SER A 1 31  ? 13.462  8.548   1.078   1.00 29.37 ? 31  SER A O   1 
ATOM   86   C  CB  A SER A 1 31  ? 13.625  8.088   -1.637  0.55 31.14 ? 31  SER A CB  1 
ATOM   87   C  CB  B SER A 1 31  ? 13.697  7.985   -1.625  0.45 31.10 ? 31  SER A CB  1 
ATOM   88   O  OG  A SER A 1 31  ? 13.902  7.543   -2.914  0.55 30.88 ? 31  SER A OG  1 
ATOM   89   O  OG  B SER A 1 31  ? 12.922  9.156   -1.770  0.45 33.92 ? 31  SER A OG  1 
ATOM   90   N  N   . ALA A 1 32  ? 11.640  7.273   1.328   1.00 20.81 ? 32  ALA A N   1 
ATOM   91   C  CA  . ALA A 1 32  ? 11.337  7.826   2.639   1.00 19.91 ? 32  ALA A CA  1 
ATOM   92   C  C   . ALA A 1 32  ? 10.649  6.768   3.497   1.00 19.08 ? 32  ALA A C   1 
ATOM   93   O  O   . ALA A 1 32  ? 9.413   6.697   3.550   1.00 21.63 ? 32  ALA A O   1 
ATOM   94   C  CB  . ALA A 1 32  ? 10.460  9.062   2.468   1.00 20.59 ? 32  ALA A CB  1 
ATOM   95   N  N   . PRO A 1 33  ? 11.411  5.956   4.216   1.00 17.62 ? 33  PRO A N   1 
ATOM   96   C  CA  . PRO A 1 33  ? 10.803  5.010   5.162   1.00 18.62 ? 33  PRO A CA  1 
ATOM   97   C  C   . PRO A 1 33  ? 9.863   5.677   6.154   1.00 18.06 ? 33  PRO A C   1 
ATOM   98   O  O   . PRO A 1 33  ? 10.028  6.840   6.528   1.00 20.35 ? 33  PRO A O   1 
ATOM   99   C  CB  . PRO A 1 33  ? 12.007  4.361   5.856   1.00 18.64 ? 33  PRO A CB  1 
ATOM   100  C  CG  . PRO A 1 33  ? 13.061  4.459   4.788   1.00 19.31 ? 33  PRO A CG  1 
ATOM   101  C  CD  . PRO A 1 33  ? 12.863  5.771   4.116   1.00 20.90 ? 33  PRO A CD  1 
ATOM   102  N  N   . GLN A 1 34  ? 8.844   4.927   6.558   1.00 15.35 ? 34  GLN A N   1 
ATOM   103  C  CA  . GLN A 1 34  ? 7.831   5.423   7.494   1.00 15.42 ? 34  GLN A CA  1 
ATOM   104  C  C   . GLN A 1 34  ? 7.460   4.266   8.404   1.00 16.35 ? 34  GLN A C   1 
ATOM   105  O  O   . GLN A 1 34  ? 7.405   3.116   7.960   1.00 17.28 ? 34  GLN A O   1 
ATOM   106  C  CB  . GLN A 1 34  ? 6.594   5.936   6.718   1.00 17.40 ? 34  GLN A CB  1 
ATOM   107  C  CG  . GLN A 1 34  ? 5.916   4.835   5.879   1.00 16.69 ? 34  GLN A CG  1 
ATOM   108  C  CD  . GLN A 1 34  ? 4.846   5.342   4.878   1.00 18.46 ? 34  GLN A CD  1 
ATOM   109  O  OE1 . GLN A 1 34  ? 3.850   5.900   5.279   1.00 18.60 ? 34  GLN A OE1 1 
ATOM   110  N  NE2 . GLN A 1 34  ? 5.086   5.138   3.550   1.00 18.90 ? 34  GLN A NE2 1 
ATOM   111  N  N   . PHE A 1 35  ? 7.203   4.541   9.669   1.00 16.46 ? 35  PHE A N   1 
ATOM   112  C  CA  . PHE A 1 35  ? 6.684   3.521   10.553  1.00 15.57 ? 35  PHE A CA  1 
ATOM   113  C  C   . PHE A 1 35  ? 5.177   3.422   10.389  1.00 16.49 ? 35  PHE A C   1 
ATOM   114  O  O   . PHE A 1 35  ? 4.490   4.432   10.165  1.00 22.14 ? 35  PHE A O   1 
ATOM   115  C  CB  . PHE A 1 35  ? 7.038   3.870   12.002  1.00 17.65 ? 35  PHE A CB  1 
ATOM   116  C  CG  . PHE A 1 35  ? 8.449   3.598   12.322  1.00 16.85 ? 35  PHE A CG  1 
ATOM   117  C  CD1 . PHE A 1 35  ? 8.888   2.311   12.555  1.00 18.10 ? 35  PHE A CD1 1 
ATOM   118  C  CD2 . PHE A 1 35  ? 9.370   4.656   12.404  1.00 20.38 ? 35  PHE A CD2 1 
ATOM   119  C  CE1 . PHE A 1 35  ? 10.196  2.038   12.858  1.00 20.58 ? 35  PHE A CE1 1 
ATOM   120  C  CE2 . PHE A 1 35  ? 10.702  4.406   12.705  1.00 20.64 ? 35  PHE A CE2 1 
ATOM   121  C  CZ  . PHE A 1 35  ? 11.111  3.104   12.925  1.00 20.96 ? 35  PHE A CZ  1 
ATOM   122  N  N   . ALA A 1 36  ? 4.668   2.201   10.461  1.00 14.86 ? 36  ALA A N   1 
ATOM   123  C  CA  . ALA A 1 36  ? 3.241   1.936   10.371  1.00 17.10 ? 36  ALA A CA  1 
ATOM   124  C  C   . ALA A 1 36  ? 2.526   2.360   11.654  1.00 15.38 ? 36  ALA A C   1 
ATOM   125  O  O   . ALA A 1 36  ? 3.013   2.115   12.780  1.00 16.31 ? 36  ALA A O   1 
ATOM   126  C  CB  . ALA A 1 36  ? 3.053   0.440   10.072  1.00 16.47 ? 36  ALA A CB  1 
ATOM   127  N  N   . SER A 1 37  ? 1.363   2.996   11.490  1.00 15.13 ? 37  SER A N   1 
ATOM   128  C  CA  . SER A 1 37  ? 0.491   3.352   12.604  1.00 14.57 ? 37  SER A CA  1 
ATOM   129  C  C   . SER A 1 37  ? -0.906  2.828   12.344  1.00 15.00 ? 37  SER A C   1 
ATOM   130  O  O   . SER A 1 37  ? -1.372  2.763   11.182  1.00 15.89 ? 37  SER A O   1 
ATOM   131  C  CB  . SER A 1 37  ? 0.399   4.863   12.660  1.00 16.01 ? 37  SER A CB  1 
ATOM   132  O  OG  . SER A 1 37  ? 1.690   5.366   12.977  1.00 21.32 ? 37  SER A OG  1 
ATOM   133  N  N   . LEU A 1 38  ? -1.629  2.513   13.418  1.00 15.66 ? 38  LEU A N   1 
ATOM   134  C  CA  . LEU A 1 38  ? -2.942  1.907   13.273  1.00 14.61 ? 38  LEU A CA  1 
ATOM   135  C  C   . LEU A 1 38  ? -3.877  2.821   12.476  1.00 16.46 ? 38  LEU A C   1 
ATOM   136  O  O   . LEU A 1 38  ? -4.001  4.018   12.742  1.00 16.99 ? 38  LEU A O   1 
ATOM   137  C  CB  . LEU A 1 38  ? -3.531  1.644   14.649  1.00 15.64 ? 38  LEU A CB  1 
ATOM   138  C  CG  . LEU A 1 38  ? -2.944  0.450   15.395  1.00 15.72 ? 38  LEU A CG  1 
ATOM   139  C  CD1 . LEU A 1 38  ? -3.656  0.365   16.739  1.00 17.10 ? 38  LEU A CD1 1 
ATOM   140  C  CD2 . LEU A 1 38  ? -3.067  -0.861  14.620  1.00 18.26 ? 38  LEU A CD2 1 
ATOM   141  N  N   . PHE A 1 39  ? -4.533  2.238   11.477  1.00 15.66 ? 39  PHE A N   1 
ATOM   142  C  CA  . PHE A 1 39  ? -5.564  2.920   10.704  1.00 16.70 ? 39  PHE A CA  1 
ATOM   143  C  C   . PHE A 1 39  ? -5.079  4.211   10.091  1.00 16.95 ? 39  PHE A C   1 
ATOM   144  O  O   . PHE A 1 39  ? -5.846  5.140   9.832   1.00 19.43 ? 39  PHE A O   1 
ATOM   145  C  CB  . PHE A 1 39  ? -6.894  3.023   11.469  1.00 19.38 ? 39  PHE A CB  1 
ATOM   146  C  CG  . PHE A 1 39  ? -7.450  1.685   11.797  1.00 19.91 ? 39  PHE A CG  1 
ATOM   147  C  CD1 . PHE A 1 39  ? -8.075  0.957   10.793  1.00 22.09 ? 39  PHE A CD1 1 
ATOM   148  C  CD2 . PHE A 1 39  ? -7.303  1.118   13.051  1.00 24.24 ? 39  PHE A CD2 1 
ATOM   149  C  CE1 . PHE A 1 39  ? -8.563  -0.286  11.017  1.00 21.27 ? 39  PHE A CE1 1 
ATOM   150  C  CE2 . PHE A 1 39  ? -7.804  -0.162  13.291  1.00 23.08 ? 39  PHE A CE2 1 
ATOM   151  C  CZ  . PHE A 1 39  ? -8.424  -0.854  12.247  1.00 22.88 ? 39  PHE A CZ  1 
ATOM   152  N  N   . THR A 1 40  ? -3.788  4.268   9.780   1.00 15.77 ? 40  THR A N   1 
ATOM   153  C  CA  . THR A 1 40  ? -3.185  5.455   9.213   1.00 16.19 ? 40  THR A CA  1 
ATOM   154  C  C   . THR A 1 40  ? -2.662  5.116   7.828   1.00 16.54 ? 40  THR A C   1 
ATOM   155  O  O   . THR A 1 40  ? -1.712  4.318   7.706   1.00 16.21 ? 40  THR A O   1 
ATOM   156  C  CB  . THR A 1 40  ? -2.058  5.945   10.110  1.00 17.25 ? 40  THR A CB  1 
ATOM   157  O  OG1 . THR A 1 40  ? -2.598  6.139   11.437  1.00 19.83 ? 40  THR A OG1 1 
ATOM   158  C  CG2 . THR A 1 40  ? -1.420  7.223   9.579   1.00 19.65 ? 40  THR A CG2 1 
ATOM   159  N  N   . PRO A 1 41  ? -3.233  5.649   6.756   1.00 14.95 ? 41  PRO A N   1 
ATOM   160  C  CA  . PRO A 1 41  ? -2.796  5.270   5.405   1.00 14.89 ? 41  PRO A CA  1 
ATOM   161  C  C   . PRO A 1 41  ? -1.326  5.547   5.185   1.00 14.52 ? 41  PRO A C   1 
ATOM   162  O  O   . PRO A 1 41  ? -0.805  6.582   5.612   1.00 17.27 ? 41  PRO A O   1 
ATOM   163  C  CB  . PRO A 1 41  ? -3.698  6.109   4.486   1.00 17.76 ? 41  PRO A CB  1 
ATOM   164  C  CG  . PRO A 1 41  ? -4.969  6.318   5.313   1.00 17.69 ? 41  PRO A CG  1 
ATOM   165  C  CD  . PRO A 1 41  ? -4.467  6.457   6.760   1.00 15.76 ? 41  PRO A CD  1 
ATOM   166  N  N   . LEU A 1 42  ? -0.667  4.629   4.460   1.00 14.86 ? 42  LEU A N   1 
ATOM   167  C  CA  . LEU A 1 42  ? 0.738   4.827   4.146   1.00 15.11 ? 42  LEU A CA  1 
ATOM   168  C  C   . LEU A 1 42  ? 0.905   5.968   3.144   1.00 15.02 ? 42  LEU A C   1 
ATOM   169  O  O   . LEU A 1 42  ? 0.096   6.136   2.224   1.00 16.66 ? 42  LEU A O   1 
ATOM   170  C  CB  . LEU A 1 42  ? 1.319   3.549   3.560   1.00 16.53 ? 42  LEU A CB  1 
ATOM   171  C  CG  . LEU A 1 42  ? 1.236   2.330   4.454   1.00 15.55 ? 42  LEU A CG  1 
ATOM   172  C  CD1 . LEU A 1 42  ? 1.930   1.187   3.745   1.00 18.72 ? 42  LEU A CD1 1 
ATOM   173  C  CD2 . LEU A 1 42  ? 1.921   2.606   5.762   1.00 18.65 ? 42  LEU A CD2 1 
ATOM   174  N  N   . LEU A 1 43  ? 1.991   6.732   3.292   1.00 16.60 ? 43  LEU A N   1 
ATOM   175  C  CA  . LEU A 1 43  ? 2.283   7.861   2.409   1.00 16.06 ? 43  LEU A CA  1 
ATOM   176  C  C   . LEU A 1 43  ? 2.888   7.372   1.095   1.00 18.84 ? 43  LEU A C   1 
ATOM   177  O  O   . LEU A 1 43  ? 3.781   6.519   1.094   1.00 17.19 ? 43  LEU A O   1 
ATOM   178  C  CB  . LEU A 1 43  ? 3.281   8.805   3.098   1.00 18.94 ? 43  LEU A CB  1 
ATOM   179  C  CG  . LEU A 1 43  ? 2.712   9.361   4.405   1.00 18.55 ? 43  LEU A CG  1 
ATOM   180  C  CD1 . LEU A 1 43  ? 3.856   10.037  5.168   1.00 25.69 ? 43  LEU A CD1 1 
ATOM   181  C  CD2 . LEU A 1 43  ? 1.583   10.348  4.191   1.00 23.74 ? 43  LEU A CD2 1 
ATOM   182  N  N   . LEU A 1 44  ? 2.396   7.930   -0.018  1.00 15.36 ? 44  LEU A N   1 
ATOM   183  C  CA  . LEU A 1 44  ? 2.771   7.519   -1.375  1.00 15.26 ? 44  LEU A CA  1 
ATOM   184  C  C   . LEU A 1 44  ? 2.947   8.791   -2.195  1.00 15.88 ? 44  LEU A C   1 
ATOM   185  O  O   . LEU A 1 44  ? 2.051   9.191   -2.952  1.00 17.48 ? 44  LEU A O   1 
ATOM   186  C  CB  . LEU A 1 44  ? 1.705   6.595   -1.997  1.00 15.44 ? 44  LEU A CB  1 
ATOM   187  C  CG  . LEU A 1 44  ? 1.338   5.330   -1.230  1.00 15.61 ? 44  LEU A CG  1 
ATOM   188  C  CD1 . LEU A 1 44  ? 0.057   4.747   -1.746  1.00 16.34 ? 44  LEU A CD1 1 
ATOM   189  C  CD2 . LEU A 1 44  ? 2.519   4.315   -1.367  1.00 17.71 ? 44  LEU A CD2 1 
ATOM   190  N  N   . PRO A 1 45  ? 4.082   9.474   -2.046  1.00 15.57 ? 45  PRO A N   1 
ATOM   191  C  CA  . PRO A 1 45  ? 4.254   10.800  -2.650  1.00 17.87 ? 45  PRO A CA  1 
ATOM   192  C  C   . PRO A 1 45  ? 4.592   10.837  -4.129  1.00 18.08 ? 45  PRO A C   1 
ATOM   193  O  O   . PRO A 1 45  ? 4.531   11.935  -4.700  1.00 22.49 ? 45  PRO A O   1 
ATOM   194  C  CB  . PRO A 1 45  ? 5.435   11.388  -1.876  1.00 17.36 ? 45  PRO A CB  1 
ATOM   195  C  CG  . PRO A 1 45  ? 6.221   10.241  -1.353  1.00 16.85 ? 45  PRO A CG  1 
ATOM   196  C  CD  . PRO A 1 45  ? 5.232   9.063   -1.234  1.00 17.60 ? 45  PRO A CD  1 
ATOM   197  N  N   . SER A 1 46  ? 4.999   9.750   -4.766  1.00 14.78 ? 46  SER A N   1 
ATOM   198  C  CA  . SER A 1 46  ? 5.533   9.779   -6.123  1.00 15.74 ? 46  SER A CA  1 
ATOM   199  C  C   . SER A 1 46  ? 4.615   9.071   -7.107  1.00 15.32 ? 46  SER A C   1 
ATOM   200  O  O   . SER A 1 46  ? 3.924   8.107   -6.752  1.00 15.66 ? 46  SER A O   1 
ATOM   201  C  CB  . SER A 1 46  ? 6.869   9.069   -6.148  1.00 14.53 ? 46  SER A CB  1 
ATOM   202  O  OG  . SER A 1 46  ? 7.758   9.716   -5.235  1.00 18.51 ? 46  SER A OG  1 
ATOM   203  N  N   . VAL A 1 47  ? 4.625   9.542   -8.348  1.00 14.09 ? 47  VAL A N   1 
ATOM   204  C  CA  . VAL A 1 47  ? 3.778   8.965   -9.391  1.00 16.60 ? 47  VAL A CA  1 
ATOM   205  C  C   . VAL A 1 47  ? 4.567   8.762   -10.674 1.00 14.15 ? 47  VAL A C   1 
ATOM   206  O  O   . VAL A 1 47  ? 3.961   8.390   -11.688 1.00 14.06 ? 47  VAL A O   1 
ATOM   207  C  CB  . VAL A 1 47  ? 2.520   9.809   -9.694  1.00 14.40 ? 47  VAL A CB  1 
ATOM   208  C  CG1 . VAL A 1 47  ? 1.592   9.845   -8.485  1.00 16.75 ? 47  VAL A CG1 1 
ATOM   209  C  CG2 . VAL A 1 47  ? 2.926   11.251  -10.081 1.00 18.14 ? 47  VAL A CG2 1 
ATOM   210  N  N   . SER A 1 48  ? 5.896   8.960   -10.659 1.00 14.75 ? 48  SER A N   1 
ATOM   211  C  CA  . SER A 1 48  ? 6.697   9.093   -11.893 1.00 14.62 ? 48  SER A CA  1 
ATOM   212  C  C   . SER A 1 48  ? 7.876   8.120   -11.880 1.00 15.17 ? 48  SER A C   1 
ATOM   213  O  O   . SER A 1 48  ? 9.003   8.501   -11.545 1.00 18.22 ? 48  SER A O   1 
ATOM   214  C  CB  . SER A 1 48  ? 7.213   10.525  -12.117 1.00 16.73 ? 48  SER A CB  1 
ATOM   215  O  OG  . SER A 1 48  ? 6.122   11.448  -12.032 1.00 16.24 ? 48  SER A OG  1 
ATOM   216  N  N   . PRO A 1 49  ? 7.666   6.860   -12.277 1.00 14.40 ? 49  PRO A N   1 
ATOM   217  C  CA  . PRO A 1 49  ? 8.717   5.838   -12.122 1.00 16.26 ? 49  PRO A CA  1 
ATOM   218  C  C   . PRO A 1 49  ? 9.742   5.745   -13.234 1.00 16.05 ? 49  PRO A C   1 
ATOM   219  O  O   . PRO A 1 49  ? 10.843  5.231   -12.965 1.00 17.38 ? 49  PRO A O   1 
ATOM   220  C  CB  . PRO A 1 49  ? 7.910   4.532   -12.101 1.00 15.63 ? 49  PRO A CB  1 
ATOM   221  C  CG  . PRO A 1 49  ? 6.731   4.818   -12.964 1.00 15.44 ? 49  PRO A CG  1 
ATOM   222  C  CD  . PRO A 1 49  ? 6.373   6.275   -12.678 1.00 15.54 ? 49  PRO A CD  1 
ATOM   223  N  N   . ASN A 1 50  ? 9.467   6.176   -14.453 1.00 16.07 ? 50  ASN A N   1 
ATOM   224  C  CA  . ASN A 1 50  ? 10.413  5.955   -15.552 1.00 15.18 ? 50  ASN A CA  1 
ATOM   225  C  C   . ASN A 1 50  ? 11.601  6.890   -15.365 1.00 16.69 ? 50  ASN A C   1 
ATOM   226  O  O   . ASN A 1 50  ? 11.401  8.114   -15.330 1.00 17.64 ? 50  ASN A O   1 
ATOM   227  C  CB  . ASN A 1 50  ? 9.711   6.221   -16.889 1.00 15.59 ? 50  ASN A CB  1 
ATOM   228  C  CG  . ASN A 1 50  ? 10.571  5.896   -18.098 1.00 15.49 ? 50  ASN A CG  1 
ATOM   229  O  OD1 . ASN A 1 50  ? 11.737  6.265   -18.129 1.00 15.01 ? 50  ASN A OD1 1 
ATOM   230  N  ND2 . ASN A 1 50  ? 10.008  5.274   -19.090 1.00 15.81 ? 50  ASN A ND2 1 
ATOM   231  N  N   . PRO A 1 51  ? 12.836  6.392   -15.260 1.00 15.03 ? 51  PRO A N   1 
ATOM   232  C  CA  . PRO A 1 51  ? 14.009  7.262   -15.033 1.00 16.01 ? 51  PRO A CA  1 
ATOM   233  C  C   . PRO A 1 51  ? 14.481  8.014   -16.265 1.00 17.41 ? 51  PRO A C   1 
ATOM   234  O  O   . PRO A 1 51  ? 15.301  8.939   -16.105 1.00 20.84 ? 51  PRO A O   1 
ATOM   235  C  CB  . PRO A 1 51  ? 15.104  6.270   -14.605 1.00 18.90 ? 51  PRO A CB  1 
ATOM   236  C  CG  . PRO A 1 51  ? 14.644  4.933   -15.048 1.00 18.23 ? 51  PRO A CG  1 
ATOM   237  C  CD  . PRO A 1 51  ? 13.208  4.964   -15.401 1.00 16.98 ? 51  PRO A CD  1 
ATOM   238  N  N   . ASN A 1 52  ? 14.033  7.638   -17.458 1.00 17.10 ? 52  ASN A N   1 
ATOM   239  C  CA  . ASN A 1 52  ? 14.403  8.309   -18.712 1.00 18.47 ? 52  ASN A CA  1 
ATOM   240  C  C   . ASN A 1 52  ? 13.407  9.372   -19.141 1.00 18.60 ? 52  ASN A C   1 
ATOM   241  O  O   . ASN A 1 52  ? 13.807  10.472  -19.533 1.00 21.00 ? 52  ASN A O   1 
ATOM   242  C  CB  . ASN A 1 52  ? 14.543  7.301   -19.839 1.00 16.74 ? 52  ASN A CB  1 
ATOM   243  C  CG  . ASN A 1 52  ? 15.686  6.337   -19.633 1.00 19.28 ? 52  ASN A CG  1 
ATOM   244  O  OD1 . ASN A 1 52  ? 16.493  6.492   -18.725 1.00 21.08 ? 52  ASN A OD1 1 
ATOM   245  N  ND2 . ASN A 1 52  ? 15.785  5.373   -20.509 1.00 20.76 ? 52  ASN A ND2 1 
ATOM   246  N  N   . ILE A 1 53  ? 12.128  9.058   -19.078 1.00 16.43 ? 53  ILE A N   1 
ATOM   247  C  CA  . ILE A 1 53  ? 11.031  9.916   -19.523 1.00 17.97 ? 53  ILE A CA  1 
ATOM   248  C  C   . ILE A 1 53  ? 10.116  9.952   -18.312 1.00 15.14 ? 53  ILE A C   1 
ATOM   249  O  O   . ILE A 1 53  ? 9.212   9.114   -18.183 1.00 15.83 ? 53  ILE A O   1 
ATOM   250  C  CB  . ILE A 1 53  ? 10.327  9.346   -20.755 1.00 15.99 ? 53  ILE A CB  1 
ATOM   251  C  CG1 . ILE A 1 53  ? 11.354  9.078   -21.873 1.00 19.46 ? 53  ILE A CG1 1 
ATOM   252  C  CG2 . ILE A 1 53  ? 9.110   10.200  -21.170 1.00 17.32 ? 53  ILE A CG2 1 
ATOM   253  C  CD1 . ILE A 1 53  ? 10.741  8.782   -23.233 1.00 20.51 ? 53  ILE A CD1 1 
ATOM   254  N  N   . THR A 1 54  ? 10.399  10.865  -17.381 1.00 16.58 ? 54  THR A N   1 
ATOM   255  C  CA  . THR A 1 54  ? 9.933   10.790  -15.996 1.00 15.88 ? 54  THR A CA  1 
ATOM   256  C  C   . THR A 1 54  ? 8.634   11.559  -15.834 1.00 18.08 ? 54  THR A C   1 
ATOM   257  O  O   . THR A 1 54  ? 8.645   12.758  -15.537 1.00 18.66 ? 54  THR A O   1 
ATOM   258  C  CB  . THR A 1 54  ? 11.017  11.295  -15.052 1.00 16.22 ? 54  THR A CB  1 
ATOM   259  O  OG1 . THR A 1 54  ? 12.259  10.633  -15.366 1.00 17.69 ? 54  THR A OG1 1 
ATOM   260  C  CG2 . THR A 1 54  ? 10.642  11.041  -13.602 1.00 16.38 ? 54  THR A CG2 1 
ATOM   261  N  N   . VAL A 1 55  ? 7.503   10.886  -15.994 1.00 15.77 ? 55  VAL A N   1 
ATOM   262  C  CA  . VAL A 1 55  ? 6.194   11.542  -16.065 1.00 16.49 ? 55  VAL A CA  1 
ATOM   263  C  C   . VAL A 1 55  ? 5.187   10.839  -15.171 1.00 14.05 ? 55  VAL A C   1 
ATOM   264  O  O   . VAL A 1 55  ? 5.382   9.662   -14.826 1.00 15.51 ? 55  VAL A O   1 
ATOM   265  C  CB  . VAL A 1 55  ? 5.656   11.574  -17.512 1.00 15.84 ? 55  VAL A CB  1 
ATOM   266  C  CG1 . VAL A 1 55  ? 6.707   12.191  -18.426 1.00 17.32 ? 55  VAL A CG1 1 
ATOM   267  C  CG2 . VAL A 1 55  ? 5.267   10.155  -17.980 1.00 16.55 ? 55  VAL A CG2 1 
ATOM   268  N  N   . PRO A 1 56  ? 4.091   11.489  -14.813 1.00 14.78 ? 56  PRO A N   1 
ATOM   269  C  CA  . PRO A 1 56  ? 3.074   10.826  -13.976 1.00 15.92 ? 56  PRO A CA  1 
ATOM   270  C  C   . PRO A 1 56  ? 2.408   9.681   -14.720 1.00 15.80 ? 56  PRO A C   1 
ATOM   271  O  O   . PRO A 1 56  ? 1.900   9.849   -15.829 1.00 16.91 ? 56  PRO A O   1 
ATOM   272  C  CB  . PRO A 1 56  ? 2.051   11.942  -13.702 1.00 17.68 ? 56  PRO A CB  1 
ATOM   273  C  CG  . PRO A 1 56  ? 2.822   13.192  -13.918 1.00 18.92 ? 56  PRO A CG  1 
ATOM   274  C  CD  . PRO A 1 56  ? 3.766   12.928  -15.010 1.00 16.03 ? 56  PRO A CD  1 
ATOM   275  N  N   . VAL A 1 57  ? 2.348   8.521   -14.076 1.00 14.47 ? 57  VAL A N   1 
ATOM   276  C  CA  . VAL A 1 57  ? 1.663   7.364   -14.671 1.00 16.36 ? 57  VAL A CA  1 
ATOM   277  C  C   . VAL A 1 57  ? 0.260   7.339   -14.070 1.00 16.82 ? 57  VAL A C   1 
ATOM   278  O  O   . VAL A 1 57  ? -0.070  6.615   -13.111 1.00 16.88 ? 57  VAL A O   1 
ATOM   279  C  CB  . VAL A 1 57  ? 2.489   6.083   -14.505 1.00 16.45 ? 57  VAL A CB  1 
ATOM   280  C  CG1 . VAL A 1 57  ? 1.797   4.871   -15.123 1.00 16.55 ? 57  VAL A CG1 1 
ATOM   281  C  CG2 . VAL A 1 57  ? 3.852   6.279   -15.188 1.00 17.00 ? 57  VAL A CG2 1 
ATOM   282  N  N   . ILE A 1 58  ? -0.584  8.228   -14.624 1.00 15.85 ? 58  ILE A N   1 
ATOM   283  C  CA  . ILE A 1 58  ? -1.901  8.597   -14.113 1.00 15.47 ? 58  ILE A CA  1 
ATOM   284  C  C   . ILE A 1 58  ? -2.804  8.842   -15.320 1.00 19.47 ? 58  ILE A C   1 
ATOM   285  O  O   . ILE A 1 58  ? -2.443  9.603   -16.230 1.00 20.73 ? 58  ILE A O   1 
ATOM   286  C  CB  . ILE A 1 58  ? -1.831  9.884   -13.254 1.00 17.10 ? 58  ILE A CB  1 
ATOM   287  C  CG1 . ILE A 1 58  ? -0.940  9.735   -12.021 1.00 18.47 ? 58  ILE A CG1 1 
ATOM   288  C  CG2 . ILE A 1 58  ? -3.226  10.427  -12.924 1.00 21.20 ? 58  ILE A CG2 1 
ATOM   289  C  CD1 . ILE A 1 58  ? -1.500  8.868   -10.914 1.00 18.62 ? 58  ILE A CD1 1 
ATOM   290  N  N   . ASN A 1 59  ? -3.971  8.209   -15.343 1.00 16.46 ? 59  ASN A N   1 
ATOM   291  C  CA  . ASN A 1 59  ? -4.956  8.448   -16.404 1.00 16.36 ? 59  ASN A CA  1 
ATOM   292  C  C   . ASN A 1 59  ? -6.331  8.349   -15.763 1.00 16.22 ? 59  ASN A C   1 
ATOM   293  O  O   . ASN A 1 59  ? -6.764  7.243   -15.436 1.00 16.32 ? 59  ASN A O   1 
ATOM   294  C  CB  . ASN A 1 59  ? -4.845  7.460   -17.562 1.00 17.13 ? 59  ASN A CB  1 
ATOM   295  C  CG  . ASN A 1 59  ? -5.904  7.700   -18.590 1.00 19.29 ? 59  ASN A CG  1 
ATOM   296  O  OD1 . ASN A 1 59  ? -6.159  8.849   -18.960 1.00 20.48 ? 59  ASN A OD1 1 
ATOM   297  N  ND2 . ASN A 1 59  ? -6.532  6.644   -19.078 1.00 19.66 ? 59  ASN A ND2 1 
ATOM   298  N  N   . ASP A 1 60  ? -7.043  9.493   -15.597 1.00 15.31 ? 60  ASP A N   1 
ATOM   299  C  CA  . ASP A 1 60  ? -8.396  9.466   -15.036 1.00 17.69 ? 60  ASP A CA  1 
ATOM   300  C  C   . ASP A 1 60  ? -8.467  8.833   -13.637 1.00 16.28 ? 60  ASP A C   1 
ATOM   301  O  O   . ASP A 1 60  ? -9.485  8.225   -13.268 1.00 17.20 ? 60  ASP A O   1 
ATOM   302  C  CB  . ASP A 1 60  ? -9.391  8.792   -16.002 1.00 19.59 ? 60  ASP A CB  1 
ATOM   303  C  CG  . ASP A 1 60  ? -10.765 9.432   -15.992 1.00 27.93 ? 60  ASP A CG  1 
ATOM   304  O  OD1 . ASP A 1 60  ? -10.955 10.505  -15.346 1.00 26.01 ? 60  ASP A OD1 1 
ATOM   305  O  OD2 . ASP A 1 60  ? -11.698 8.774   -16.523 1.00 27.57 ? 60  ASP A OD2 1 
ATOM   306  N  N   . THR A 1 61  ? -7.402  9.044   -12.850 1.00 16.74 ? 61  THR A N   1 
ATOM   307  C  CA  . THR A 1 61  ? -7.406  8.827   -11.402 1.00 15.16 ? 61  THR A CA  1 
ATOM   308  C  C   . THR A 1 61  ? -6.681  10.020  -10.800 1.00 16.05 ? 61  THR A C   1 
ATOM   309  O  O   . THR A 1 61  ? -6.089  10.822  -11.531 1.00 17.50 ? 61  THR A O   1 
ATOM   310  C  CB  . THR A 1 61  ? -6.680  7.517   -10.968 1.00 15.93 ? 61  THR A CB  1 
ATOM   311  O  OG1 . THR A 1 61  ? -5.285  7.593   -11.322 1.00 17.02 ? 61  THR A OG1 1 
ATOM   312  C  CG2 . THR A 1 61  ? -7.262  6.274   -11.557 1.00 15.70 ? 61  THR A CG2 1 
ATOM   313  N  N   . VAL A 1 62  ? -6.676  10.131  -9.483  1.00 15.79 ? 62  VAL A N   1 
ATOM   314  C  CA  . VAL A 1 62  ? -5.940  11.209  -8.810  1.00 17.29 ? 62  VAL A CA  1 
ATOM   315  C  C   . VAL A 1 62  ? -5.115  10.606  -7.690  1.00 16.48 ? 62  VAL A C   1 
ATOM   316  O  O   . VAL A 1 62  ? -5.663  9.899   -6.843  1.00 18.12 ? 62  VAL A O   1 
ATOM   317  C  CB  . VAL A 1 62  ? -6.916  12.238  -8.211  1.00 17.64 ? 62  VAL A CB  1 
ATOM   318  C  CG1 . VAL A 1 62  ? -6.150  13.410  -7.544  1.00 18.61 ? 62  VAL A CG1 1 
ATOM   319  C  CG2 . VAL A 1 62  ? -7.833  12.787  -9.305  1.00 20.34 ? 62  VAL A CG2 1 
ATOM   320  N  N   . SER A 1 63  ? -3.810  10.905  -7.656  1.00 16.54 ? 63  SER A N   1 
ATOM   321  C  CA  . SER A 1 63  ? -2.956  10.550  -6.526  1.00 17.33 ? 63  SER A CA  1 
ATOM   322  C  C   . SER A 1 63  ? -3.031  11.664  -5.505  1.00 17.94 ? 63  SER A C   1 
ATOM   323  O  O   . SER A 1 63  ? -2.719  12.819  -5.836  1.00 20.83 ? 63  SER A O   1 
ATOM   324  C  CB  . SER A 1 63  ? -1.521  10.413  -7.001  1.00 18.37 ? 63  SER A CB  1 
ATOM   325  O  OG  . SER A 1 63  ? -0.709  9.916   -5.943  1.00 21.32 ? 63  SER A OG  1 
ATOM   326  N  N   . VAL A 1 64  ? -3.448  11.332  -4.282  1.00 17.62 ? 64  VAL A N   1 
ATOM   327  C  CA  . VAL A 1 64  ? -3.755  12.328  -3.276  1.00 19.68 ? 64  VAL A CA  1 
ATOM   328  C  C   . VAL A 1 64  ? -2.664  12.458  -2.233  1.00 20.95 ? 64  VAL A C   1 
ATOM   329  O  O   . VAL A 1 64  ? -2.770  13.319  -1.348  1.00 24.18 ? 64  VAL A O   1 
ATOM   330  C  CB  . VAL A 1 64  ? -5.118  12.057  -2.614  1.00 20.05 ? 64  VAL A CB  1 
ATOM   331  C  CG1 . VAL A 1 64  ? -6.253  12.181  -3.659  1.00 23.67 ? 64  VAL A CG1 1 
ATOM   332  C  CG2 . VAL A 1 64  ? -5.183  10.753  -1.852  1.00 20.42 ? 64  VAL A CG2 1 
ATOM   333  N  N   . GLY A 1 65  ? -1.629  11.646  -2.289  1.00 18.78 ? 65  GLY A N   1 
ATOM   334  C  CA  . GLY A 1 65  ? -0.525  11.711  -1.356  1.00 19.75 ? 65  GLY A CA  1 
ATOM   335  C  C   . GLY A 1 65  ? -0.455  10.505  -0.454  1.00 16.61 ? 65  GLY A C   1 
ATOM   336  O  O   . GLY A 1 65  ? 0.623   10.199  0.061   1.00 18.10 ? 65  GLY A O   1 
ATOM   337  N  N   . ASP A 1 66  ? -1.570  9.835   -0.223  1.00 17.54 ? 66  ASP A N   1 
ATOM   338  C  CA  . ASP A 1 66  ? -1.642  8.602   0.556   1.00 15.86 ? 66  ASP A CA  1 
ATOM   339  C  C   . ASP A 1 66  ? -2.531  7.576   -0.147  1.00 16.72 ? 66  ASP A C   1 
ATOM   340  O  O   . ASP A 1 66  ? -3.135  6.711   0.512   1.00 17.62 ? 66  ASP A O   1 
ATOM   341  C  CB  . ASP A 1 66  ? -2.103  8.864   1.995   1.00 18.57 ? 66  ASP A CB  1 
ATOM   342  C  CG  . ASP A 1 66  ? -3.558  9.325   2.080   1.00 20.29 ? 66  ASP A CG  1 
ATOM   343  O  OD1 . ASP A 1 66  ? -4.123  9.704   1.039   1.00 21.83 ? 66  ASP A OD1 1 
ATOM   344  O  OD2 . ASP A 1 66  ? -4.129  9.365   3.207   1.00 22.80 ? 66  ASP A OD2 1 
ATOM   345  N  N   . GLY A 1 67  ? -2.631  7.663   -1.466  1.00 15.20 ? 67  GLY A N   1 
ATOM   346  C  CA  . GLY A 1 67  ? -3.462  6.726   -2.202  1.00 16.22 ? 67  GLY A CA  1 
ATOM   347  C  C   . GLY A 1 67  ? -4.028  7.333   -3.458  1.00 14.83 ? 67  GLY A C   1 
ATOM   348  O  O   . GLY A 1 67  ? -3.619  8.398   -3.900  1.00 16.62 ? 67  GLY A O   1 
ATOM   349  N  N   . ILE A 1 68  ? -4.955  6.595   -4.062  1.00 15.43 ? 68  ILE A N   1 
ATOM   350  C  CA  . ILE A 1 68  ? -5.461  6.922   -5.383  1.00 14.35 ? 68  ILE A CA  1 
ATOM   351  C  C   . ILE A 1 68  ? -6.973  7.019   -5.328  1.00 15.26 ? 68  ILE A C   1 
ATOM   352  O  O   . ILE A 1 68  ? -7.657  6.112   -4.814  1.00 15.57 ? 68  ILE A O   1 
ATOM   353  C  CB  . ILE A 1 68  ? -5.004  5.868   -6.405  1.00 14.56 ? 68  ILE A CB  1 
ATOM   354  C  CG1 . ILE A 1 68  ? -3.477  5.975   -6.556  1.00 16.25 ? 68  ILE A CG1 1 
ATOM   355  C  CG2 . ILE A 1 68  ? -5.793  6.025   -7.738  1.00 18.51 ? 68  ILE A CG2 1 
ATOM   356  C  CD1 . ILE A 1 68  ? -2.850  4.939   -7.428  1.00 20.61 ? 68  ILE A CD1 1 
ATOM   357  N  N   . ARG A 1 69  ? -7.504  8.106   -5.884  1.00 15.05 ? 69  ARG A N   1 
ATOM   358  C  CA  . ARG A 1 69  ? -8.942  8.298   -5.999  1.00 16.55 ? 69  ARG A CA  1 
ATOM   359  C  C   . ARG A 1 69  ? -9.420  7.934   -7.396  1.00 15.56 ? 69  ARG A C   1 
ATOM   360  O  O   . ARG A 1 69  ? -8.843  8.399   -8.393  1.00 16.30 ? 69  ARG A O   1 
ATOM   361  C  CB  . ARG A 1 69  ? -9.287  9.758   -5.745  1.00 19.47 ? 69  ARG A CB  1 
ATOM   362  C  CG  . ARG A 1 69  ? -10.817 9.993   -5.653  1.00 20.17 ? 69  ARG A CG  1 
ATOM   363  C  CD  . ARG A 1 69  ? -11.108 11.239  -4.840  1.00 27.62 ? 69  ARG A CD  1 
ATOM   364  N  NE  . ARG A 1 69  ? -10.974 12.347  -5.780  1.00 27.58 ? 69  ARG A NE  1 
ATOM   365  C  CZ  . ARG A 1 69  ? -10.092 13.333  -5.685  1.00 27.20 ? 69  ARG A CZ  1 
ATOM   366  N  NH1 . ARG A 1 69  ? -9.256  13.416  -4.668  1.00 29.08 ? 69  ARG A NH1 1 
ATOM   367  N  NH2 . ARG A 1 69  ? -10.054 14.269  -6.644  1.00 27.36 ? 69  ARG A NH2 1 
ATOM   368  N  N   . ILE A 1 70  ? -10.518 7.143   -7.456  1.00 15.64 ? 70  ILE A N   1 
ATOM   369  C  CA  . ILE A 1 70  ? -11.138 6.708   -8.694  1.00 17.42 ? 70  ILE A CA  1 
ATOM   370  C  C   . ILE A 1 70  ? -12.013 7.834   -9.221  1.00 18.00 ? 70  ILE A C   1 
ATOM   371  O  O   . ILE A 1 70  ? -12.780 8.444   -8.462  1.00 16.96 ? 70  ILE A O   1 
ATOM   372  C  CB  . ILE A 1 70  ? -11.991 5.458   -8.386  1.00 17.58 ? 70  ILE A CB  1 
ATOM   373  C  CG1 . ILE A 1 70  ? -11.108 4.348   -7.797  1.00 17.97 ? 70  ILE A CG1 1 
ATOM   374  C  CG2 . ILE A 1 70  ? -12.794 4.987   -9.613  1.00 17.10 ? 70  ILE A CG2 1 
ATOM   375  C  CD1 . ILE A 1 70  ? -9.947  3.937   -8.771  1.00 19.10 ? 70  ILE A CD1 1 
ATOM   376  N  N   . LEU A 1 71  ? -11.944 8.070   -10.530 1.00 15.57 ? 71  LEU A N   1 
ATOM   377  C  CA  . LEU A 1 71  ? -12.833 9.014   -11.211 1.00 16.05 ? 71  LEU A CA  1 
ATOM   378  C  C   . LEU A 1 71  ? -13.821 8.335   -12.149 1.00 18.31 ? 71  LEU A C   1 
ATOM   379  O  O   . LEU A 1 71  ? -14.814 8.966   -12.536 1.00 20.26 ? 71  LEU A O   1 
ATOM   380  C  CB  . LEU A 1 71  ? -11.990 9.989   -12.033 1.00 18.44 ? 71  LEU A CB  1 
ATOM   381  C  CG  . LEU A 1 71  ? -11.012 10.878  -11.251 1.00 19.35 ? 71  LEU A CG  1 
ATOM   382  C  CD1 . LEU A 1 71  ? -10.267 11.829  -12.204 1.00 18.79 ? 71  LEU A CD1 1 
ATOM   383  C  CD2 . LEU A 1 71  ? -11.750 11.618  -10.158 1.00 20.19 ? 71  LEU A CD2 1 
ATOM   384  N  N   . ARG A 1 72  ? -13.626 7.068   -12.489 1.00 16.91 ? 72  ARG A N   1 
ATOM   385  C  CA  . ARG A 1 72  ? -14.375 6.374   -13.532 1.00 17.87 ? 72  ARG A CA  1 
ATOM   386  C  C   . ARG A 1 72  ? -14.890 5.051   -12.999 1.00 16.34 ? 72  ARG A C   1 
ATOM   387  O  O   . ARG A 1 72  ? -14.110 4.227   -12.503 1.00 16.25 ? 72  ARG A O   1 
ATOM   388  C  CB  . ARG A 1 72  ? -13.452 6.094   -14.716 1.00 16.85 ? 72  ARG A CB  1 
ATOM   389  C  CG  . ARG A 1 72  ? -14.149 5.594   -15.929 1.00 18.20 ? 72  ARG A CG  1 
ATOM   390  C  CD  . ARG A 1 72  ? -13.194 5.051   -16.968 1.00 19.28 ? 72  ARG A CD  1 
ATOM   391  N  NE  . ARG A 1 72  ? -12.397 6.134   -17.532 1.00 20.52 ? 72  ARG A NE  1 
ATOM   392  C  CZ  . ARG A 1 72  ? -11.458 5.947   -18.450 1.00 19.57 ? 72  ARG A CZ  1 
ATOM   393  N  NH1 . ARG A 1 72  ? -11.256 4.759   -18.990 1.00 18.64 ? 72  ARG A NH1 1 
ATOM   394  N  NH2 . ARG A 1 72  ? -10.776 7.004   -18.905 1.00 20.70 ? 72  ARG A NH2 1 
ATOM   395  N  N   . ALA A 1 73  ? -16.190 4.828   -13.050 1.00 16.63 ? 73  ALA A N   1 
ATOM   396  C  CA  . ALA A 1 73  ? -16.700 3.549   -12.613 1.00 15.49 ? 73  ALA A CA  1 
ATOM   397  C  C   . ALA A 1 73  ? -16.144 2.447   -13.491 1.00 16.26 ? 73  ALA A C   1 
ATOM   398  O  O   . ALA A 1 73  ? -15.923 2.631   -14.691 1.00 18.42 ? 73  ALA A O   1 
ATOM   399  C  CB  . ALA A 1 73  ? -18.223 3.559   -12.743 1.00 18.84 ? 73  ALA A CB  1 
ATOM   400  N  N   . GLY A 1 74  ? -15.833 1.314   -12.888 1.00 15.02 ? 74  GLY A N   1 
ATOM   401  C  CA  . GLY A 1 74  ? -15.311 0.196   -13.648 1.00 16.22 ? 74  GLY A CA  1 
ATOM   402  C  C   . GLY A 1 74  ? -14.814 -0.898  -12.737 1.00 13.37 ? 74  GLY A C   1 
ATOM   403  O  O   . GLY A 1 74  ? -14.957 -0.830  -11.518 1.00 15.00 ? 74  GLY A O   1 
ATOM   404  N  N   . ILE A 1 75  ? -14.227 -1.903  -13.363 1.00 13.94 ? 75  ILE A N   1 
ATOM   405  C  CA  . ILE A 1 75  ? -13.569 -3.020  -12.686 1.00 15.32 ? 75  ILE A CA  1 
ATOM   406  C  C   . ILE A 1 75  ? -12.088 -2.720  -12.703 1.00 15.47 ? 75  ILE A C   1 
ATOM   407  O  O   . ILE A 1 75  ? -11.549 -2.349  -13.748 1.00 15.63 ? 75  ILE A O   1 
ATOM   408  C  CB  . ILE A 1 75  ? -13.850 -4.339  -13.423 1.00 14.64 ? 75  ILE A CB  1 
ATOM   409  C  CG1 . ILE A 1 75  ? -15.355 -4.592  -13.603 1.00 16.90 ? 75  ILE A CG1 1 
ATOM   410  C  CG2 . ILE A 1 75  ? -13.166 -5.479  -12.728 1.00 15.83 ? 75  ILE A CG2 1 
ATOM   411  C  CD1 . ILE A 1 75  ? -16.092 -4.771  -12.290 1.00 17.77 ? 75  ILE A CD1 1 
ATOM   412  N  N   . TYR A 1 76  ? -11.430 -2.849  -11.548 1.00 13.31 ? 76  TYR A N   1 
ATOM   413  C  CA  . TYR A 1 76  ? -10.017 -2.481  -11.415 1.00 13.98 ? 76  TYR A CA  1 
ATOM   414  C  C   . TYR A 1 76  ? -9.208  -3.622  -10.824 1.00 14.01 ? 76  TYR A C   1 
ATOM   415  O  O   . TYR A 1 76  ? -9.657  -4.323  -9.896  1.00 15.25 ? 76  TYR A O   1 
ATOM   416  C  CB  . TYR A 1 76  ? -9.875  -1.289  -10.487 1.00 13.68 ? 76  TYR A CB  1 
ATOM   417  C  CG  . TYR A 1 76  ? -10.322 -0.002  -11.134 1.00 14.19 ? 76  TYR A CG  1 
ATOM   418  C  CD1 . TYR A 1 76  ? -11.681 0.375   -11.093 1.00 15.87 ? 76  TYR A CD1 1 
ATOM   419  C  CD2 . TYR A 1 76  ? -9.427  0.841   -11.792 1.00 14.91 ? 76  TYR A CD2 1 
ATOM   420  C  CE1 . TYR A 1 76  ? -12.111 1.544   -11.730 1.00 14.82 ? 76  TYR A CE1 1 
ATOM   421  C  CE2 . TYR A 1 76  ? -9.837  2.039   -12.350 1.00 14.71 ? 76  TYR A CE2 1 
ATOM   422  C  CZ  . TYR A 1 76  ? -11.188 2.350   -12.347 1.00 14.43 ? 76  TYR A CZ  1 
ATOM   423  O  OH  . TYR A 1 76  ? -11.583 3.502   -12.948 1.00 15.66 ? 76  TYR A OH  1 
ATOM   424  N  N   . GLN A 1 77  ? -8.014  -3.802  -11.336 1.00 13.52 ? 77  GLN A N   1 
ATOM   425  C  CA  . GLN A 1 77  ? -7.035  -4.673  -10.692 1.00 14.84 ? 77  GLN A CA  1 
ATOM   426  C  C   . GLN A 1 77  ? -6.165  -3.743  -9.859  1.00 13.85 ? 77  GLN A C   1 
ATOM   427  O  O   . GLN A 1 77  ? -5.655  -2.735  -10.372 1.00 16.62 ? 77  GLN A O   1 
ATOM   428  C  CB  . GLN A 1 77  ? -6.158  -5.381  -11.721 1.00 15.57 ? 77  GLN A CB  1 
ATOM   429  C  CG  . GLN A 1 77  ? -5.070  -6.255  -11.130 1.00 19.19 ? 77  GLN A CG  1 
ATOM   430  C  CD  . GLN A 1 77  ? -4.633  -7.296  -12.121 1.00 30.63 ? 77  GLN A CD  1 
ATOM   431  O  OE1 . GLN A 1 77  ? -5.014  -8.455  -12.033 1.00 38.68 ? 77  GLN A OE1 1 
ATOM   432  N  NE2 . GLN A 1 77  ? -3.894  -6.868  -13.121 1.00 33.27 ? 77  GLN A NE2 1 
ATOM   433  N  N   . ILE A 1 78  ? -6.015  -4.035  -8.578  1.00 14.23 ? 78  ILE A N   1 
ATOM   434  C  CA  . ILE A 1 78  ? -5.256  -3.199  -7.662  1.00 13.79 ? 78  ILE A CA  1 
ATOM   435  C  C   . ILE A 1 78  ? -4.180  -4.072  -7.035  1.00 14.04 ? 78  ILE A C   1 
ATOM   436  O  O   . ILE A 1 78  ? -4.458  -5.185  -6.542  1.00 14.47 ? 78  ILE A O   1 
ATOM   437  C  CB  . ILE A 1 78  ? -6.159  -2.523  -6.616  1.00 14.09 ? 78  ILE A CB  1 
ATOM   438  C  CG1 . ILE A 1 78  ? -7.238  -1.706  -7.370  1.00 18.84 ? 78  ILE A CG1 1 
ATOM   439  C  CG2 . ILE A 1 78  ? -5.327  -1.700  -5.624  1.00 15.43 ? 78  ILE A CG2 1 
ATOM   440  C  CD1 . ILE A 1 78  ? -8.212  -0.960  -6.504  1.00 22.21 ? 78  ILE A CD1 1 
ATOM   441  N  N   . SER A 1 79  ? -2.957  -3.556  -6.982  1.00 13.99 ? 79  SER A N   1 
ATOM   442  C  CA  . SER A 1 79  ? -1.867  -4.249  -6.304  1.00 14.99 ? 79  SER A CA  1 
ATOM   443  C  C   . SER A 1 79  ? -1.246  -3.313  -5.289  1.00 14.31 ? 79  SER A C   1 
ATOM   444  O  O   . SER A 1 79  ? -1.284  -2.084  -5.440  1.00 14.62 ? 79  SER A O   1 
ATOM   445  C  CB  . SER A 1 79  ? -0.854  -4.736  -7.309  1.00 15.74 ? 79  SER A CB  1 
ATOM   446  O  OG  . SER A 1 79  ? 0.107   -3.733  -7.577  1.00 19.26 ? 79  SER A OG  1 
ATOM   447  N  N   . TYR A 1 80  ? -0.640  -3.885  -4.264  1.00 14.39 ? 80  TYR A N   1 
ATOM   448  C  CA  . TYR A 1 80  ? 0.242   -3.106  -3.391  1.00 13.52 ? 80  TYR A CA  1 
ATOM   449  C  C   . TYR A 1 80  ? 1.435   -3.957  -3.024  1.00 13.22 ? 80  TYR A C   1 
ATOM   450  O  O   . TYR A 1 80  ? 1.319   -5.185  -2.950  1.00 15.30 ? 80  TYR A O   1 
ATOM   451  C  CB  . TYR A 1 80  ? -0.469  -2.529  -2.168  1.00 14.30 ? 80  TYR A CB  1 
ATOM   452  C  CG  . TYR A 1 80  ? -0.934  -3.505  -1.108  1.00 15.20 ? 80  TYR A CG  1 
ATOM   453  C  CD1 . TYR A 1 80  ? -2.145  -4.207  -1.246  1.00 16.65 ? 80  TYR A CD1 1 
ATOM   454  C  CD2 . TYR A 1 80  ? -0.207  -3.671  0.057   1.00 16.51 ? 80  TYR A CD2 1 
ATOM   455  C  CE1 . TYR A 1 80  ? -2.581  -5.054  -0.225  1.00 17.56 ? 80  TYR A CE1 1 
ATOM   456  C  CE2 . TYR A 1 80  ? -0.629  -4.539  1.053   1.00 16.91 ? 80  TYR A CE2 1 
ATOM   457  C  CZ  . TYR A 1 80  ? -1.830  -5.198  0.895   1.00 16.31 ? 80  TYR A CZ  1 
ATOM   458  O  OH  . TYR A 1 80  ? -2.255  -6.036  1.924   1.00 17.47 ? 80  TYR A OH  1 
ATOM   459  N  N   . THR A 1 81  ? 2.569   -3.313  -2.807  1.00 14.14 ? 81  THR A N   1 
ATOM   460  C  CA  . THR A 1 81  ? 3.851   -3.969  -2.504  1.00 14.39 ? 81  THR A CA  1 
ATOM   461  C  C   . THR A 1 81  ? 4.506   -3.191  -1.380  1.00 14.22 ? 81  THR A C   1 
ATOM   462  O  O   . THR A 1 81  ? 4.600   -1.970  -1.459  1.00 14.75 ? 81  THR A O   1 
ATOM   463  C  CB  . THR A 1 81  ? 4.799   -3.964  -3.734  1.00 15.22 ? 81  THR A CB  1 
ATOM   464  O  OG1 . THR A 1 81  ? 4.170   -4.598  -4.859  1.00 19.49 ? 81  THR A OG1 1 
ATOM   465  C  CG2 . THR A 1 81  ? 6.044   -4.700  -3.449  1.00 17.09 ? 81  THR A CG2 1 
ATOM   466  N  N   . LEU A 1 82  ? 4.962   -3.875  -0.341  1.00 14.17 ? 82  LEU A N   1 
ATOM   467  C  CA  . LEU A 1 82  ? 5.598   -3.273  0.820   1.00 13.70 ? 82  LEU A CA  1 
ATOM   468  C  C   . LEU A 1 82  ? 6.881   -4.000  1.145   1.00 12.70 ? 82  LEU A C   1 
ATOM   469  O  O   . LEU A 1 82  ? 6.897   -5.243  1.173   1.00 14.67 ? 82  LEU A O   1 
ATOM   470  C  CB  . LEU A 1 82  ? 4.695   -3.387  2.086   1.00 15.96 ? 82  LEU A CB  1 
ATOM   471  C  CG  . LEU A 1 82  ? 3.247   -2.881  1.935   1.00 15.28 ? 82  LEU A CG  1 
ATOM   472  C  CD1 . LEU A 1 82  ? 2.389   -3.234  3.169   1.00 18.42 ? 82  LEU A CD1 1 
ATOM   473  C  CD2 . LEU A 1 82  ? 3.297   -1.406  1.715   1.00 16.74 ? 82  LEU A CD2 1 
ATOM   474  N  N   . THR A 1 83  ? 7.932   -3.251  1.430   1.00 12.71 ? 83  THR A N   1 
ATOM   475  C  CA  . THR A 1 83  ? 9.147   -3.807  2.026   1.00 14.46 ? 83  THR A CA  1 
ATOM   476  C  C   . THR A 1 83  ? 9.119   -3.436  3.501   1.00 13.15 ? 83  THR A C   1 
ATOM   477  O  O   . THR A 1 83  ? 8.970   -2.259  3.855   1.00 14.38 ? 83  THR A O   1 
ATOM   478  C  CB  . THR A 1 83  ? 10.433  -3.265  1.399   1.00 13.85 ? 83  THR A CB  1 
ATOM   479  O  OG1 . THR A 1 83  ? 10.532  -3.693  0.054   1.00 16.41 ? 83  THR A OG1 1 
ATOM   480  C  CG2 . THR A 1 83  ? 11.673  -3.757  2.150   1.00 17.92 ? 83  THR A CG2 1 
ATOM   481  N  N   . ILE A 1 84  ? 9.158   -4.441  4.373   1.00 14.14 ? 84  ILE A N   1 
ATOM   482  C  CA  . ILE A 1 84  ? 8.831   -4.283  5.803   1.00 13.43 ? 84  ILE A CA  1 
ATOM   483  C  C   . ILE A 1 84  ? 10.023  -4.746  6.640   1.00 14.04 ? 84  ILE A C   1 
ATOM   484  O  O   . ILE A 1 84  ? 10.371  -5.936  6.619   1.00 16.52 ? 84  ILE A O   1 
ATOM   485  C  CB  . ILE A 1 84  ? 7.551   -5.031  6.187   1.00 15.15 ? 84  ILE A CB  1 
ATOM   486  C  CG1 . ILE A 1 84  ? 6.400   -4.591  5.287   1.00 15.26 ? 84  ILE A CG1 1 
ATOM   487  C  CG2 . ILE A 1 84  ? 7.246   -4.800  7.639   1.00 15.40 ? 84  ILE A CG2 1 
ATOM   488  C  CD1 . ILE A 1 84  ? 5.102   -5.423  5.519   1.00 18.64 ? 84  ILE A CD1 1 
ATOM   489  N  N   . SER A 1 85  ? 10.592  -3.843  7.425   1.00 13.73 ? 85  SER A N   1 
ATOM   490  C  CA  . SER A 1 85  ? 11.686  -4.187  8.329   1.00 16.26 ? 85  SER A CA  1 
ATOM   491  C  C   . SER A 1 85  ? 11.127  -4.418  9.746   1.00 14.32 ? 85  SER A C   1 
ATOM   492  O  O   . SER A 1 85  ? 10.429  -3.554  10.307  1.00 16.28 ? 85  SER A O   1 
ATOM   493  C  CB  . SER A 1 85  ? 12.718  -3.067  8.296   1.00 17.48 ? 85  SER A CB  1 
ATOM   494  O  OG  . SER A 1 85  ? 13.687  -3.284  9.326   1.00 18.15 ? 85  SER A OG  1 
ATOM   495  N  N   . LEU A 1 86  ? 11.342  -5.630  10.272  1.00 14.75 ? 86  LEU A N   1 
ATOM   496  C  CA  . LEU A 1 86  ? 10.896  -6.057  11.607  1.00 14.60 ? 86  LEU A CA  1 
ATOM   497  C  C   . LEU A 1 86  ? 12.154  -6.371  12.392  1.00 16.43 ? 86  LEU A C   1 
ATOM   498  O  O   . LEU A 1 86  ? 12.558  -7.550  12.452  1.00 18.26 ? 86  LEU A O   1 
ATOM   499  C  CB  . LEU A 1 86  ? 9.996   -7.257  11.456  1.00 16.48 ? 86  LEU A CB  1 
ATOM   500  C  CG  . LEU A 1 86  ? 8.763   -7.123  10.559  1.00 16.81 ? 86  LEU A CG  1 
ATOM   501  C  CD1 . LEU A 1 86  ? 8.124   -8.524  10.279  1.00 21.34 ? 86  LEU A CD1 1 
ATOM   502  C  CD2 . LEU A 1 86  ? 7.734   -6.152  11.135  1.00 16.65 ? 86  LEU A CD2 1 
ATOM   503  N  N   . ASP A 1 87  ? 12.772  -5.341  12.996  1.00 16.37 ? 87  ASP A N   1 
ATOM   504  C  CA  . ASP A 1 87  ? 14.091  -5.537  13.572  1.00 17.12 ? 87  ASP A CA  1 
ATOM   505  C  C   . ASP A 1 87  ? 14.047  -6.090  14.990  1.00 17.27 ? 87  ASP A C   1 
ATOM   506  O  O   . ASP A 1 87  ? 15.108  -6.338  15.564  1.00 19.32 ? 87  ASP A O   1 
ATOM   507  C  CB  . ASP A 1 87  ? 14.896  -4.255  13.504  1.00 18.11 ? 87  ASP A CB  1 
ATOM   508  C  CG  . ASP A 1 87  ? 14.281  -3.103  14.304  1.00 17.12 ? 87  ASP A CG  1 
ATOM   509  O  OD1 . ASP A 1 87  ? 13.274  -3.315  15.013  1.00 17.90 ? 87  ASP A OD1 1 
ATOM   510  O  OD2 . ASP A 1 87  ? 14.814  -1.969  14.222  1.00 20.25 ? 87  ASP A OD2 1 
ATOM   511  N  N   . ASN A 1 88  ? 12.873  -6.311  15.575  1.00 16.91 ? 88  ASN A N   1 
ATOM   512  C  CA  . ASN A 1 88  ? 12.731  -6.849  16.916  1.00 18.02 ? 88  ASN A CA  1 
ATOM   513  C  C   . ASN A 1 88  ? 13.195  -5.863  17.978  1.00 20.10 ? 88  ASN A C   1 
ATOM   514  O  O   . ASN A 1 88  ? 13.502  -6.288  19.105  1.00 21.94 ? 88  ASN A O   1 
ATOM   515  C  CB  . ASN A 1 88  ? 13.344  -8.255  17.081  1.00 17.79 ? 88  ASN A CB  1 
ATOM   516  C  CG  . ASN A 1 88  ? 12.478  -9.326  16.493  1.00 17.16 ? 88  ASN A CG  1 
ATOM   517  O  OD1 . ASN A 1 88  ? 11.290  -9.102  16.266  1.00 19.81 ? 88  ASN A OD1 1 
ATOM   518  N  ND2 . ASN A 1 88  ? 13.044  -10.510 16.301  1.00 19.60 ? 88  ASN A ND2 1 
ATOM   519  N  N   . SER A 1 89  ? 13.216  -4.567  17.663  1.00 18.10 ? 89  SER A N   1 
ATOM   520  C  CA  . SER A 1 89  ? 13.410  -3.545  18.685  1.00 19.36 ? 89  SER A CA  1 
ATOM   521  C  C   . SER A 1 89  ? 12.258  -2.557  18.539  1.00 18.81 ? 89  SER A C   1 
ATOM   522  O  O   . SER A 1 89  ? 11.950  -2.101  17.413  1.00 18.88 ? 89  SER A O   1 
ATOM   523  C  CB  . SER A 1 89  ? 14.730  -2.859  18.432  1.00 20.84 ? 89  SER A CB  1 
ATOM   524  O  OG  . SER A 1 89  ? 14.858  -1.768  19.358  1.00 26.39 ? 89  SER A OG  1 
ATOM   525  N  N   . PRO A 1 90  ? 11.623  -2.162  19.633  1.00 18.45 ? 90  PRO A N   1 
ATOM   526  C  CA  . PRO A 1 90  ? 11.993  -2.460  21.025  1.00 20.38 ? 90  PRO A CA  1 
ATOM   527  C  C   . PRO A 1 90  ? 11.361  -3.739  21.603  1.00 24.67 ? 90  PRO A C   1 
ATOM   528  O  O   . PRO A 1 90  ? 11.630  -4.058  22.770  1.00 34.29 ? 90  PRO A O   1 
ATOM   529  C  CB  . PRO A 1 90  ? 11.461  -1.217  21.757  1.00 21.52 ? 90  PRO A CB  1 
ATOM   530  C  CG  . PRO A 1 90  ? 10.275  -0.848  21.023  1.00 21.97 ? 90  PRO A CG  1 
ATOM   531  C  CD  . PRO A 1 90  ? 10.510  -1.202  19.554  1.00 19.67 ? 90  PRO A CD  1 
ATOM   532  N  N   . VAL A 1 91  ? 10.517  -4.449  20.851  1.00 21.06 ? 91  VAL A N   1 
ATOM   533  C  CA  . VAL A 1 91  ? 9.865   -5.674  21.306  1.00 26.68 ? 91  VAL A CA  1 
ATOM   534  C  C   . VAL A 1 91  ? 10.145  -6.736  20.255  1.00 19.80 ? 91  VAL A C   1 
ATOM   535  O  O   . VAL A 1 91  ? 10.394  -6.440  19.086  1.00 23.82 ? 91  VAL A O   1 
ATOM   536  C  CB  . VAL A 1 91  ? 8.325   -5.523  21.460  1.00 28.78 ? 91  VAL A CB  1 
ATOM   537  C  CG1 . VAL A 1 91  ? 7.946   -4.433  22.509  1.00 27.33 ? 91  VAL A CG1 1 
ATOM   538  C  CG2 . VAL A 1 91  ? 7.626   -5.285  20.098  1.00 25.49 ? 91  VAL A CG2 1 
ATOM   539  N  N   . ALA A 1 92  ? 10.139  -7.995  20.693  1.00 22.13 ? 92  ALA A N   1 
ATOM   540  C  CA  . ALA A 1 92  ? 10.153  -9.113  19.784  1.00 18.95 ? 92  ALA A CA  1 
ATOM   541  C  C   . ALA A 1 92  ? 9.006   -10.045 20.134  1.00 26.01 ? 92  ALA A C   1 
ATOM   542  O  O   . ALA A 1 92  ? 8.762   -10.298 21.321  1.00 30.35 ? 92  ALA A O   1 
ATOM   543  C  CB  . ALA A 1 92  ? 11.481  -9.861  19.895  1.00 19.70 ? 92  ALA A CB  1 
ATOM   544  N  N   . PRO A 1 93  ? 8.277   -10.587 19.135  1.00 23.56 ? 93  PRO A N   1 
ATOM   545  C  CA  . PRO A 1 93  ? 8.408   -10.280 17.705  1.00 20.91 ? 93  PRO A CA  1 
ATOM   546  C  C   . PRO A 1 93  ? 7.718   -8.971  17.370  1.00 18.09 ? 93  PRO A C   1 
ATOM   547  O  O   . PRO A 1 93  ? 7.111   -8.339  18.226  1.00 20.87 ? 93  PRO A O   1 
ATOM   548  C  CB  . PRO A 1 93  ? 7.665   -11.443 17.028  1.00 23.81 ? 93  PRO A CB  1 
ATOM   549  C  CG  . PRO A 1 93  ? 6.667   -11.883 18.051  1.00 26.49 ? 93  PRO A CG  1 
ATOM   550  C  CD  . PRO A 1 93  ? 7.310   -11.669 19.389  1.00 27.13 ? 93  PRO A CD  1 
ATOM   551  N  N   . GLU A 1 94  ? 7.853   -8.556  16.115  1.00 17.03 ? 94  GLU A N   1 
ATOM   552  C  CA  . GLU A 1 94  ? 7.111   -7.437  15.551  1.00 14.76 ? 94  GLU A CA  1 
ATOM   553  C  C   . GLU A 1 94  ? 6.219   -7.975  14.431  1.00 16.28 ? 94  GLU A C   1 
ATOM   554  O  O   . GLU A 1 94  ? 6.509   -9.024  13.847  1.00 17.46 ? 94  GLU A O   1 
ATOM   555  C  CB  . GLU A 1 94  ? 8.014   -6.325  15.070  1.00 14.36 ? 94  GLU A CB  1 
ATOM   556  C  CG  . GLU A 1 94  ? 8.829   -5.759  16.258  1.00 14.83 ? 94  GLU A CG  1 
ATOM   557  C  CD  . GLU A 1 94  ? 9.677   -4.583  15.894  1.00 15.66 ? 94  GLU A CD  1 
ATOM   558  O  OE1 . GLU A 1 94  ? 10.543  -4.695  14.990  1.00 16.84 ? 94  GLU A OE1 1 
ATOM   559  O  OE2 . GLU A 1 94  ? 9.502   -3.515  16.515  1.00 16.57 ? 94  GLU A OE2 1 
ATOM   560  N  N   . ALA A 1 95  ? 5.104   -7.298  14.164  1.00 14.60 ? 95  ALA A N   1 
ATOM   561  C  CA  . ALA A 1 95  ? 4.137   -7.861  13.234  1.00 16.06 ? 95  ALA A CA  1 
ATOM   562  C  C   . ALA A 1 95  ? 3.260   -6.750  12.707  1.00 15.59 ? 95  ALA A C   1 
ATOM   563  O  O   . ALA A 1 95  ? 3.020   -5.746  13.377  1.00 16.48 ? 95  ALA A O   1 
ATOM   564  C  CB  . ALA A 1 95  ? 3.248   -8.858  13.960  1.00 16.75 ? 95  ALA A CB  1 
ATOM   565  N  N   . GLY A 1 96  ? 2.746   -6.944  11.488  1.00 15.38 ? 96  GLY A N   1 
ATOM   566  C  CA  . GLY A 1 96  ? 1.752   -6.031  10.946  1.00 15.39 ? 96  GLY A CA  1 
ATOM   567  C  C   . GLY A 1 96  ? 0.759   -6.773  10.077  1.00 16.30 ? 96  GLY A C   1 
ATOM   568  O  O   . GLY A 1 96  ? 1.135   -7.735  9.387   1.00 17.66 ? 96  GLY A O   1 
ATOM   569  N  N   . ARG A 1 97  ? -0.497  -6.338  10.082  1.00 15.20 ? 97  ARG A N   1 
ATOM   570  C  CA  . ARG A 1 97  ? -1.512  -6.833  9.155   1.00 15.46 ? 97  ARG A CA  1 
ATOM   571  C  C   . ARG A 1 97  ? -2.018  -5.623  8.395   1.00 15.74 ? 97  ARG A C   1 
ATOM   572  O  O   . ARG A 1 97  ? -2.341  -4.600  9.004   1.00 16.93 ? 97  ARG A O   1 
ATOM   573  C  CB  . ARG A 1 97  ? -2.634  -7.455  9.956   1.00 18.52 ? 97  ARG A CB  1 
ATOM   574  C  CG  . ARG A 1 97  ? -3.733  -8.051  9.155   1.00 20.40 ? 97  ARG A CG  1 
ATOM   575  C  CD  . ARG A 1 97  ? -4.755  -8.764  10.013  1.00 29.77 ? 97  ARG A CD  1 
ATOM   576  N  NE  . ARG A 1 97  ? -5.552  -9.685  9.221   1.00 30.74 ? 97  ARG A NE  1 
ATOM   577  C  CZ  . ARG A 1 97  ? -6.627  -10.293 9.704   1.00 36.43 ? 97  ARG A CZ  1 
ATOM   578  N  NH1 . ARG A 1 97  ? -7.000  -10.118 10.972  1.00 38.61 ? 97  ARG A NH1 1 
ATOM   579  N  NH2 . ARG A 1 97  ? -7.372  -11.052 8.889   1.00 32.45 ? 97  ARG A NH2 1 
ATOM   580  N  N   . PHE A 1 98  ? -2.066  -5.718  7.064   1.00 14.02 ? 98  PHE A N   1 
ATOM   581  C  CA  . PHE A 1 98  ? -2.378  -4.617  6.159   1.00 13.79 ? 98  PHE A CA  1 
ATOM   582  C  C   . PHE A 1 98  ? -3.518  -5.002  5.246   1.00 15.09 ? 98  PHE A C   1 
ATOM   583  O  O   . PHE A 1 98  ? -3.688  -6.168  4.875   1.00 14.92 ? 98  PHE A O   1 
ATOM   584  C  CB  . PHE A 1 98  ? -1.169  -4.279  5.325   1.00 16.76 ? 98  PHE A CB  1 
ATOM   585  C  CG  . PHE A 1 98  ? 0.028   -3.966  6.128   1.00 17.05 ? 98  PHE A CG  1 
ATOM   586  C  CD1 . PHE A 1 98  ? 0.886   -4.970  6.541   1.00 16.78 ? 98  PHE A CD1 1 
ATOM   587  C  CD2 . PHE A 1 98  ? 0.299   -2.667  6.490   1.00 17.37 ? 98  PHE A CD2 1 
ATOM   588  C  CE1 . PHE A 1 98  ? 2.024   -4.667  7.298   1.00 18.13 ? 98  PHE A CE1 1 
ATOM   589  C  CE2 . PHE A 1 98  ? 1.416   -2.362  7.294   1.00 18.18 ? 98  PHE A CE2 1 
ATOM   590  C  CZ  . PHE A 1 98  ? 2.242   -3.379  7.696   1.00 18.35 ? 98  PHE A CZ  1 
ATOM   591  N  N   . PHE A 1 99  ? -4.336  -4.008  4.901   1.00 14.18 ? 99  PHE A N   1 
ATOM   592  C  CA  . PHE A 1 99  ? -5.394  -4.178  3.909   1.00 13.65 ? 99  PHE A CA  1 
ATOM   593  C  C   . PHE A 1 99  ? -5.409  -2.962  2.990   1.00 13.56 ? 99  PHE A C   1 
ATOM   594  O  O   . PHE A 1 99  ? -4.887  -1.896  3.333   1.00 14.79 ? 99  PHE A O   1 
ATOM   595  C  CB  . PHE A 1 99  ? -6.776  -4.231  4.609   1.00 16.30 ? 99  PHE A CB  1 
ATOM   596  C  CG  . PHE A 1 99  ? -7.103  -5.559  5.252   1.00 14.83 ? 99  PHE A CG  1 
ATOM   597  C  CD1 . PHE A 1 99  ? -6.660  -5.843  6.529   1.00 17.48 ? 99  PHE A CD1 1 
ATOM   598  C  CD2 . PHE A 1 99  ? -7.898  -6.482  4.617   1.00 15.89 ? 99  PHE A CD2 1 
ATOM   599  C  CE1 . PHE A 1 99  ? -6.991  -7.068  7.115   1.00 17.02 ? 99  PHE A CE1 1 
ATOM   600  C  CE2 . PHE A 1 99  ? -8.239  -7.671  5.184   1.00 17.57 ? 99  PHE A CE2 1 
ATOM   601  C  CZ  . PHE A 1 99  ? -7.780  -7.971  6.442   1.00 18.39 ? 99  PHE A CZ  1 
ATOM   602  N  N   . LEU A 1 100 ? -6.046  -3.104  1.830   1.00 14.05 ? 100 LEU A N   1 
ATOM   603  C  CA  . LEU A 1 100 ? -6.520  -1.925  1.134   1.00 14.03 ? 100 LEU A CA  1 
ATOM   604  C  C   . LEU A 1 100 ? -7.839  -1.493  1.764   1.00 14.23 ? 100 LEU A C   1 
ATOM   605  O  O   . LEU A 1 100 ? -8.629  -2.324  2.203   1.00 15.28 ? 100 LEU A O   1 
ATOM   606  C  CB  . LEU A 1 100 ? -6.743  -2.307  -0.321  1.00 14.83 ? 100 LEU A CB  1 
ATOM   607  C  CG  . LEU A 1 100 ? -5.494  -2.657  -1.097  1.00 14.38 ? 100 LEU A CG  1 
ATOM   608  C  CD1 . LEU A 1 100 ? -5.855  -3.263  -2.455  1.00 15.51 ? 100 LEU A CD1 1 
ATOM   609  C  CD2 . LEU A 1 100 ? -4.626  -1.413  -1.253  1.00 16.68 ? 100 LEU A CD2 1 
ATOM   610  N  N   . SER A 1 101 ? -8.049  -0.182  1.811   1.00 14.53 ? 101 SER A N   1 
ATOM   611  C  CA  A SER A 1 101 ? -9.250  0.443   2.350   0.52 16.05 ? 101 SER A CA  1 
ATOM   612  C  CA  B SER A 1 101 ? -9.302  0.353   2.307   0.48 16.09 ? 101 SER A CA  1 
ATOM   613  C  C   . SER A 1 101 ? -9.952  1.250   1.270   1.00 15.49 ? 101 SER A C   1 
ATOM   614  O  O   . SER A 1 101 ? -9.304  1.788   0.352   1.00 16.43 ? 101 SER A O   1 
ATOM   615  C  CB  A SER A 1 101 ? -8.930  1.326   3.573   0.52 17.57 ? 101 SER A CB  1 
ATOM   616  C  CB  B SER A 1 101 ? -9.172  1.046   3.663   0.48 17.37 ? 101 SER A CB  1 
ATOM   617  O  OG  A SER A 1 101 ? -8.190  2.473   3.189   0.52 16.71 ? 101 SER A OG  1 
ATOM   618  O  OG  B SER A 1 101 ? -8.821  0.064   4.636   0.48 18.99 ? 101 SER A OG  1 
ATOM   619  N  N   . LEU A 1 102 ? -11.267 1.327   1.399   1.00 15.89 ? 102 LEU A N   1 
ATOM   620  C  CA  . LEU A 1 102 ? -12.127 2.080   0.506   1.00 16.89 ? 102 LEU A CA  1 
ATOM   621  C  C   . LEU A 1 102 ? -12.763 3.224   1.294   1.00 15.42 ? 102 LEU A C   1 
ATOM   622  O  O   . LEU A 1 102 ? -13.632 2.997   2.146   1.00 18.13 ? 102 LEU A O   1 
ATOM   623  C  CB  . LEU A 1 102 ? -13.191 1.098   -0.020  1.00 16.95 ? 102 LEU A CB  1 
ATOM   624  C  CG  . LEU A 1 102 ? -14.203 1.642   -1.013  1.00 20.14 ? 102 LEU A CG  1 
ATOM   625  C  CD1 . LEU A 1 102 ? -13.568 2.180   -2.198  1.00 21.09 ? 102 LEU A CD1 1 
ATOM   626  C  CD2 . LEU A 1 102 ? -15.255 0.593   -1.412  1.00 23.30 ? 102 LEU A CD2 1 
ATOM   627  N  N   . GLY A 1 103 ? -12.344 4.442   1.015   1.00 16.53 ? 103 GLY A N   1 
ATOM   628  C  CA  . GLY A 1 103 ? -12.888 5.560   1.789   1.00 18.06 ? 103 GLY A CA  1 
ATOM   629  C  C   . GLY A 1 103 ? -12.215 5.685   3.158   1.00 20.19 ? 103 GLY A C   1 
ATOM   630  O  O   . GLY A 1 103 ? -10.981 5.843   3.264   1.00 21.89 ? 103 GLY A O   1 
ATOM   631  N  N   . THR A 1 104 ? -12.979 5.611   4.234   1.00 18.98 ? 104 THR A N   1 
ATOM   632  C  CA  . THR A 1 104 ? -12.387 5.769   5.555   1.00 19.41 ? 104 THR A CA  1 
ATOM   633  C  C   . THR A 1 104 ? -11.429 4.601   5.838   1.00 18.94 ? 104 THR A C   1 
ATOM   634  O  O   . THR A 1 104 ? -11.674 3.468   5.395   1.00 20.29 ? 104 THR A O   1 
ATOM   635  C  CB  . THR A 1 104 ? -13.512 5.909   6.593   1.00 22.82 ? 104 THR A CB  1 
ATOM   636  O  OG1 . THR A 1 104 ? -12.971 6.444   7.815   1.00 28.12 ? 104 THR A OG1 1 
ATOM   637  C  CG2 . THR A 1 104 ? -14.173 4.613   6.825   1.00 23.63 ? 104 THR A CG2 1 
ATOM   638  N  N   . PRO A 1 105 ? -10.339 4.832   6.587   1.00 16.31 ? 105 PRO A N   1 
ATOM   639  C  CA  . PRO A 1 105 ? -9.330  3.774   6.740   1.00 19.24 ? 105 PRO A CA  1 
ATOM   640  C  C   . PRO A 1 105 ? -9.838  2.487   7.332   1.00 17.42 ? 105 PRO A C   1 
ATOM   641  O  O   . PRO A 1 105 ? -9.286  1.431   7.004   1.00 20.79 ? 105 PRO A O   1 
ATOM   642  C  CB  . PRO A 1 105 ? -8.255  4.433   7.616   1.00 20.50 ? 105 PRO A CB  1 
ATOM   643  C  CG  . PRO A 1 105 ? -8.379  5.871   7.289   1.00 19.81 ? 105 PRO A CG  1 
ATOM   644  C  CD  . PRO A 1 105 ? -9.855  6.126   7.078   1.00 18.32 ? 105 PRO A CD  1 
ATOM   645  N  N   . ALA A 1 106 ? -10.852 2.505   8.201   1.00 17.74 ? 106 ALA A N   1 
ATOM   646  C  CA  . ALA A 1 106 ? -11.373 1.262   8.771   1.00 18.01 ? 106 ALA A CA  1 
ATOM   647  C  C   . ALA A 1 106 ? -12.226 0.449   7.818   1.00 17.38 ? 106 ALA A C   1 
ATOM   648  O  O   . ALA A 1 106 ? -12.508 -0.709  8.139   1.00 18.95 ? 106 ALA A O   1 
ATOM   649  C  CB  . ALA A 1 106 ? -12.189 1.528   10.032  1.00 24.34 ? 106 ALA A CB  1 
ATOM   650  N  N   . ASN A 1 107 ? -12.596 1.015   6.659   1.00 17.46 ? 107 ASN A N   1 
ATOM   651  C  CA  . ASN A 1 107 ? -13.442 0.349   5.672   1.00 17.80 ? 107 ASN A CA  1 
ATOM   652  C  C   . ASN A 1 107 ? -12.584 -0.555  4.780   1.00 16.64 ? 107 ASN A C   1 
ATOM   653  O  O   . ASN A 1 107 ? -12.427 -0.333  3.577   1.00 17.51 ? 107 ASN A O   1 
ATOM   654  C  CB  . ASN A 1 107 ? -14.239 1.386   4.882   1.00 18.51 ? 107 ASN A CB  1 
ATOM   655  C  CG  . ASN A 1 107 ? -15.442 0.817   4.204   1.00 17.39 ? 107 ASN A CG  1 
ATOM   656  O  OD1 . ASN A 1 107 ? -16.017 -0.194  4.658   1.00 19.88 ? 107 ASN A OD1 1 
ATOM   657  N  ND2 . ASN A 1 107 ? -15.790 1.400   3.076   1.00 17.03 ? 107 ASN A ND2 1 
ATOM   658  N  N   . ILE A 1 108 ? -12.089 -1.635  5.383   1.00 16.69 ? 108 ILE A N   1 
ATOM   659  C  CA  . ILE A 1 108 ? -11.132 -2.494  4.694   1.00 17.31 ? 108 ILE A CA  1 
ATOM   660  C  C   . ILE A 1 108 ? -11.814 -3.349  3.635   1.00 15.04 ? 108 ILE A C   1 
ATOM   661  O  O   . ILE A 1 108 ? -13.015 -3.660  3.699   1.00 16.95 ? 108 ILE A O   1 
ATOM   662  C  CB  . ILE A 1 108 ? -10.336 -3.345  5.684   1.00 18.28 ? 108 ILE A CB  1 
ATOM   663  C  CG1 . ILE A 1 108 ? -11.242 -4.271  6.516   1.00 19.62 ? 108 ILE A CG1 1 
ATOM   664  C  CG2 . ILE A 1 108 ? -9.525  -2.415  6.567   1.00 20.05 ? 108 ILE A CG2 1 
ATOM   665  C  CD1 . ILE A 1 108 ? -10.434 -5.259  7.364   1.00 26.42 ? 108 ILE A CD1 1 
ATOM   666  N  N   . ILE A 1 109 ? -11.010 -3.798  2.669   1.00 14.71 ? 109 ILE A N   1 
ATOM   667  C  CA  . ILE A 1 109 ? -11.471 -4.619  1.546   1.00 15.49 ? 109 ILE A CA  1 
ATOM   668  C  C   . ILE A 1 109 ? -11.113 -6.080  1.825   1.00 15.87 ? 109 ILE A C   1 
ATOM   669  O  O   . ILE A 1 109 ? -9.927  -6.445  1.711   1.00 14.73 ? 109 ILE A O   1 
ATOM   670  C  CB  . ILE A 1 109 ? -10.870 -4.118  0.233   1.00 15.26 ? 109 ILE A CB  1 
ATOM   671  C  CG1 . ILE A 1 109 ? -11.402 -2.705  -0.038  1.00 15.98 ? 109 ILE A CG1 1 
ATOM   672  C  CG2 . ILE A 1 109 ? -11.233 -5.023  -0.923  1.00 17.22 ? 109 ILE A CG2 1 
ATOM   673  C  CD1 . ILE A 1 109 ? -10.604 -1.918  -1.083  1.00 15.16 ? 109 ILE A CD1 1 
ATOM   674  N  N   . PRO A 1 110 ? -12.088 -6.951  2.160   1.00 15.14 ? 110 PRO A N   1 
ATOM   675  C  CA  . PRO A 1 110 ? -11.771 -8.385  2.287   1.00 16.01 ? 110 PRO A CA  1 
ATOM   676  C  C   . PRO A 1 110 ? -11.190 -8.915  0.977   1.00 16.63 ? 110 PRO A C   1 
ATOM   677  O  O   . PRO A 1 110 ? -11.645 -8.579  -0.118  1.00 16.66 ? 110 PRO A O   1 
ATOM   678  C  CB  . PRO A 1 110 ? -13.124 -9.033  2.619   1.00 17.29 ? 110 PRO A CB  1 
ATOM   679  C  CG  . PRO A 1 110 ? -13.954 -7.926  3.201   1.00 19.79 ? 110 PRO A CG  1 
ATOM   680  C  CD  . PRO A 1 110 ? -13.510 -6.680  2.449   1.00 17.25 ? 110 PRO A CD  1 
ATOM   681  N  N   . GLY A 1 111 ? -10.173 -9.742  1.106   1.00 15.51 ? 111 GLY A N   1 
ATOM   682  C  CA  . GLY A 1 111 ? -9.452  -10.267 -0.020  1.00 15.35 ? 111 GLY A CA  1 
ATOM   683  C  C   . GLY A 1 111 ? -8.128  -9.565  -0.268  1.00 13.50 ? 111 GLY A C   1 
ATOM   684  O  O   . GLY A 1 111 ? -7.303  -10.070 -1.031  1.00 16.38 ? 111 GLY A O   1 
ATOM   685  N  N   . SER A 1 112 ? -7.941  -8.393  0.342   1.00 13.91 ? 112 SER A N   1 
ATOM   686  C  CA  . SER A 1 112 ? -6.725  -7.594  0.150   1.00 13.24 ? 112 SER A CA  1 
ATOM   687  C  C   . SER A 1 112 ? -5.751  -7.722  1.309   1.00 12.89 ? 112 SER A C   1 
ATOM   688  O  O   . SER A 1 112 ? -4.722  -7.040  1.313   1.00 15.56 ? 112 SER A O   1 
ATOM   689  C  CB  . SER A 1 112 ? -7.080  -6.105  -0.057  1.00 15.44 ? 112 SER A CB  1 
ATOM   690  O  OG  . SER A 1 112 ? -7.494  -5.488  1.162   1.00 14.04 ? 112 SER A OG  1 
ATOM   691  N  N   . GLY A 1 113 ? -6.054  -8.531  2.310   1.00 13.80 ? 113 GLY A N   1 
ATOM   692  C  CA  . GLY A 1 113 ? -5.236  -8.578  3.525   1.00 15.20 ? 113 GLY A CA  1 
ATOM   693  C  C   . GLY A 1 113 ? -3.932  -9.343  3.332   1.00 14.15 ? 113 GLY A C   1 
ATOM   694  O  O   . GLY A 1 113 ? -3.859  -10.342 2.593   1.00 17.60 ? 113 GLY A O   1 
ATOM   695  N  N   . THR A 1 114 ? -2.900  -8.865  3.995   1.00 15.14 ? 114 THR A N   1 
ATOM   696  C  CA  . THR A 1 114 ? -1.623  -9.569  4.097   1.00 15.40 ? 114 THR A CA  1 
ATOM   697  C  C   . THR A 1 114 ? -1.105  -9.360  5.510   1.00 14.77 ? 114 THR A C   1 
ATOM   698  O  O   . THR A 1 114 ? -1.490  -8.417  6.204   1.00 16.14 ? 114 THR A O   1 
ATOM   699  C  CB  . THR A 1 114 ? -0.588  -9.063  3.089   1.00 17.46 ? 114 THR A CB  1 
ATOM   700  O  OG1 . THR A 1 114 ? -0.354  -7.667  3.269   1.00 17.44 ? 114 THR A OG1 1 
ATOM   701  C  CG2 . THR A 1 114 ? -0.978  -9.332  1.612   1.00 18.53 ? 114 THR A CG2 1 
ATOM   702  N  N   . ALA A 1 115 ? -0.236  -10.229 5.970   1.00 14.81 ? 115 ALA A N   1 
ATOM   703  C  CA  . ALA A 1 115 ? 0.330   -10.056 7.291   1.00 14.80 ? 115 ALA A CA  1 
ATOM   704  C  C   . ALA A 1 115 ? 1.729   -10.647 7.363   1.00 15.47 ? 115 ALA A C   1 
ATOM   705  O  O   . ALA A 1 115 ? 2.039   -11.633 6.679   1.00 17.07 ? 115 ALA A O   1 
ATOM   706  C  CB  . ALA A 1 115 ? -0.559  -10.709 8.340   1.00 16.33 ? 115 ALA A CB  1 
ATOM   707  N  N   . VAL A 1 116 ? 2.581   -10.054 8.215   1.00 15.62 ? 116 VAL A N   1 
ATOM   708  C  CA  . VAL A 1 116 ? 3.948   -10.507 8.446   1.00 16.48 ? 116 VAL A CA  1 
ATOM   709  C  C   . VAL A 1 116 ? 4.211   -10.502 9.947   1.00 16.12 ? 116 VAL A C   1 
ATOM   710  O  O   . VAL A 1 116 ? 3.628   -9.713  10.705  1.00 16.70 ? 116 VAL A O   1 
ATOM   711  C  CB  . VAL A 1 116 ? 5.001   -9.672  7.714   1.00 15.25 ? 116 VAL A CB  1 
ATOM   712  C  CG1 . VAL A 1 116 ? 4.833   -9.813  6.208   1.00 21.12 ? 116 VAL A CG1 1 
ATOM   713  C  CG2 . VAL A 1 116 ? 4.918   -8.192  8.146   1.00 18.97 ? 116 VAL A CG2 1 
ATOM   714  N  N   . ARG A 1 117 ? 5.109   -11.392 10.373  1.00 14.96 ? 117 ARG A N   1 
ATOM   715  C  CA  . ARG A 1 117 ? 5.548   -11.411 11.773  1.00 16.01 ? 117 ARG A CA  1 
ATOM   716  C  C   . ARG A 1 117 ? 6.957   -11.973 11.805  1.00 16.32 ? 117 ARG A C   1 
ATOM   717  O  O   . ARG A 1 117 ? 7.261   -12.933 11.093  1.00 16.84 ? 117 ARG A O   1 
ATOM   718  C  CB  . ARG A 1 117 ? 4.575   -12.217 12.636  1.00 16.27 ? 117 ARG A CB  1 
ATOM   719  C  CG  . ARG A 1 117 ? 5.029   -12.332 14.098  1.00 17.47 ? 117 ARG A CG  1 
ATOM   720  C  CD  . ARG A 1 117 ? 3.912   -12.810 15.004  1.00 21.08 ? 117 ARG A CD  1 
ATOM   721  N  NE  . ARG A 1 117 ? 3.682   -14.233 14.805  1.00 21.81 ? 117 ARG A NE  1 
ATOM   722  C  CZ  . ARG A 1 117 ? 2.583   -14.896 15.136  1.00 22.46 ? 117 ARG A CZ  1 
ATOM   723  N  NH1 . ARG A 1 117 ? 1.630   -14.329 15.865  1.00 27.03 ? 117 ARG A NH1 1 
ATOM   724  N  NH2 . ARG A 1 117 ? 2.461   -16.184 14.780  1.00 23.10 ? 117 ARG A NH2 1 
ATOM   725  N  N   . SER A 1 118 ? 7.838   -11.360 12.607  1.00 16.42 ? 118 SER A N   1 
ATOM   726  C  CA  . SER A 1 118 ? 9.212   -11.821 12.759  1.00 16.79 ? 118 SER A CA  1 
ATOM   727  C  C   . SER A 1 118 ? 9.279   -13.006 13.720  1.00 16.76 ? 118 SER A C   1 
ATOM   728  O  O   . SER A 1 118 ? 8.337   -13.298 14.456  1.00 17.41 ? 118 SER A O   1 
ATOM   729  C  CB  . SER A 1 118 ? 10.099  -10.662 13.242  1.00 16.66 ? 118 SER A CB  1 
ATOM   730  O  OG  . SER A 1 118 ? 9.624   -10.144 14.457  1.00 18.40 ? 118 SER A OG  1 
ATOM   731  N  N   . ASN A 1 119 ? 10.440  -13.654 13.703  1.00 19.29 ? 119 ASN A N   1 
ATOM   732  C  CA  . ASN A 1 119 ? 10.760  -14.646 14.718  1.00 19.14 ? 119 ASN A CA  1 
ATOM   733  C  C   . ASN A 1 119 ? 10.896  -13.959 16.063  1.00 20.02 ? 119 ASN A C   1 
ATOM   734  O  O   . ASN A 1 119 ? 11.300  -12.798 16.150  1.00 21.39 ? 119 ASN A O   1 
ATOM   735  C  CB  . ASN A 1 119 ? 12.101  -15.257 14.374  1.00 21.78 ? 119 ASN A CB  1 
ATOM   736  C  CG  . ASN A 1 119 ? 12.268  -16.624 14.948  1.00 22.97 ? 119 ASN A CG  1 
ATOM   737  O  OD1 . ASN A 1 119 ? 12.227  -16.802 16.165  1.00 20.90 ? 119 ASN A OD1 1 
ATOM   738  N  ND2 . ASN A 1 119 ? 12.423  -17.623 14.082  1.00 25.87 ? 119 ASN A ND2 1 
ATOM   739  N  N   . VAL A 1 120 ? 10.555  -14.684 17.130  1.00 21.37 ? 120 VAL A N   1 
ATOM   740  C  CA  A VAL A 1 120 ? 10.727  -14.095 18.455  0.71 23.24 ? 120 VAL A CA  1 
ATOM   741  C  CA  B VAL A 1 120 ? 10.722  -14.133 18.475  0.29 23.25 ? 120 VAL A CA  1 
ATOM   742  C  C   . VAL A 1 120 ? 12.206  -13.999 18.832  1.00 21.54 ? 120 VAL A C   1 
ATOM   743  O  O   . VAL A 1 120 ? 12.581  -13.150 19.645  1.00 26.39 ? 120 VAL A O   1 
ATOM   744  C  CB  A VAL A 1 120 ? 9.873   -14.841 19.499  0.71 25.41 ? 120 VAL A CB  1 
ATOM   745  C  CB  B VAL A 1 120 ? 9.940   -14.980 19.501  0.29 25.38 ? 120 VAL A CB  1 
ATOM   746  C  CG1 A VAL A 1 120 ? 10.352  -16.278 19.628  0.71 22.89 ? 120 VAL A CG1 1 
ATOM   747  C  CG1 B VAL A 1 120 ? 10.183  -14.476 20.917  0.29 28.22 ? 120 VAL A CG1 1 
ATOM   748  C  CG2 A VAL A 1 120 ? 9.912   -14.102 20.823  0.71 28.98 ? 120 VAL A CG2 1 
ATOM   749  C  CG2 B VAL A 1 120 ? 8.458   -14.993 19.169  0.29 23.73 ? 120 VAL A CG2 1 
ATOM   750  N  N   . ILE A 1 121 ? 13.069  -14.819 18.230  1.00 21.62 ? 121 ILE A N   1 
ATOM   751  C  CA  . ILE A 1 121 ? 14.506  -14.805 18.488  1.00 25.76 ? 121 ILE A CA  1 
ATOM   752  C  C   . ILE A 1 121 ? 15.203  -13.938 17.452  1.00 24.79 ? 121 ILE A C   1 
ATOM   753  O  O   . ILE A 1 121 ? 14.763  -13.829 16.305  1.00 24.44 ? 121 ILE A O   1 
ATOM   754  C  CB  . ILE A 1 121 ? 15.043  -16.248 18.446  1.00 26.21 ? 121 ILE A CB  1 
ATOM   755  C  CG1 . ILE A 1 121 ? 14.231  -17.131 19.387  1.00 30.39 ? 121 ILE A CG1 1 
ATOM   756  C  CG2 . ILE A 1 121 ? 16.516  -16.294 18.802  1.00 33.55 ? 121 ILE A CG2 1 
ATOM   757  C  CD1 . ILE A 1 121 ? 14.175  -16.566 20.796  1.00 32.34 ? 121 ILE A CD1 1 
ATOM   758  N  N   . GLY A 1 122 ? 16.288  -13.305 17.838  1.00 21.63 ? 122 GLY A N   1 
ATOM   759  C  CA  . GLY A 1 122 ? 17.170  -12.622 16.902  1.00 20.43 ? 122 GLY A CA  1 
ATOM   760  C  C   . GLY A 1 122 ? 16.677  -11.254 16.432  1.00 20.58 ? 122 GLY A C   1 
ATOM   761  O  O   . GLY A 1 122 ? 15.842  -10.574 17.081  1.00 21.89 ? 122 GLY A O   1 
ATOM   762  N  N   . THR A 1 123 ? 17.257  -10.798 15.320  1.00 19.91 ? 123 THR A N   1 
ATOM   763  C  CA  A THR A 1 123 ? 17.028  -9.434  14.848  0.84 20.88 ? 123 THR A CA  1 
ATOM   764  C  CA  B THR A 1 123 ? 17.079  -9.428  14.854  0.16 21.00 ? 123 THR A CA  1 
ATOM   765  C  C   . THR A 1 123 ? 17.301  -9.381  13.350  1.00 22.39 ? 123 THR A C   1 
ATOM   766  O  O   . THR A 1 123 ? 17.933  -10.265 12.776  1.00 22.40 ? 123 THR A O   1 
ATOM   767  C  CB  A THR A 1 123 ? 17.942  -8.381  15.537  0.84 23.19 ? 123 THR A CB  1 
ATOM   768  C  CB  B THR A 1 123 ? 18.077  -8.492  15.575  0.16 23.30 ? 123 THR A CB  1 
ATOM   769  O  OG1 A THR A 1 123 ? 19.331  -8.652  15.261  0.84 25.84 ? 123 THR A OG1 1 
ATOM   770  O  OG1 B THR A 1 123 ? 17.962  -8.650  16.998  0.16 27.95 ? 123 THR A OG1 1 
ATOM   771  C  CG2 A THR A 1 123 ? 17.719  -8.267  17.092  0.84 27.76 ? 123 THR A CG2 1 
ATOM   772  C  CG2 B THR A 1 123 ? 17.925  -7.016  15.173  0.16 23.53 ? 123 THR A CG2 1 
ATOM   773  N  N   . GLY A 1 124 ? 16.837  -8.293  12.732  1.00 24.52 ? 124 GLY A N   1 
ATOM   774  C  CA  . GLY A 1 124 ? 17.250  -7.962  11.382  1.00 27.17 ? 124 GLY A CA  1 
ATOM   775  C  C   . GLY A 1 124 ? 16.359  -8.421  10.237  1.00 25.09 ? 124 GLY A C   1 
ATOM   776  O  O   . GLY A 1 124 ? 16.698  -8.152  9.074   1.00 25.29 ? 124 GLY A O   1 
ATOM   777  N  N   . GLU A 1 125 ? 15.244  -9.096  10.497  1.00 20.98 ? 125 GLU A N   1 
ATOM   778  C  CA  . GLU A 1 125 ? 14.431  -9.564  9.375   1.00 19.68 ? 125 GLU A CA  1 
ATOM   779  C  C   . GLU A 1 125 ? 13.819  -8.422  8.564   1.00 17.30 ? 125 GLU A C   1 
ATOM   780  O  O   . GLU A 1 125 ? 13.299  -7.448  9.118   1.00 18.26 ? 125 GLU A O   1 
ATOM   781  C  CB  . GLU A 1 125 ? 13.327  -10.474 9.871   1.00 24.23 ? 125 GLU A CB  1 
ATOM   782  C  CG  . GLU A 1 125 ? 13.806  -11.829 10.450  1.00 23.04 ? 125 GLU A CG  1 
ATOM   783  C  CD  . GLU A 1 125 ? 12.709  -12.561 11.201  1.00 33.33 ? 125 GLU A CD  1 
ATOM   784  O  OE1 . GLU A 1 125 ? 12.846  -12.738 12.423  1.00 32.93 ? 125 GLU A OE1 1 
ATOM   785  O  OE2 . GLU A 1 125 ? 11.738  -13.007 10.534  1.00 35.55 ? 125 GLU A OE2 1 
ATOM   786  N  N   . VAL A 1 126 ? 13.883  -8.573  7.248   1.00 15.10 ? 126 VAL A N   1 
ATOM   787  C  CA  . VAL A 1 126 ? 13.212  -7.687  6.290   1.00 16.40 ? 126 VAL A CA  1 
ATOM   788  C  C   . VAL A 1 126 ? 12.480  -8.574  5.304   1.00 15.95 ? 126 VAL A C   1 
ATOM   789  O  O   . VAL A 1 126 ? 13.055  -9.532  4.761   1.00 15.84 ? 126 VAL A O   1 
ATOM   790  C  CB  . VAL A 1 126 ? 14.182  -6.745  5.550   1.00 15.27 ? 126 VAL A CB  1 
ATOM   791  C  CG1 . VAL A 1 126 ? 13.413  -5.804  4.584   1.00 15.58 ? 126 VAL A CG1 1 
ATOM   792  C  CG2 . VAL A 1 126 ? 14.992  -5.928  6.508   1.00 16.42 ? 126 VAL A CG2 1 
ATOM   793  N  N   . ASP A 1 127 ? 11.187  -8.285  5.110   1.00 16.30 ? 127 ASP A N   1 
ATOM   794  C  CA  . ASP A 1 127 ? 10.257  -9.101  4.339   1.00 20.24 ? 127 ASP A CA  1 
ATOM   795  C  C   . ASP A 1 127 ? 9.537   -8.235  3.327   1.00 15.09 ? 127 ASP A C   1 
ATOM   796  O  O   . ASP A 1 127 ? 9.432   -7.033  3.503   1.00 16.89 ? 127 ASP A O   1 
ATOM   797  C  CB  . ASP A 1 127 ? 9.132   -9.689  5.222   1.00 25.63 ? 127 ASP A CB  1 
ATOM   798  C  CG  . ASP A 1 127 ? 9.629   -10.562 6.393   1.00 38.96 ? 127 ASP A CG  1 
ATOM   799  O  OD1 . ASP A 1 127 ? 10.722  -11.171 6.301   1.00 38.77 ? 127 ASP A OD1 1 
ATOM   800  O  OD2 . ASP A 1 127 ? 8.890   -10.645 7.426   1.00 43.31 ? 127 ASP A OD2 1 
ATOM   801  N  N   . VAL A 1 128 ? 9.049   -8.877  2.264   1.00 14.59 ? 128 VAL A N   1 
ATOM   802  C  CA  . VAL A 1 128 ? 8.204   -8.231  1.260   1.00 14.70 ? 128 VAL A CA  1 
ATOM   803  C  C   . VAL A 1 128 ? 6.802   -8.811  1.308   1.00 15.00 ? 128 VAL A C   1 
ATOM   804  O  O   . VAL A 1 128 ? 6.626   -10.050 1.325   1.00 15.78 ? 128 VAL A O   1 
ATOM   805  C  CB  . VAL A 1 128 ? 8.806   -8.380  -0.138  1.00 16.41 ? 128 VAL A CB  1 
ATOM   806  C  CG1 . VAL A 1 128 ? 7.837   -7.839  -1.210  1.00 17.13 ? 128 VAL A CG1 1 
ATOM   807  C  CG2 . VAL A 1 128 ? 10.155  -7.691  -0.201  1.00 18.55 ? 128 VAL A CG2 1 
ATOM   808  N  N   . SER A 1 129 ? 5.793   -7.947  1.384   1.00 15.81 ? 129 SER A N   1 
ATOM   809  C  CA  A SER A 1 129 ? 4.403   -8.364  1.234   0.36 16.53 ? 129 SER A CA  1 
ATOM   810  C  CA  B SER A 1 129 ? 4.401   -8.358  1.229   0.64 16.48 ? 129 SER A CA  1 
ATOM   811  C  C   . SER A 1 129 ? 3.850   -7.717  -0.024  1.00 18.75 ? 129 SER A C   1 
ATOM   812  O  O   . SER A 1 129 ? 4.054   -6.519  -0.244  1.00 20.46 ? 129 SER A O   1 
ATOM   813  C  CB  A SER A 1 129 ? 3.578   -7.934  2.438   0.36 19.58 ? 129 SER A CB  1 
ATOM   814  C  CB  B SER A 1 129 ? 3.547   -7.870  2.365   0.64 19.57 ? 129 SER A CB  1 
ATOM   815  O  OG  A SER A 1 129 ? 3.500   -6.528  2.547   0.36 24.65 ? 129 SER A OG  1 
ATOM   816  O  OG  B SER A 1 129 ? 2.205   -8.266  2.092   0.64 23.36 ? 129 SER A OG  1 
ATOM   817  N  N   . SER A 1 130 ? 3.145   -8.485  -0.833  1.00 19.12 ? 130 SER A N   1 
ATOM   818  C  CA  . SER A 1 130 ? 2.504   -7.926  -2.016  1.00 17.33 ? 130 SER A CA  1 
ATOM   819  C  C   . SER A 1 130 ? 1.165   -8.615  -2.121  1.00 19.89 ? 130 SER A C   1 
ATOM   820  O  O   . SER A 1 130 ? 1.065   -9.793  -1.751  1.00 21.26 ? 130 SER A O   1 
ATOM   821  C  CB  . SER A 1 130 ? 3.388   -8.215  -3.226  1.00 22.94 ? 130 SER A CB  1 
ATOM   822  O  OG  . SER A 1 130 ? 3.051   -7.468  -4.392  1.00 32.72 ? 130 SER A OG  1 
ATOM   823  N  N   . GLY A 1 131 ? 0.151   -7.890  -2.559  1.00 16.81 ? 131 GLY A N   1 
ATOM   824  C  CA  . GLY A 1 131 ? -1.185  -8.445  -2.742  1.00 17.74 ? 131 GLY A CA  1 
ATOM   825  C  C   . GLY A 1 131 ? -1.782  -7.879  -4.014  1.00 16.47 ? 131 GLY A C   1 
ATOM   826  O  O   . GLY A 1 131 ? -1.487  -6.752  -4.393  1.00 17.86 ? 131 GLY A O   1 
ATOM   827  N  N   . VAL A 1 132 ? -2.629  -8.673  -4.684  1.00 15.25 ? 132 VAL A N   1 
ATOM   828  C  CA  . VAL A 1 132 ? -3.400  -8.263  -5.867  1.00 15.46 ? 132 VAL A CA  1 
ATOM   829  C  C   . VAL A 1 132 ? -4.872  -8.646  -5.675  1.00 15.63 ? 132 VAL A C   1 
ATOM   830  O  O   . VAL A 1 132 ? -5.202  -9.777  -5.264  1.00 15.62 ? 132 VAL A O   1 
ATOM   831  C  CB  . VAL A 1 132 ? -2.850  -8.884  -7.173  1.00 16.14 ? 132 VAL A CB  1 
ATOM   832  C  CG1 . VAL A 1 132 ? -3.523  -8.261  -8.407  1.00 16.23 ? 132 VAL A CG1 1 
ATOM   833  C  CG2 . VAL A 1 132 ? -1.309  -8.770  -7.257  1.00 17.38 ? 132 VAL A CG2 1 
ATOM   834  N  N   . ILE A 1 133 ? -5.771  -7.714  -5.991  1.00 14.64 ? 133 ILE A N   1 
ATOM   835  C  CA  . ILE A 1 133 ? -7.220  -7.958  -6.008  1.00 12.91 ? 133 ILE A CA  1 
ATOM   836  C  C   . ILE A 1 133 ? -7.813  -7.445  -7.310  1.00 12.82 ? 133 ILE A C   1 
ATOM   837  O  O   . ILE A 1 133 ? -7.183  -6.692  -8.060  1.00 13.46 ? 133 ILE A O   1 
ATOM   838  C  CB  . ILE A 1 133 ? -7.923  -7.301  -4.819  1.00 13.64 ? 133 ILE A CB  1 
ATOM   839  C  CG1 . ILE A 1 133 ? -7.984  -5.772  -4.945  1.00 14.83 ? 133 ILE A CG1 1 
ATOM   840  C  CG2 . ILE A 1 133 ? -7.266  -7.708  -3.493  1.00 15.76 ? 133 ILE A CG2 1 
ATOM   841  C  CD1 . ILE A 1 133 ? -8.998  -5.102  -4.037  1.00 16.21 ? 133 ILE A CD1 1 
ATOM   842  N  N   . LEU A 1 134 ? -9.041  -7.872  -7.588  1.00 13.15 ? 134 LEU A N   1 
ATOM   843  C  CA  . LEU A 1 134 ? -9.945  -7.229  -8.547  1.00 13.48 ? 134 LEU A CA  1 
ATOM   844  C  C   . LEU A 1 134 ? -11.155 -6.710  -7.795  1.00 14.15 ? 134 LEU A C   1 
ATOM   845  O  O   . LEU A 1 134 ? -11.625 -7.352  -6.839  1.00 14.75 ? 134 LEU A O   1 
ATOM   846  C  CB  . LEU A 1 134 ? -10.459 -8.192  -9.614  1.00 14.72 ? 134 LEU A CB  1 
ATOM   847  C  CG  . LEU A 1 134 ? -9.454  -8.855  -10.503 1.00 16.84 ? 134 LEU A CG  1 
ATOM   848  C  CD1 . LEU A 1 134 ? -10.071 -9.944  -11.359 1.00 20.26 ? 134 LEU A CD1 1 
ATOM   849  C  CD2 . LEU A 1 134 ? -8.783  -7.862  -11.416 1.00 22.95 ? 134 LEU A CD2 1 
ATOM   850  N  N   . ILE A 1 135 ? -11.681 -5.564  -8.232  1.00 13.62 ? 135 ILE A N   1 
ATOM   851  C  CA  . ILE A 1 135 ? -12.761 -4.918  -7.491  1.00 14.89 ? 135 ILE A CA  1 
ATOM   852  C  C   . ILE A 1 135 ? -13.533 -3.942  -8.382  1.00 14.77 ? 135 ILE A C   1 
ATOM   853  O  O   . ILE A 1 135 ? -12.960 -3.214  -9.213  1.00 14.50 ? 135 ILE A O   1 
ATOM   854  C  CB  . ILE A 1 135 ? -12.235 -4.270  -6.194  1.00 13.92 ? 135 ILE A CB  1 
ATOM   855  C  CG1 . ILE A 1 135 ? -13.371 -3.651  -5.367  1.00 15.71 ? 135 ILE A CG1 1 
ATOM   856  C  CG2 . ILE A 1 135 ? -11.156 -3.244  -6.525  1.00 15.55 ? 135 ILE A CG2 1 
ATOM   857  C  CD1 . ILE A 1 135 ? -12.951 -3.352  -3.937  1.00 15.41 ? 135 ILE A CD1 1 
ATOM   858  N  N   . ASN A 1 136 ? -14.863 -3.967  -8.224  1.00 14.12 ? 136 ASN A N   1 
ATOM   859  C  CA  . ASN A 1 136 ? -15.726 -2.935  -8.810  1.00 14.50 ? 136 ASN A CA  1 
ATOM   860  C  C   . ASN A 1 136 ? -15.581 -1.647  -8.006  1.00 13.43 ? 136 ASN A C   1 
ATOM   861  O  O   . ASN A 1 136 ? -15.708 -1.686  -6.774  1.00 14.41 ? 136 ASN A O   1 
ATOM   862  C  CB  . ASN A 1 136 ? -17.193 -3.418  -8.756  1.00 13.35 ? 136 ASN A CB  1 
ATOM   863  C  CG  . ASN A 1 136 ? -17.632 -3.811  -7.341  1.00 14.67 ? 136 ASN A CG  1 
ATOM   864  O  OD1 . ASN A 1 136 ? -17.042 -4.715  -6.719  1.00 14.53 ? 136 ASN A OD1 1 
ATOM   865  N  ND2 . ASN A 1 136 ? -18.692 -3.175  -6.832  1.00 15.23 ? 136 ASN A ND2 1 
ATOM   866  N  N   . LEU A 1 137 ? -15.359 -0.527  -8.683  1.00 13.23 ? 137 LEU A N   1 
ATOM   867  C  CA  . LEU A 1 137 ? -15.191 0.757   -8.022  1.00 14.50 ? 137 LEU A CA  1 
ATOM   868  C  C   . LEU A 1 137 ? -15.992 1.843   -8.736  1.00 14.80 ? 137 LEU A C   1 
ATOM   869  O  O   . LEU A 1 137 ? -16.431 1.689   -9.882  1.00 15.23 ? 137 LEU A O   1 
ATOM   870  C  CB  . LEU A 1 137 ? -13.703 1.184   -7.914  1.00 14.54 ? 137 LEU A CB  1 
ATOM   871  C  CG  . LEU A 1 137 ? -12.874 0.243   -7.030  1.00 15.94 ? 137 LEU A CG  1 
ATOM   872  C  CD1 . LEU A 1 137 ? -11.395 0.647   -7.196  1.00 17.22 ? 137 LEU A CD1 1 
ATOM   873  C  CD2 . LEU A 1 137 ? -13.273 0.274   -5.584  1.00 17.28 ? 137 LEU A CD2 1 
ATOM   874  N  N   . ASN A 1 138 ? -16.198 2.945   -8.028  1.00 16.51 ? 138 ASN A N   1 
ATOM   875  C  CA  . ASN A 1 138 ? -17.086 4.021   -8.455  1.00 14.64 ? 138 ASN A CA  1 
ATOM   876  C  C   . ASN A 1 138 ? -16.405 5.369   -8.299  1.00 16.28 ? 138 ASN A C   1 
ATOM   877  O  O   . ASN A 1 138 ? -15.507 5.517   -7.467  1.00 15.93 ? 138 ASN A O   1 
ATOM   878  C  CB  . ASN A 1 138 ? -18.372 4.003   -7.625  1.00 16.87 ? 138 ASN A CB  1 
ATOM   879  C  CG  . ASN A 1 138 ? -19.132 2.744   -7.816  1.00 18.69 ? 138 ASN A CG  1 
ATOM   880  O  OD1 . ASN A 1 138 ? -18.805 1.701   -7.268  1.00 18.30 ? 138 ASN A OD1 1 
ATOM   881  N  ND2 . ASN A 1 138 ? -20.085 2.787   -8.723  1.00 19.95 ? 138 ASN A ND2 1 
ATOM   882  N  N   . PRO A 1 139 ? -16.872 6.394   -9.017  1.00 16.49 ? 139 PRO A N   1 
ATOM   883  C  CA  . PRO A 1 139 ? -16.280 7.734   -8.879  1.00 18.40 ? 139 PRO A CA  1 
ATOM   884  C  C   . PRO A 1 139 ? -16.329 8.193   -7.433  1.00 18.67 ? 139 PRO A C   1 
ATOM   885  O  O   . PRO A 1 139 ? -17.344 8.054   -6.732  1.00 19.58 ? 139 PRO A O   1 
ATOM   886  C  CB  . PRO A 1 139 ? -17.176 8.609   -9.758  1.00 18.24 ? 139 PRO A CB  1 
ATOM   887  C  CG  . PRO A 1 139 ? -17.683 7.683   -10.798 1.00 18.89 ? 139 PRO A CG  1 
ATOM   888  C  CD  . PRO A 1 139 ? -17.864 6.346   -10.114 1.00 16.92 ? 139 PRO A CD  1 
ATOM   889  N  N   . GLY A 1 140 ? -15.201 8.719   -6.981  1.00 17.30 ? 140 GLY A N   1 
ATOM   890  C  CA  . GLY A 1 140 ? -15.019 9.214   -5.635  1.00 19.32 ? 140 GLY A CA  1 
ATOM   891  C  C   . GLY A 1 140 ? -14.385 8.224   -4.678  1.00 17.20 ? 140 GLY A C   1 
ATOM   892  O  O   . GLY A 1 140 ? -13.997 8.634   -3.581  1.00 18.81 ? 140 GLY A O   1 
ATOM   893  N  N   . ASP A 1 141 ? -14.314 6.935   -5.027  1.00 16.66 ? 141 ASP A N   1 
ATOM   894  C  CA  . ASP A 1 141 ? -13.700 5.936   -4.151  1.00 17.32 ? 141 ASP A CA  1 
ATOM   895  C  C   . ASP A 1 141 ? -12.204 6.196   -3.957  1.00 16.77 ? 141 ASP A C   1 
ATOM   896  O  O   . ASP A 1 141 ? -11.451 6.327   -4.923  1.00 19.62 ? 141 ASP A O   1 
ATOM   897  C  CB  . ASP A 1 141 ? -13.883 4.555   -4.792  1.00 17.58 ? 141 ASP A CB  1 
ATOM   898  C  CG  . ASP A 1 141 ? -15.303 4.005   -4.620  1.00 19.38 ? 141 ASP A CG  1 
ATOM   899  O  OD1 . ASP A 1 141 ? -16.131 4.534   -3.855  1.00 22.24 ? 141 ASP A OD1 1 
ATOM   900  O  OD2 . ASP A 1 141 ? -15.570 2.971   -5.243  1.00 17.74 ? 141 ASP A OD2 1 
ATOM   901  N  N   . LEU A 1 142 ? -11.772 6.214   -2.723  1.00 15.04 ? 142 LEU A N   1 
ATOM   902  C  CA  . LEU A 1 142 ? -10.376 6.482   -2.386  1.00 15.47 ? 142 LEU A CA  1 
ATOM   903  C  C   . LEU A 1 142 ? -9.718  5.203   -1.886  1.00 16.23 ? 142 LEU A C   1 
ATOM   904  O  O   . LEU A 1 142 ? -10.155 4.636   -0.875  1.00 17.69 ? 142 LEU A O   1 
ATOM   905  C  CB  . LEU A 1 142 ? -10.339 7.558   -1.306  1.00 17.61 ? 142 LEU A CB  1 
ATOM   906  C  CG  . LEU A 1 142 ? -8.981  7.906   -0.739  1.00 16.36 ? 142 LEU A CG  1 
ATOM   907  C  CD1 . LEU A 1 142 ? -7.997  8.307   -1.811  1.00 21.02 ? 142 LEU A CD1 1 
ATOM   908  C  CD2 . LEU A 1 142 ? -9.156  8.973   0.368   1.00 18.74 ? 142 LEU A CD2 1 
ATOM   909  N  N   . ILE A 1 143 ? -8.705  4.727   -2.601  1.00 15.33 ? 143 ILE A N   1 
ATOM   910  C  CA  . ILE A 1 143 ? -8.044  3.453   -2.274  1.00 13.43 ? 143 ILE A CA  1 
ATOM   911  C  C   . ILE A 1 143 ? -6.714  3.761   -1.590  1.00 14.16 ? 143 ILE A C   1 
ATOM   912  O  O   . ILE A 1 143 ? -5.867  4.512   -2.129  1.00 14.75 ? 143 ILE A O   1 
ATOM   913  C  CB  . ILE A 1 143 ? -7.788  2.654   -3.570  1.00 16.02 ? 143 ILE A CB  1 
ATOM   914  C  CG1 . ILE A 1 143 ? -9.105  2.361   -4.315  1.00 19.13 ? 143 ILE A CG1 1 
ATOM   915  C  CG2 . ILE A 1 143 ? -7.013  1.359   -3.233  1.00 17.00 ? 143 ILE A CG2 1 
ATOM   916  C  CD1 . ILE A 1 143 ? -10.102 1.543   -3.526  1.00 20.72 ? 143 ILE A CD1 1 
ATOM   917  N  N   . ARG A 1 144 ? -6.537  3.188   -0.400  1.00 13.58 ? 144 ARG A N   1 
ATOM   918  C  CA  . ARG A 1 144 ? -5.320  3.423   0.388   1.00 14.00 ? 144 ARG A CA  1 
ATOM   919  C  C   . ARG A 1 144 ? -4.857  2.123   1.041   1.00 12.45 ? 144 ARG A C   1 
ATOM   920  O  O   . ARG A 1 144 ? -5.622  1.141   1.127   1.00 14.81 ? 144 ARG A O   1 
ATOM   921  C  CB  . ARG A 1 144 ? -5.520  4.534   1.443   1.00 14.75 ? 144 ARG A CB  1 
ATOM   922  C  CG  . ARG A 1 144 ? -6.088  5.809   0.835   1.00 15.98 ? 144 ARG A CG  1 
ATOM   923  C  CD  . ARG A 1 144 ? -6.155  6.938   1.825   1.00 16.47 ? 144 ARG A CD  1 
ATOM   924  N  NE  . ARG A 1 144 ? -7.390  6.850   2.574   1.00 17.16 ? 144 ARG A NE  1 
ATOM   925  C  CZ  . ARG A 1 144 ? -7.799  7.785   3.415   1.00 18.68 ? 144 ARG A CZ  1 
ATOM   926  N  NH1 . ARG A 1 144 ? -7.040  8.850   3.657   1.00 18.71 ? 144 ARG A NH1 1 
ATOM   927  N  NH2 . ARG A 1 144 ? -8.992  7.653   3.988   1.00 18.87 ? 144 ARG A NH2 1 
ATOM   928  N  N   . ILE A 1 145 ? -3.578  2.098   1.471   1.00 13.50 ? 145 ILE A N   1 
ATOM   929  C  CA  . ILE A 1 145 ? -3.007  0.943   2.174   1.00 13.74 ? 145 ILE A CA  1 
ATOM   930  C  C   . ILE A 1 145 ? -3.020  1.272   3.653   1.00 13.94 ? 145 ILE A C   1 
ATOM   931  O  O   . ILE A 1 145 ? -2.410  2.266   4.083   1.00 15.48 ? 145 ILE A O   1 
ATOM   932  C  CB  . ILE A 1 145 ? -1.562  0.692   1.720   1.00 13.75 ? 145 ILE A CB  1 
ATOM   933  C  CG1 . ILE A 1 145 ? -1.418  0.605   0.188   1.00 15.25 ? 145 ILE A CG1 1 
ATOM   934  C  CG2 . ILE A 1 145 ? -1.053  -0.578  2.377   1.00 14.71 ? 145 ILE A CG2 1 
ATOM   935  C  CD1 . ILE A 1 145 ? 0.007   0.656   -0.270  1.00 14.96 ? 145 ILE A CD1 1 
ATOM   936  N  N   . VAL A 1 146 ? -3.651  0.412   4.446   1.00 14.09 ? 146 VAL A N   1 
ATOM   937  C  CA  A VAL A 1 146 ? -3.871  0.707   5.859   0.69 16.12 ? 146 VAL A CA  1 
ATOM   938  C  CA  B VAL A 1 146 ? -3.852  0.706   5.861   0.31 16.12 ? 146 VAL A CA  1 
ATOM   939  C  C   . VAL A 1 146 ? -3.361  -0.425  6.756   1.00 14.80 ? 146 VAL A C   1 
ATOM   940  O  O   . VAL A 1 146 ? -3.728  -1.600  6.590   1.00 15.48 ? 146 VAL A O   1 
ATOM   941  C  CB  A VAL A 1 146 ? -5.366  0.963   6.101   0.69 15.91 ? 146 VAL A CB  1 
ATOM   942  C  CB  B VAL A 1 146 ? -5.320  1.045   6.152   0.31 16.09 ? 146 VAL A CB  1 
ATOM   943  C  CG1 A VAL A 1 146 ? -5.627  1.239   7.591   0.69 14.86 ? 146 VAL A CG1 1 
ATOM   944  C  CG1 B VAL A 1 146 ? -5.774  2.185   5.271   0.31 21.21 ? 146 VAL A CG1 1 
ATOM   945  C  CG2 A VAL A 1 146 ? -5.816  2.098   5.246   0.69 21.29 ? 146 VAL A CG2 1 
ATOM   946  C  CG2 B VAL A 1 146 ? -6.180  -0.163  5.947   0.31 17.27 ? 146 VAL A CG2 1 
ATOM   947  N  N   . PRO A 1 147 ? -2.543  -0.123  7.761   1.00 14.72 ? 147 PRO A N   1 
ATOM   948  C  CA  . PRO A 1 147 ? -2.249  -1.119  8.800   1.00 15.18 ? 147 PRO A CA  1 
ATOM   949  C  C   . PRO A 1 147 ? -3.422  -1.217  9.759   1.00 15.54 ? 147 PRO A C   1 
ATOM   950  O  O   . PRO A 1 147 ? -3.928  -0.193  10.243  1.00 17.47 ? 147 PRO A O   1 
ATOM   951  C  CB  . PRO A 1 147 ? -0.996  -0.549  9.501   1.00 15.31 ? 147 PRO A CB  1 
ATOM   952  C  CG  . PRO A 1 147 ? -0.592  0.631   8.715   1.00 16.46 ? 147 PRO A CG  1 
ATOM   953  C  CD  . PRO A 1 147 ? -1.792  1.116   7.958   1.00 16.50 ? 147 PRO A CD  1 
ATOM   954  N  N   . VAL A 1 148 ? -3.878  -2.434  10.016  1.00 15.14 ? 148 VAL A N   1 
ATOM   955  C  CA  . VAL A 1 148 ? -5.022  -2.635  10.907  1.00 18.15 ? 148 VAL A CA  1 
ATOM   956  C  C   . VAL A 1 148 ? -4.680  -3.333  12.206  1.00 16.82 ? 148 VAL A C   1 
ATOM   957  O  O   . VAL A 1 148 ? -5.501  -3.295  13.141  1.00 16.96 ? 148 VAL A O   1 
ATOM   958  C  CB  . VAL A 1 148 ? -6.205  -3.324  10.206  1.00 18.15 ? 148 VAL A CB  1 
ATOM   959  C  CG1 . VAL A 1 148 ? -6.560  -2.570  8.912   1.00 19.19 ? 148 VAL A CG1 1 
ATOM   960  C  CG2 . VAL A 1 148 ? -5.879  -4.798  9.934   1.00 18.98 ? 148 VAL A CG2 1 
ATOM   961  N  N   . GLU A 1 149 ? -3.524  -3.978  12.289  1.00 16.17 ? 149 GLU A N   1 
ATOM   962  C  CA  . GLU A 1 149 ? -3.016  -4.577  13.520  1.00 16.52 ? 149 GLU A CA  1 
ATOM   963  C  C   . GLU A 1 149 ? -1.519  -4.445  13.449  1.00 16.57 ? 149 GLU A C   1 
ATOM   964  O  O   . GLU A 1 149 ? -0.925  -4.646  12.377  1.00 16.19 ? 149 GLU A O   1 
ATOM   965  C  CB  . GLU A 1 149 ? -3.327  -6.065  13.646  1.00 19.43 ? 149 GLU A CB  1 
ATOM   966  C  CG  . GLU A 1 149 ? -4.807  -6.417  13.612  1.00 28.03 ? 149 GLU A CG  1 
ATOM   967  C  CD  . GLU A 1 149 ? -5.036  -7.930  13.703  1.00 41.31 ? 149 GLU A CD  1 
ATOM   968  O  OE1 . GLU A 1 149 ? -4.157  -8.627  14.267  1.00 46.68 ? 149 GLU A OE1 1 
ATOM   969  O  OE2 . GLU A 1 149 ? -6.042  -8.428  13.136  1.00 41.63 ? 149 GLU A OE2 1 
ATOM   970  N  N   . LEU A 1 150 ? -0.905  -4.091  14.581  1.00 16.42 ? 150 LEU A N   1 
ATOM   971  C  CA  . LEU A 1 150 ? 0.524   -3.860  14.666  1.00 16.45 ? 150 LEU A CA  1 
ATOM   972  C  C   . LEU A 1 150 ? 1.028   -4.328  16.006  1.00 16.68 ? 150 LEU A C   1 
ATOM   973  O  O   . LEU A 1 150 ? 0.384   -4.069  17.032  1.00 17.83 ? 150 LEU A O   1 
ATOM   974  C  CB  . LEU A 1 150 ? 0.880   -2.358  14.556  1.00 15.38 ? 150 LEU A CB  1 
ATOM   975  C  CG  . LEU A 1 150 ? 0.632   -1.769  13.170  1.00 13.80 ? 150 LEU A CG  1 
ATOM   976  C  CD1 . LEU A 1 150 ? 0.652   -0.259  13.203  1.00 16.06 ? 150 LEU A CD1 1 
ATOM   977  C  CD2 . LEU A 1 150 ? 1.635   -2.278  12.155  1.00 15.42 ? 150 LEU A CD2 1 
ATOM   978  N  N   . ILE A 1 151 ? 2.218   -4.915  15.988  1.00 16.56 ? 151 ILE A N   1 
ATOM   979  C  CA  . ILE A 1 151 ? 3.002   -5.181  17.190  1.00 16.51 ? 151 ILE A CA  1 
ATOM   980  C  C   . ILE A 1 151 ? 4.362   -4.582  16.978  1.00 16.15 ? 151 ILE A C   1 
ATOM   981  O  O   . ILE A 1 151 ? 5.069   -4.960  16.035  1.00 16.07 ? 151 ILE A O   1 
ATOM   982  C  CB  . ILE A 1 151 ? 3.144   -6.670  17.499  1.00 16.66 ? 151 ILE A CB  1 
ATOM   983  C  CG1 . ILE A 1 151 ? 1.799   -7.353  17.642  1.00 18.91 ? 151 ILE A CG1 1 
ATOM   984  C  CG2 . ILE A 1 151 ? 4.010   -6.829  18.737  1.00 17.80 ? 151 ILE A CG2 1 
ATOM   985  C  CD1 . ILE A 1 151 ? 1.944   -8.876  17.743  1.00 21.77 ? 151 ILE A CD1 1 
ATOM   986  N  N   . GLY A 1 152 ? 4.748   -3.650  17.845  1.00 15.67 ? 152 GLY A N   1 
ATOM   987  C  CA  . GLY A 1 152 ? 6.057   -3.047  17.735  1.00 15.29 ? 152 GLY A CA  1 
ATOM   988  C  C   . GLY A 1 152 ? 6.144   -1.894  16.761  1.00 14.07 ? 152 GLY A C   1 
ATOM   989  O  O   . GLY A 1 152 ? 5.137   -1.258  16.361  1.00 15.52 ? 152 GLY A O   1 
ATOM   990  N  N   . THR A 1 153 ? 7.381   -1.623  16.374  1.00 14.84 ? 153 THR A N   1 
ATOM   991  C  CA  . THR A 1 153 ? 7.676   -0.555  15.413  1.00 13.99 ? 153 THR A CA  1 
ATOM   992  C  C   . THR A 1 153 ? 7.977   -1.220  14.074  1.00 17.09 ? 153 THR A C   1 
ATOM   993  O  O   . THR A 1 153 ? 9.063   -1.779  13.871  1.00 17.22 ? 153 THR A O   1 
ATOM   994  C  CB  . THR A 1 153 ? 8.794   0.381   15.877  1.00 14.16 ? 153 THR A CB  1 
ATOM   995  O  OG1 . THR A 1 153 ? 9.968   -0.385  16.150  1.00 17.43 ? 153 THR A OG1 1 
ATOM   996  C  CG2 . THR A 1 153 ? 8.384   1.107   17.177  1.00 15.78 ? 153 THR A CG2 1 
ATOM   997  N  N   . VAL A 1 154 ? 6.994   -1.162  13.184  1.00 14.76 ? 154 VAL A N   1 
ATOM   998  C  CA  . VAL A 1 154 ? 7.023   -1.852  11.898  1.00 15.51 ? 154 VAL A CA  1 
ATOM   999  C  C   . VAL A 1 154 ? 7.452   -0.825  10.857  1.00 14.15 ? 154 VAL A C   1 
ATOM   1000 O  O   . VAL A 1 154 ? 6.727   0.148   10.606  1.00 15.63 ? 154 VAL A O   1 
ATOM   1001 C  CB  . VAL A 1 154 ? 5.652   -2.467  11.603  1.00 13.95 ? 154 VAL A CB  1 
ATOM   1002 C  CG1 . VAL A 1 154 ? 5.641   -3.090  10.224  1.00 17.46 ? 154 VAL A CG1 1 
ATOM   1003 C  CG2 . VAL A 1 154 ? 5.346   -3.533  12.673  1.00 17.51 ? 154 VAL A CG2 1 
ATOM   1004 N  N   . ASP A 1 155 ? 8.663   -0.966  10.344  1.00 14.74 ? 155 ASP A N   1 
ATOM   1005 C  CA  . ASP A 1 155 ? 9.294   -0.021  9.427   1.00 15.15 ? 155 ASP A CA  1 
ATOM   1006 C  C   . ASP A 1 155 ? 8.957   -0.336  7.980   1.00 14.59 ? 155 ASP A C   1 
ATOM   1007 O  O   . ASP A 1 155 ? 9.507   -1.294  7.409   1.00 17.15 ? 155 ASP A O   1 
ATOM   1008 C  CB  . ASP A 1 155 ? 10.797  -0.169  9.653   1.00 20.32 ? 155 ASP A CB  1 
ATOM   1009 C  CG  . ASP A 1 155 ? 11.616  0.959   9.113   1.00 23.12 ? 155 ASP A CG  1 
ATOM   1010 O  OD1 . ASP A 1 155 ? 11.075  1.782   8.366   1.00 24.00 ? 155 ASP A OD1 1 
ATOM   1011 O  OD2 . ASP A 1 155 ? 12.864  0.888   9.282   1.00 23.94 ? 155 ASP A OD2 1 
ATOM   1012 N  N   . ILE A 1 156 ? 8.163   0.520   7.356   1.00 14.58 ? 156 ILE A N   1 
ATOM   1013 C  CA  . ILE A 1 156 ? 7.814   0.371   5.944   1.00 15.59 ? 156 ILE A CA  1 
ATOM   1014 C  C   . ILE A 1 156 ? 8.898   1.083   5.144   1.00 14.81 ? 156 ILE A C   1 
ATOM   1015 O  O   . ILE A 1 156 ? 8.905   2.309   5.038   1.00 15.27 ? 156 ILE A O   1 
ATOM   1016 C  CB  . ILE A 1 156 ? 6.404   0.891   5.649   1.00 14.67 ? 156 ILE A CB  1 
ATOM   1017 C  CG1 . ILE A 1 156 ? 5.367   0.323   6.638   1.00 16.90 ? 156 ILE A CG1 1 
ATOM   1018 C  CG2 . ILE A 1 156 ? 6.026   0.627   4.174   1.00 17.10 ? 156 ILE A CG2 1 
ATOM   1019 C  CD1 . ILE A 1 156 ? 5.210   -1.136  6.563   1.00 18.46 ? 156 ILE A CD1 1 
ATOM   1020 N  N   . ARG A 1 157 ? 9.833   0.291   4.606   1.00 13.70 ? 157 ARG A N   1 
ATOM   1021 C  CA  . ARG A 1 157 ? 10.991  0.841   3.887   1.00 14.33 ? 157 ARG A CA  1 
ATOM   1022 C  C   . ARG A 1 157 ? 10.610  1.394   2.535   1.00 16.60 ? 157 ARG A C   1 
ATOM   1023 O  O   . ARG A 1 157 ? 11.227  2.359   2.071   1.00 18.48 ? 157 ARG A O   1 
ATOM   1024 C  CB  . ARG A 1 157 ? 12.099  -0.212  3.723   1.00 15.05 ? 157 ARG A CB  1 
ATOM   1025 C  CG  . ARG A 1 157 ? 12.536  -0.867  5.017   1.00 18.63 ? 157 ARG A CG  1 
ATOM   1026 C  CD  . ARG A 1 157 ? 13.090  0.143   5.970   1.00 20.37 ? 157 ARG A CD  1 
ATOM   1027 N  NE  . ARG A 1 157 ? 14.269  0.813   5.444   1.00 20.42 ? 157 ARG A NE  1 
ATOM   1028 C  CZ  . ARG A 1 157 ? 14.923  1.754   6.101   1.00 21.77 ? 157 ARG A CZ  1 
ATOM   1029 N  NH1 . ARG A 1 157 ? 14.549  2.133   7.312   1.00 23.57 ? 157 ARG A NH1 1 
ATOM   1030 N  NH2 . ARG A 1 157 ? 16.001  2.303   5.540   1.00 25.34 ? 157 ARG A NH2 1 
ATOM   1031 N  N   . ALA A 1 158 ? 9.600   0.803   1.897   1.00 15.31 ? 158 ALA A N   1 
ATOM   1032 C  CA  . ALA A 1 158 ? 9.133   1.215   0.572   1.00 15.02 ? 158 ALA A CA  1 
ATOM   1033 C  C   . ALA A 1 158 ? 7.710   0.725   0.418   1.00 12.98 ? 158 ALA A C   1 
ATOM   1034 O  O   . ALA A 1 158 ? 7.338   -0.292  1.005   1.00 14.13 ? 158 ALA A O   1 
ATOM   1035 C  CB  . ALA A 1 158 ? 9.977   0.557   -0.516  1.00 15.70 ? 158 ALA A CB  1 
ATOM   1036 N  N   . ALA A 1 159 ? 6.897   1.478   -0.350  1.00 13.22 ? 159 ALA A N   1 
ATOM   1037 C  CA  . ALA A 1 159 ? 5.506   1.080   -0.571  1.00 14.06 ? 159 ALA A CA  1 
ATOM   1038 C  C   . ALA A 1 159 ? 5.109   1.454   -1.972  1.00 14.12 ? 159 ALA A C   1 
ATOM   1039 O  O   . ALA A 1 159 ? 5.654   2.411   -2.528  1.00 14.75 ? 159 ALA A O   1 
ATOM   1040 C  CB  . ALA A 1 159 ? 4.548   1.785   0.418   1.00 15.72 ? 159 ALA A CB  1 
ATOM   1041 N  N   . ALA A 1 160 ? 4.181   0.717   -2.560  1.00 13.06 ? 160 ALA A N   1 
ATOM   1042 C  CA  . ALA A 1 160 ? 3.720   1.001   -3.921  1.00 13.06 ? 160 ALA A CA  1 
ATOM   1043 C  C   . ALA A 1 160 ? 2.280   0.516   -4.049  1.00 12.63 ? 160 ALA A C   1 
ATOM   1044 O  O   . ALA A 1 160 ? 1.904   -0.462  -3.416  1.00 14.52 ? 160 ALA A O   1 
ATOM   1045 C  CB  . ALA A 1 160 ? 4.616   0.343   -4.964  1.00 14.96 ? 160 ALA A CB  1 
ATOM   1046 N  N   . LEU A 1 161 ? 1.501   1.196   -4.898  1.00 12.68 ? 161 LEU A N   1 
ATOM   1047 C  CA  . LEU A 1 161 ? 0.077   0.948   -5.107  1.00 13.16 ? 161 LEU A CA  1 
ATOM   1048 C  C   . LEU A 1 161 ? -0.207  1.141   -6.592  1.00 13.86 ? 161 LEU A C   1 
ATOM   1049 O  O   . LEU A 1 161 ? 0.067   2.228   -7.144  1.00 13.25 ? 161 LEU A O   1 
ATOM   1050 C  CB  . LEU A 1 161 ? -0.742  1.939   -4.292  1.00 15.05 ? 161 LEU A CB  1 
ATOM   1051 C  CG  . LEU A 1 161 ? -2.251  1.859   -4.495  1.00 13.82 ? 161 LEU A CG  1 
ATOM   1052 C  CD1 . LEU A 1 161 ? -2.816  0.572   -3.852  1.00 14.84 ? 161 LEU A CD1 1 
ATOM   1053 C  CD2 . LEU A 1 161 ? -2.908  3.092   -3.836  1.00 16.49 ? 161 LEU A CD2 1 
ATOM   1054 N  N   . THR A 1 162 ? -0.694  0.089   -7.260  1.00 12.74 ? 162 THR A N   1 
ATOM   1055 C  CA  . THR A 1 162 ? -1.113  0.176   -8.662  1.00 13.39 ? 162 THR A CA  1 
ATOM   1056 C  C   . THR A 1 162 ? -2.610  -0.026  -8.790  1.00 13.22 ? 162 THR A C   1 
ATOM   1057 O  O   . THR A 1 162 ? -3.209  -0.837  -8.094  1.00 14.56 ? 162 THR A O   1 
ATOM   1058 C  CB  . THR A 1 162 ? -0.438  -0.842  -9.581  1.00 15.65 ? 162 THR A CB  1 
ATOM   1059 O  OG1 . THR A 1 162 ? -0.916  -2.172  -9.336  1.00 18.43 ? 162 THR A OG1 1 
ATOM   1060 C  CG2 . THR A 1 162 ? 1.092   -0.833  -9.500  1.00 16.94 ? 162 THR A CG2 1 
ATOM   1061 N  N   . VAL A 1 163 ? -3.219  0.780   -9.635  1.00 14.26 ? 163 VAL A N   1 
ATOM   1062 C  CA  A VAL A 1 163 ? -4.652  0.730   -9.949  0.76 13.77 ? 163 VAL A CA  1 
ATOM   1063 C  CA  B VAL A 1 163 ? -4.636  0.668   -9.955  0.24 13.81 ? 163 VAL A CA  1 
ATOM   1064 C  C   . VAL A 1 163 ? -4.759  0.687   -11.469 1.00 13.47 ? 163 VAL A C   1 
ATOM   1065 O  O   . VAL A 1 163 ? -4.267  1.595   -12.141 1.00 14.76 ? 163 VAL A O   1 
ATOM   1066 C  CB  A VAL A 1 163 ? -5.352  1.989   -9.393  0.76 14.05 ? 163 VAL A CB  1 
ATOM   1067 C  CB  B VAL A 1 163 ? -5.485  1.778   -9.301  0.24 14.63 ? 163 VAL A CB  1 
ATOM   1068 C  CG1 A VAL A 1 163 ? -6.817  2.068   -9.875  0.76 14.06 ? 163 VAL A CG1 1 
ATOM   1069 C  CG1 B VAL A 1 163 ? -5.455  1.676   -7.782  0.24 15.22 ? 163 VAL A CG1 1 
ATOM   1070 C  CG2 A VAL A 1 163 ? -5.336  2.011   -7.857  0.76 15.64 ? 163 VAL A CG2 1 
ATOM   1071 C  CG2 B VAL A 1 163 ? -5.047  3.146   -9.749  0.24 19.36 ? 163 VAL A CG2 1 
ATOM   1072 N  N   . ALA A 1 164 ? -5.429  -0.333  -12.032 1.00 12.77 ? 164 ALA A N   1 
ATOM   1073 C  CA  . ALA A 1 164 ? -5.535  -0.430  -13.497 1.00 14.04 ? 164 ALA A CA  1 
ATOM   1074 C  C   . ALA A 1 164 ? -6.924  -0.953  -13.846 1.00 13.94 ? 164 ALA A C   1 
ATOM   1075 O  O   . ALA A 1 164 ? -7.306  -2.035  -13.398 1.00 14.13 ? 164 ALA A O   1 
ATOM   1076 C  CB  . ALA A 1 164 ? -4.442  -1.349  -14.053 1.00 16.78 ? 164 ALA A CB  1 
ATOM   1077 N  N   . GLN A 1 165 ? -7.682  -0.188  -14.616 1.00 14.69 ? 165 GLN A N   1 
ATOM   1078 C  CA  . GLN A 1 165 ? -9.000  -0.622  -15.034 1.00 12.86 ? 165 GLN A CA  1 
ATOM   1079 C  C   . GLN A 1 165 ? -8.897  -1.782  -16.001 1.00 13.84 ? 165 GLN A C   1 
ATOM   1080 O  O   . GLN A 1 165 ? -8.017  -1.808  -16.877 1.00 15.16 ? 165 GLN A O   1 
ATOM   1081 C  CB  . GLN A 1 165 ? -9.717  0.523   -15.734 1.00 14.25 ? 165 GLN A CB  1 
ATOM   1082 C  CG  . GLN A 1 165 ? -11.128 0.189   -16.118 1.00 16.58 ? 165 GLN A CG  1 
ATOM   1083 C  CD  . GLN A 1 165 ? -11.819 1.286   -16.878 1.00 15.29 ? 165 GLN A CD  1 
ATOM   1084 O  OE1 . GLN A 1 165 ? -11.232 2.307   -17.264 1.00 15.46 ? 165 GLN A OE1 1 
ATOM   1085 N  NE2 . GLN A 1 165 ? -13.136 1.122   -17.019 1.00 18.11 ? 165 GLN A NE2 1 
ATOM   1086 N  N   . ILE A 1 166 ? -9.780  -2.768  -15.831 1.00 14.26 ? 166 ILE A N   1 
ATOM   1087 C  CA  . ILE A 1 166 ? -9.951  -3.904  -16.735 1.00 14.19 ? 166 ILE A CA  1 
ATOM   1088 C  C   . ILE A 1 166 ? -11.103 -3.546  -17.659 1.00 16.41 ? 166 ILE A C   1 
ATOM   1089 O  O   . ILE A 1 166 ? -12.269 -3.519  -17.226 1.00 17.59 ? 166 ILE A O   1 
ATOM   1090 C  CB  . ILE A 1 166 ? -10.233 -5.183  -15.933 1.00 16.86 ? 166 ILE A CB  1 
ATOM   1091 C  CG1 . ILE A 1 166 ? -9.065  -5.495  -14.981 1.00 18.51 ? 166 ILE A CG1 1 
ATOM   1092 C  CG2 . ILE A 1 166 ? -10.517 -6.330  -16.882 1.00 18.08 ? 166 ILE A CG2 1 
ATOM   1093 C  CD1 . ILE A 1 166 ? -7.650  -5.542  -15.590 1.00 23.28 ? 166 ILE A CD1 1 
ATOM   1094 N  N   . SER A 1 167 ? -10.804 -3.242  -18.918 1.00 16.48 ? 167 SER A N   1 
ATOM   1095 C  CA  . SER A 1 167 ? -11.821 -2.830  -19.902 1.00 18.49 ? 167 SER A CA  1 
ATOM   1096 C  C   . SER A 1 167 ? -11.387 -3.153  -21.315 1.00 23.79 ? 167 SER A C   1 
ATOM   1097 O  O   . SER A 1 167 ? -10.257 -3.620  -21.560 1.00 21.11 ? 167 SER A O   1 
ATOM   1098 C  CB  . SER A 1 167 ? -12.153 -1.348  -19.788 1.00 19.56 ? 167 SER A CB  1 
ATOM   1099 O  OG  . SER A 1 167 ? -11.006 -0.535  -20.031 1.00 23.76 ? 167 SER A OG  1 
HETATM 1100 CA CA  . CA  B 2 .   ? 11.098  -2.267  15.108  1.00 15.93 ? 201 CA  A CA  1 
HETATM 1101 O  O   . HOH C 3 .   ? 7.438   -12.321 1.409   0.33 12.97 ? 301 HOH A O   1 
HETATM 1102 O  O   . HOH C 3 .   ? 8.882   -2.901  -1.699  1.00 20.66 ? 302 HOH A O   1 
HETATM 1103 O  O   . HOH C 3 .   ? -4.716  -11.000 -12.440 1.00 22.64 ? 303 HOH A O   1 
HETATM 1104 O  O   . HOH C 3 .   ? -12.065 4.788   9.632   1.00 26.10 ? 304 HOH A O   1 
HETATM 1105 O  O   . HOH C 3 .   ? 13.146  -3.288  24.786  1.00 28.72 ? 305 HOH A O   1 
HETATM 1106 O  O   . HOH C 3 .   ? -9.051  4.569   1.825   1.00 19.62 ? 306 HOH A O   1 
HETATM 1107 O  O   . HOH C 3 .   ? 13.634  0.570   19.166  1.00 23.62 ? 307 HOH A O   1 
HETATM 1108 O  O   . HOH C 3 .   ? -1.963  4.454   1.260   1.00 17.28 ? 308 HOH A O   1 
HETATM 1109 O  O   . HOH C 3 .   ? -17.582 1.281   -4.805  1.00 18.38 ? 309 HOH A O   1 
HETATM 1110 O  O   . HOH C 3 .   ? -5.996  11.534  1.537   1.00 27.16 ? 310 HOH A O   1 
HETATM 1111 O  O   . HOH C 3 .   ? -1.338  9.093   6.335   1.00 32.93 ? 311 HOH A O   1 
HETATM 1112 O  O   . HOH C 3 .   ? 0.259   -4.448  19.677  1.00 19.58 ? 312 HOH A O   1 
HETATM 1113 O  O   . HOH C 3 .   ? -7.867  -2.909  -19.311 1.00 17.88 ? 313 HOH A O   1 
HETATM 1114 O  O   . HOH C 3 .   ? 13.603  -1.214  11.032  1.00 21.24 ? 314 HOH A O   1 
HETATM 1115 O  O   . HOH C 3 .   ? 9.086   -12.981 8.739   1.00 37.81 ? 315 HOH A O   1 
HETATM 1116 O  O   . HOH C 3 .   ? 14.058  -9.663  13.210  1.00 23.70 ? 316 HOH A O   1 
HETATM 1117 O  O   . HOH C 3 .   ? -10.791 6.085   -12.260 1.00 17.40 ? 317 HOH A O   1 
HETATM 1118 O  O   . HOH C 3 .   ? 9.374   8.142   -3.747  1.00 20.28 ? 318 HOH A O   1 
HETATM 1119 O  O   . HOH C 3 .   ? 12.641  -0.409  14.610  1.00 17.62 ? 319 HOH A O   1 
HETATM 1120 O  O   . HOH C 3 .   ? 10.655  4.292   9.289   1.00 27.16 ? 320 HOH A O   1 
HETATM 1121 O  O   . HOH C 3 .   ? -11.659 1.980   -20.792 1.00 26.84 ? 321 HOH A O   1 
HETATM 1122 O  O   . HOH C 3 .   ? 1.208   11.640  -5.112  1.00 35.04 ? 322 HOH A O   1 
HETATM 1123 O  O   . HOH C 3 .   ? -14.930 -3.160  5.551   1.00 27.67 ? 323 HOH A O   1 
HETATM 1124 O  O   . HOH C 3 .   ? -17.523 6.924   -4.252  1.00 32.09 ? 324 HOH A O   1 
HETATM 1125 O  O   . HOH C 3 .   ? 10.266  4.719   1.057   1.00 28.73 ? 325 HOH A O   1 
HETATM 1126 O  O   . HOH C 3 .   ? -14.028 -1.653  -16.247 1.00 16.30 ? 326 HOH A O   1 
HETATM 1127 O  O   . HOH C 3 .   ? -0.159  11.383  -16.803 1.00 18.69 ? 327 HOH A O   1 
HETATM 1128 O  O   . HOH C 3 .   ? -15.547 11.455  -11.634 1.00 26.24 ? 328 HOH A O   1 
HETATM 1129 O  O   . HOH C 3 .   ? 16.318  -1.271  12.023  1.00 26.42 ? 329 HOH A O   1 
HETATM 1130 O  O   . HOH C 3 .   ? -19.598 -0.761  -8.220  1.00 17.20 ? 330 HOH A O   1 
HETATM 1131 O  O   . HOH C 3 .   ? -17.518 -6.503  -4.674  1.00 14.93 ? 331 HOH A O   1 
HETATM 1132 O  O   . HOH C 3 .   ? -5.513  -3.445  15.898  1.00 23.68 ? 332 HOH A O   1 
HETATM 1133 O  O   . HOH C 3 .   ? 2.763   11.915  0.379   1.00 23.69 ? 333 HOH A O   1 
HETATM 1134 O  O   . HOH C 3 .   ? -8.882  7.247   -21.067 1.00 28.20 ? 334 HOH A O   1 
HETATM 1135 O  O   . HOH C 3 .   ? 0.790   3.987   8.843   1.00 17.37 ? 335 HOH A O   1 
HETATM 1136 O  O   . HOH C 3 .   ? 15.170  -5.445  10.233  1.00 22.39 ? 336 HOH A O   1 
HETATM 1137 O  O   . HOH C 3 .   ? -0.711  9.070   -3.272  1.00 18.52 ? 337 HOH A O   1 
HETATM 1138 O  O   . HOH C 3 .   ? 4.425   -0.091  13.748  1.00 17.20 ? 338 HOH A O   1 
HETATM 1139 O  O   . HOH C 3 .   ? 2.434   -2.881  -6.285  1.00 19.41 ? 339 HOH A O   1 
HETATM 1140 O  O   . HOH C 3 .   ? 10.062  8.910   -1.283  1.00 29.44 ? 340 HOH A O   1 
HETATM 1141 O  O   . HOH C 3 .   ? 10.378  -13.937 5.974   0.33 29.51 ? 341 HOH A O   1 
HETATM 1142 O  O   . HOH C 3 .   ? -4.834  -10.943 -0.007  1.00 23.12 ? 342 HOH A O   1 
HETATM 1143 O  O   . HOH C 3 .   ? 17.622  3.389   -21.294 1.00 26.08 ? 343 HOH A O   1 
HETATM 1144 O  O   . HOH C 3 .   ? 6.915   13.735  -13.539 1.00 18.19 ? 344 HOH A O   1 
HETATM 1145 O  O   . HOH C 3 .   ? -18.251 3.002   -2.801  1.00 24.22 ? 345 HOH A O   1 
HETATM 1146 O  O   . HOH C 3 .   ? -7.469  -4.130  -21.740 0.33 20.87 ? 346 HOH A O   1 
HETATM 1147 O  O   . HOH C 3 .   ? -18.455 -0.132  -10.699 1.00 21.02 ? 347 HOH A O   1 
HETATM 1148 O  O   . HOH C 3 .   ? 4.357   13.272  -7.202  1.00 25.75 ? 348 HOH A O   1 
HETATM 1149 O  O   . HOH C 3 .   ? -7.540  15.609  -4.057  1.00 40.16 ? 349 HOH A O   1 
HETATM 1150 O  O   . HOH C 3 .   ? -17.854 6.689   -14.439 1.00 23.76 ? 350 HOH A O   1 
HETATM 1151 O  O   . HOH C 3 .   ? -15.799 5.271   3.893   1.00 24.29 ? 351 HOH A O   1 
HETATM 1152 O  O   . HOH C 3 .   ? 9.735   -11.654 2.141   1.00 19.55 ? 352 HOH A O   1 
HETATM 1153 O  O   . HOH C 3 .   ? 11.681  -2.510  12.688  1.00 16.79 ? 353 HOH A O   1 
HETATM 1154 O  O   . HOH C 3 .   ? -2.889  13.083  -9.338  1.00 26.28 ? 354 HOH A O   1 
HETATM 1155 O  O   . HOH C 3 .   ? 7.373   7.381   10.286  1.00 31.40 ? 355 HOH A O   1 
HETATM 1156 O  O   . HOH C 3 .   ? -5.770  11.993  -16.388 1.00 24.09 ? 356 HOH A O   1 
HETATM 1157 O  O   . HOH C 3 .   ? 7.100   -0.895  -2.529  1.00 20.25 ? 357 HOH A O   1 
HETATM 1158 O  O   . HOH C 3 .   ? -13.915 7.295   -0.976  1.00 22.55 ? 358 HOH A O   1 
HETATM 1159 O  O   . HOH C 3 .   ? -8.035  -10.631 2.912   1.00 16.88 ? 359 HOH A O   1 
HETATM 1160 O  O   . HOH C 3 .   ? 13.136  1.961   -3.171  1.00 24.48 ? 360 HOH A O   1 
HETATM 1161 O  O   . HOH C 3 .   ? -8.258  -4.323  13.370  1.00 30.11 ? 361 HOH A O   1 
HETATM 1162 O  O   . HOH C 3 .   ? 7.279   8.608   4.274   1.00 27.31 ? 362 HOH A O   1 
HETATM 1163 O  O   . HOH C 3 .   ? 7.806   4.086   2.876   1.00 18.88 ? 363 HOH A O   1 
HETATM 1164 O  O   . HOH C 3 .   ? -2.897  -3.814  16.850  1.00 22.79 ? 364 HOH A O   1 
HETATM 1165 O  O   . HOH C 3 .   ? -9.629  11.929  -2.051  1.00 29.53 ? 365 HOH A O   1 
HETATM 1166 O  O   . HOH C 3 .   ? 8.475   1.712   -3.780  1.00 17.40 ? 366 HOH A O   1 
HETATM 1167 O  O   . HOH C 3 .   ? 6.389   12.084  -9.017  1.00 14.87 ? 367 HOH A O   1 
HETATM 1168 O  O   . HOH C 3 .   ? 12.954  -1.838  -0.831  1.00 31.23 ? 368 HOH A O   1 
HETATM 1169 O  O   . HOH C 3 .   ? 15.605  -1.000  3.195   1.00 33.70 ? 369 HOH A O   1 
HETATM 1170 O  O   . HOH C 3 .   ? 6.992   10.380  2.294   1.00 31.09 ? 370 HOH A O   1 
HETATM 1171 O  O   . HOH C 3 .   ? 11.776  8.445   -5.507  1.00 38.29 ? 371 HOH A O   1 
HETATM 1172 O  O   . HOH C 3 .   ? -12.150 11.356  -0.953  1.00 37.65 ? 372 HOH A O   1 
HETATM 1173 O  O   . HOH C 3 .   ? 2.568   13.923  -1.344  1.00 33.98 ? 373 HOH A O   1 
HETATM 1174 O  O   . HOH C 3 .   ? -0.404  12.896  -9.951  1.00 27.47 ? 374 HOH A O   1 
HETATM 1175 O  O   . HOH C 3 .   ? -4.240  13.550  -14.691 1.00 23.91 ? 375 HOH A O   1 
HETATM 1176 O  O   . HOH C 3 .   ? -14.001 13.463  -13.098 1.00 38.49 ? 376 HOH A O   1 
HETATM 1177 O  O   . HOH C 3 .   ? -7.045  -1.213  17.040  1.00 29.87 ? 377 HOH A O   1 
HETATM 1178 O  O   . HOH C 3 .   ? -7.785  12.794  -0.165  1.00 28.90 ? 378 HOH A O   1 
HETATM 1179 O  O   . HOH C 3 .   ? 1.524   13.845  -7.910  1.00 29.12 ? 379 HOH A O   1 
HETATM 1180 O  O   . HOH C 3 .   ? 4.981   12.100  1.879   1.00 25.68 ? 380 HOH A O   1 
# 
